data_8IL4
#
_entry.id   8IL4
#
_cell.length_a   71.706
_cell.length_b   187.433
_cell.length_c   118.532
_cell.angle_alpha   90.0
_cell.angle_beta   90.294
_cell.angle_gamma   90.0
#
_symmetry.space_group_name_H-M   'P 1 21 1'
#
loop_
_entity.id
_entity.type
_entity.pdbx_description
1 polymer 'GMC oxidoreductase'
2 non-polymer 'FLAVIN-ADENINE DINUCLEOTIDE'
#
_entity_poly.entity_id   1
_entity_poly.type   'polypeptide(L)'
_entity_poly.pdbx_seq_one_letter_code
;MGHPEEVDVIVCGGGPAGSVVAGRLAYADPNLKVMLIEGGANNRDDPWVYRPGIYVRNVPNDGVNDKATFYVDTMKSSHL
RGRQSIVPCANILGGGSSINSQMYTRASASDWDDFKMEGWTANDLLPLMKRLENYQKPANNDTHGYDGPIAISNGGQILP
VAQDFLRASHAIGIPYSDDIQDLKTSHGAEIWAKYINRHTGRRSDAATAYVHSVMDVQSNLYLRCNARVSRVLFDGNNKA
VGVAYVPSRNRASNIVETVVKARKMVVLSSGTLGTPQILERSGVGNAELLKKLDIPVVSDLPGVGEEYQDHYTTLSIYRV
SNETETLDEFLRGDKDTQRELFAEWETSPNKARLSSNAIDAGFKIRPTEEELKEMGPEFNELWDRYFKDKPDKPVMFGSI
VAGAYADHTLLPPGKYVTMFQYLEYPASRGKIHIKSANPYVDPFFDSGFMNNKADFAPIRWSYKVTREVARRMDAFRGEL
ASHHPHFHPNSPAATRDIDIKTAKEIYPNGLTVGIHMGTWHRPSEPFDPSKVHEDIKYTKEDDQAIDDWIADHVETTWHS
LGTCAMKPREQGGVVDARLNVYGTENLKCVDLSICPDNLGTHTYSSALLVGEKGADLIAEDLGLKLRLPHAQVPHAPVPA
GKPATQLFR
;
_entity_poly.pdbx_strand_id   A,B,C,D
#
# COMPACT_ATOMS: atom_id res chain seq x y z
N PRO A 4 -7.22 4.26 -3.40
CA PRO A 4 -5.85 4.22 -2.86
C PRO A 4 -5.57 2.92 -2.09
N GLU A 5 -4.35 2.78 -1.58
CA GLU A 5 -3.99 1.66 -0.74
C GLU A 5 -3.98 2.08 0.73
N GLU A 6 -3.85 3.38 0.99
CA GLU A 6 -3.74 3.85 2.37
C GLU A 6 -4.45 5.15 2.56
N VAL A 7 -5.30 5.22 3.60
CA VAL A 7 -5.97 6.46 3.93
C VAL A 7 -5.88 6.72 5.42
N ASP A 8 -6.31 7.89 5.86
CA ASP A 8 -6.18 8.24 7.26
C ASP A 8 -7.21 7.53 8.10
N VAL A 9 -8.47 7.58 7.69
CA VAL A 9 -9.56 6.94 8.41
C VAL A 9 -10.38 6.03 7.52
N ILE A 10 -10.60 4.78 7.92
CA ILE A 10 -11.50 3.92 7.17
C ILE A 10 -12.82 3.72 7.88
N VAL A 11 -13.95 4.00 7.24
CA VAL A 11 -15.24 3.81 7.86
C VAL A 11 -15.98 2.72 7.15
N CYS A 12 -16.35 1.67 7.86
CA CYS A 12 -16.96 0.50 7.25
C CYS A 12 -18.48 0.48 7.36
N GLY A 13 -19.16 0.81 6.27
CA GLY A 13 -20.60 0.77 6.28
C GLY A 13 -21.21 2.12 6.04
N GLY A 14 -22.17 2.20 5.13
CA GLY A 14 -22.72 3.48 4.76
C GLY A 14 -24.03 3.78 5.44
N GLY A 15 -24.21 3.28 6.65
CA GLY A 15 -25.44 3.59 7.38
C GLY A 15 -25.53 5.06 7.75
N PRO A 16 -26.56 5.45 8.47
CA PRO A 16 -26.59 6.81 8.96
C PRO A 16 -25.36 7.11 9.77
N ALA A 17 -24.98 6.19 10.63
CA ALA A 17 -23.82 6.40 11.48
C ALA A 17 -22.54 6.57 10.67
N GLY A 18 -22.25 5.60 9.82
CA GLY A 18 -21.05 5.68 9.04
C GLY A 18 -21.05 6.92 8.18
N SER A 19 -22.19 7.27 7.62
CA SER A 19 -22.26 8.43 6.77
C SER A 19 -21.97 9.65 7.57
N VAL A 20 -22.51 9.74 8.76
CA VAL A 20 -22.24 10.89 9.61
C VAL A 20 -20.77 11.02 9.95
N VAL A 21 -20.15 9.93 10.35
CA VAL A 21 -18.73 9.94 10.67
C VAL A 21 -17.86 10.35 9.49
N ALA A 22 -18.02 9.64 8.39
CA ALA A 22 -17.24 9.93 7.21
C ALA A 22 -17.43 11.38 6.78
N GLY A 23 -18.68 11.82 6.69
CA GLY A 23 -18.95 13.16 6.24
C GLY A 23 -18.35 14.22 7.14
N ARG A 24 -18.63 14.16 8.43
CA ARG A 24 -18.12 15.17 9.36
C ARG A 24 -16.62 15.25 9.31
N LEU A 25 -16.00 14.07 9.35
CA LEU A 25 -14.55 14.02 9.39
C LEU A 25 -13.93 14.52 8.10
N ALA A 26 -14.37 14.03 6.96
CA ALA A 26 -13.79 14.47 5.70
C ALA A 26 -13.97 15.97 5.49
N TYR A 27 -15.10 16.51 5.91
CA TYR A 27 -15.37 17.94 5.74
C TYR A 27 -14.59 18.79 6.71
N ALA A 28 -14.18 18.20 7.83
CA ALA A 28 -13.41 18.92 8.83
C ALA A 28 -12.05 19.40 8.31
N ASP A 29 -11.35 18.57 7.53
CA ASP A 29 -10.02 18.88 6.99
C ASP A 29 -9.79 18.26 5.61
N PRO A 30 -9.61 19.08 4.57
CA PRO A 30 -9.35 18.55 3.23
C PRO A 30 -8.13 17.63 3.14
N ASN A 31 -7.22 17.69 4.12
CA ASN A 31 -6.05 16.81 4.17
C ASN A 31 -6.35 15.39 4.61
N LEU A 32 -7.36 15.27 5.46
CA LEU A 32 -7.70 14.01 6.04
C LEU A 32 -8.38 13.15 5.02
N LYS A 33 -7.72 12.08 4.64
CA LYS A 33 -8.25 11.18 3.64
C LYS A 33 -9.02 10.07 4.31
N VAL A 34 -10.33 10.04 4.12
CA VAL A 34 -11.15 8.97 4.69
C VAL A 34 -11.79 8.15 3.58
N MET A 35 -12.03 6.88 3.84
CA MET A 35 -12.69 6.01 2.88
C MET A 35 -13.85 5.30 3.48
N LEU A 36 -14.97 5.26 2.79
CA LEU A 36 -16.20 4.67 3.30
C LEU A 36 -16.50 3.41 2.53
N ILE A 37 -16.42 2.26 3.16
CA ILE A 37 -16.61 1.02 2.45
C ILE A 37 -17.99 0.49 2.71
N GLU A 38 -18.79 0.36 1.67
CA GLU A 38 -20.18 -0.04 1.79
C GLU A 38 -20.52 -1.27 0.97
N GLY A 39 -21.30 -2.18 1.52
CA GLY A 39 -21.63 -3.41 0.83
C GLY A 39 -22.81 -3.38 -0.11
N GLY A 40 -23.54 -2.29 -0.11
CA GLY A 40 -24.70 -2.23 -0.97
C GLY A 40 -24.39 -1.37 -2.17
N ALA A 41 -25.38 -1.07 -2.98
CA ALA A 41 -25.12 -0.23 -4.14
C ALA A 41 -24.99 1.21 -3.70
N ASN A 42 -24.37 2.03 -4.53
CA ASN A 42 -24.42 3.46 -4.31
C ASN A 42 -25.85 3.83 -4.45
N ASN A 43 -26.32 4.82 -3.71
CA ASN A 43 -27.71 5.22 -3.84
C ASN A 43 -27.86 6.46 -4.68
N ARG A 44 -26.76 7.00 -5.16
CA ARG A 44 -26.83 8.20 -5.98
C ARG A 44 -27.44 7.81 -7.29
N ASP A 45 -28.65 8.33 -7.51
CA ASP A 45 -29.50 8.09 -8.66
C ASP A 45 -30.88 8.66 -8.43
N ASN A 65 -36.45 -8.06 -2.84
CA ASN A 65 -35.56 -7.03 -3.38
C ASN A 65 -34.10 -7.38 -3.14
N ASP A 66 -33.22 -6.41 -3.43
CA ASP A 66 -31.80 -6.55 -3.19
C ASP A 66 -31.31 -5.43 -2.29
N LYS A 67 -32.23 -4.60 -1.83
CA LYS A 67 -31.82 -3.46 -1.03
C LYS A 67 -31.81 -3.83 0.43
N ALA A 68 -31.98 -5.09 0.75
CA ALA A 68 -31.89 -5.50 2.15
C ALA A 68 -31.32 -6.89 2.26
N THR A 69 -30.65 -7.18 3.38
CA THR A 69 -30.17 -8.52 3.62
C THR A 69 -31.07 -9.13 4.70
N PHE A 70 -31.41 -10.41 4.56
CA PHE A 70 -32.43 -11.00 5.42
C PHE A 70 -31.88 -12.00 6.39
N TYR A 71 -31.99 -11.71 7.67
CA TYR A 71 -31.53 -12.67 8.65
C TYR A 71 -32.68 -13.51 9.14
N VAL A 72 -32.54 -14.82 9.12
CA VAL A 72 -33.60 -15.71 9.56
C VAL A 72 -33.20 -16.47 10.79
N ASP A 73 -34.13 -16.64 11.72
CA ASP A 73 -33.87 -17.46 12.90
C ASP A 73 -33.36 -18.81 12.45
N THR A 74 -32.13 -19.14 12.85
CA THR A 74 -31.49 -20.39 12.47
C THR A 74 -32.30 -21.56 12.93
N MET A 75 -32.87 -21.43 14.11
CA MET A 75 -33.71 -22.48 14.65
C MET A 75 -35.10 -21.98 14.96
N LYS A 76 -36.07 -22.86 14.82
CA LYS A 76 -37.45 -22.51 15.07
C LYS A 76 -37.58 -22.02 16.51
N SER A 77 -38.35 -20.97 16.72
CA SER A 77 -38.54 -20.44 18.07
C SER A 77 -39.80 -20.96 18.75
N SER A 78 -39.62 -21.62 19.88
CA SER A 78 -40.73 -22.16 20.66
C SER A 78 -41.65 -21.07 21.18
N HIS A 79 -41.11 -19.88 21.37
CA HIS A 79 -41.91 -18.73 21.80
C HIS A 79 -42.89 -18.20 20.76
N LEU A 80 -42.51 -18.32 19.50
CA LEU A 80 -43.28 -17.80 18.39
C LEU A 80 -44.06 -18.91 17.76
N ARG A 81 -44.30 -19.96 18.53
CA ARG A 81 -45.07 -21.12 18.11
C ARG A 81 -44.53 -21.75 16.85
N GLY A 82 -43.22 -21.98 16.79
CA GLY A 82 -42.65 -22.70 15.68
C GLY A 82 -42.32 -21.87 14.45
N ARG A 83 -42.18 -20.58 14.64
CA ARG A 83 -41.82 -19.66 13.56
C ARG A 83 -40.32 -19.48 13.51
N GLN A 84 -39.81 -19.10 12.35
CA GLN A 84 -38.47 -18.59 12.26
C GLN A 84 -38.61 -17.13 11.93
N SER A 85 -38.38 -16.26 12.89
CA SER A 85 -38.61 -14.84 12.66
C SER A 85 -37.59 -14.32 11.69
N ILE A 86 -37.97 -13.36 10.87
CA ILE A 86 -37.03 -12.79 9.89
C ILE A 86 -36.75 -11.33 10.16
N VAL A 87 -35.48 -10.98 10.35
CA VAL A 87 -35.09 -9.60 10.53
C VAL A 87 -34.30 -9.14 9.35
N PRO A 88 -34.92 -8.35 8.49
CA PRO A 88 -34.19 -7.78 7.37
C PRO A 88 -33.54 -6.49 7.78
N CYS A 89 -32.35 -6.24 7.31
CA CYS A 89 -31.75 -4.95 7.56
C CYS A 89 -31.28 -4.39 6.24
N ALA A 90 -30.91 -3.12 6.25
CA ALA A 90 -30.60 -2.38 5.04
C ALA A 90 -29.33 -2.82 4.35
N ASN A 91 -29.35 -2.79 3.03
CA ASN A 91 -28.20 -3.14 2.22
C ASN A 91 -27.97 -2.16 1.08
N ILE A 92 -27.77 -0.90 1.43
CA ILE A 92 -27.63 0.13 0.42
C ILE A 92 -26.91 1.31 1.05
N LEU A 93 -26.32 2.17 0.23
CA LEU A 93 -25.71 3.37 0.78
C LEU A 93 -26.80 4.13 1.50
N GLY A 94 -26.47 4.71 2.64
CA GLY A 94 -27.45 5.45 3.40
C GLY A 94 -28.06 4.59 4.48
N GLY A 95 -27.85 3.29 4.38
CA GLY A 95 -28.39 2.37 5.36
C GLY A 95 -29.90 2.39 5.35
N GLY A 96 -30.51 2.15 6.50
CA GLY A 96 -31.95 2.14 6.61
C GLY A 96 -32.62 3.39 6.09
N SER A 97 -31.90 4.49 6.09
CA SER A 97 -32.46 5.76 5.68
C SER A 97 -32.75 5.81 4.19
N SER A 98 -32.23 4.85 3.44
CA SER A 98 -32.47 4.81 2.01
C SER A 98 -33.60 3.87 1.65
N ILE A 99 -34.16 3.19 2.65
CA ILE A 99 -35.14 2.17 2.36
C ILE A 99 -36.59 2.58 2.54
N ASN A 100 -36.86 3.72 3.14
CA ASN A 100 -38.26 4.08 3.27
C ASN A 100 -38.45 5.55 3.45
N SER A 101 -39.69 5.97 3.37
CA SER A 101 -40.10 7.29 3.78
C SER A 101 -40.25 7.20 5.29
N GLN A 102 -39.36 7.81 6.03
CA GLN A 102 -39.26 7.42 7.43
C GLN A 102 -39.95 8.34 8.42
N MET A 103 -40.31 7.76 9.57
CA MET A 103 -41.01 8.44 10.63
C MET A 103 -40.01 9.06 11.56
N TYR A 104 -40.32 10.23 12.09
CA TYR A 104 -39.41 10.93 12.98
C TYR A 104 -39.69 10.71 14.44
N THR A 105 -38.80 10.08 15.19
CA THR A 105 -39.04 9.90 16.61
C THR A 105 -37.74 10.01 17.39
N ARG A 106 -37.82 10.50 18.62
CA ARG A 106 -36.64 10.60 19.45
C ARG A 106 -36.84 9.91 20.79
N ALA A 107 -35.75 9.40 21.37
CA ALA A 107 -35.79 8.70 22.64
C ALA A 107 -36.07 9.65 23.79
N SER A 108 -36.50 9.12 24.93
CA SER A 108 -36.68 9.92 26.14
C SER A 108 -35.33 10.17 26.76
N ALA A 109 -35.18 11.25 27.51
CA ALA A 109 -33.86 11.65 28.00
C ALA A 109 -33.24 10.61 28.93
N SER A 110 -34.08 9.98 29.73
CA SER A 110 -33.60 8.96 30.63
C SER A 110 -32.98 7.81 29.87
N ASP A 111 -33.36 7.64 28.61
CA ASP A 111 -32.80 6.57 27.80
C ASP A 111 -31.30 6.72 27.69
N TRP A 112 -30.82 7.92 27.42
CA TRP A 112 -29.39 8.15 27.32
C TRP A 112 -28.77 8.27 28.70
N ASP A 113 -29.47 8.94 29.60
CA ASP A 113 -28.94 9.10 30.95
C ASP A 113 -28.64 7.73 31.49
N ASP A 114 -29.38 6.72 31.02
CA ASP A 114 -29.21 5.34 31.45
C ASP A 114 -28.14 4.54 30.73
N PHE A 115 -27.39 5.17 29.83
CA PHE A 115 -26.19 4.52 29.28
C PHE A 115 -25.19 4.44 30.41
N LYS A 116 -25.38 5.30 31.40
CA LYS A 116 -24.58 5.36 32.59
C LYS A 116 -23.15 5.52 32.18
N MET A 117 -22.96 6.17 31.03
CA MET A 117 -21.64 6.39 30.45
C MET A 117 -21.33 7.85 30.36
N GLU A 118 -20.14 8.23 30.84
CA GLU A 118 -19.75 9.61 30.87
C GLU A 118 -19.70 10.20 29.49
N GLY A 119 -20.34 11.34 29.33
CA GLY A 119 -20.33 12.04 28.06
C GLY A 119 -21.49 11.67 27.15
N TRP A 120 -22.37 10.81 27.65
CA TRP A 120 -23.50 10.36 26.87
C TRP A 120 -24.78 10.66 27.59
N THR A 121 -24.76 11.54 28.58
CA THR A 121 -26.00 11.85 29.27
C THR A 121 -26.88 12.66 28.37
N ALA A 122 -28.12 12.89 28.78
CA ALA A 122 -29.05 13.61 27.93
C ALA A 122 -28.53 14.99 27.65
N ASN A 123 -28.11 15.67 28.70
CA ASN A 123 -27.64 17.02 28.57
C ASN A 123 -26.35 17.06 27.77
N ASP A 124 -25.60 15.96 27.81
CA ASP A 124 -24.37 15.83 27.04
C ASP A 124 -24.66 15.77 25.57
N LEU A 125 -25.72 15.05 25.21
CA LEU A 125 -25.99 14.77 23.82
C LEU A 125 -26.90 15.80 23.19
N LEU A 126 -27.57 16.60 24.01
CA LEU A 126 -28.52 17.56 23.48
C LEU A 126 -28.00 18.50 22.37
N PRO A 127 -26.81 19.11 22.54
CA PRO A 127 -26.33 19.98 21.47
C PRO A 127 -26.26 19.27 20.14
N LEU A 128 -25.86 18.01 20.22
CA LEU A 128 -25.72 17.12 19.09
C LEU A 128 -27.05 16.72 18.50
N MET A 129 -28.04 16.47 19.34
CA MET A 129 -29.36 16.16 18.85
C MET A 129 -29.78 17.31 17.98
N LYS A 130 -29.41 18.53 18.39
CA LYS A 130 -29.70 19.75 17.61
C LYS A 130 -28.82 19.91 16.37
N ARG A 131 -27.62 19.40 16.42
CA ARG A 131 -26.65 19.67 15.38
C ARG A 131 -27.05 19.03 14.08
N LEU A 132 -27.77 17.92 14.17
CA LEU A 132 -28.10 17.11 13.02
C LEU A 132 -29.50 17.36 12.46
N GLU A 133 -30.30 18.17 13.14
CA GLU A 133 -31.69 18.39 12.74
C GLU A 133 -31.89 19.63 11.93
N ASN A 134 -32.80 19.56 10.97
CA ASN A 134 -33.31 20.73 10.27
C ASN A 134 -34.81 20.84 10.51
N TYR A 135 -35.22 21.20 11.71
CA TYR A 135 -36.63 21.20 12.06
C TYR A 135 -37.36 22.27 11.24
N GLN A 136 -38.28 21.83 10.39
CA GLN A 136 -38.97 22.72 9.48
C GLN A 136 -40.39 22.94 9.97
N LYS A 137 -40.66 22.37 11.13
CA LYS A 137 -41.92 22.51 11.82
C LYS A 137 -41.84 23.69 12.78
N PRO A 138 -43.00 24.20 13.19
CA PRO A 138 -43.09 25.14 14.30
C PRO A 138 -42.66 24.43 15.55
N ALA A 139 -41.94 25.07 16.44
CA ALA A 139 -41.36 24.34 17.54
C ALA A 139 -42.03 24.70 18.83
N ASN A 140 -42.47 23.67 19.53
CA ASN A 140 -43.18 23.81 20.78
C ASN A 140 -42.24 23.81 21.95
N ASN A 141 -40.95 23.77 21.65
CA ASN A 141 -39.94 23.78 22.69
C ASN A 141 -38.59 24.09 22.08
N ASP A 142 -37.54 23.97 22.87
CA ASP A 142 -36.23 24.43 22.45
C ASP A 142 -35.25 23.28 22.30
N THR A 143 -35.75 22.12 21.92
CA THR A 143 -34.94 20.92 21.85
C THR A 143 -34.74 20.41 20.43
N HIS A 144 -34.95 21.27 19.44
CA HIS A 144 -34.72 20.88 18.06
C HIS A 144 -33.65 21.78 17.44
N GLY A 145 -33.15 21.40 16.28
CA GLY A 145 -32.14 22.19 15.61
C GLY A 145 -32.58 22.69 14.27
N TYR A 146 -31.88 23.66 13.69
CA TYR A 146 -32.26 24.16 12.38
C TYR A 146 -31.11 24.22 11.38
N ASP A 147 -29.87 24.13 11.85
CA ASP A 147 -28.75 24.25 10.91
C ASP A 147 -28.14 22.88 10.63
N GLY A 148 -28.99 21.86 10.59
CA GLY A 148 -28.51 20.51 10.38
C GLY A 148 -28.86 20.04 9.01
N PRO A 149 -28.23 18.95 8.56
CA PRO A 149 -28.38 18.38 7.23
C PRO A 149 -29.70 17.65 7.08
N ILE A 150 -30.14 17.03 8.17
CA ILE A 150 -31.30 16.16 8.13
C ILE A 150 -32.62 16.90 8.22
N ALA A 151 -33.39 16.79 7.14
CA ALA A 151 -34.64 17.52 7.01
C ALA A 151 -35.79 16.80 7.66
N ILE A 152 -36.49 17.52 8.54
CA ILE A 152 -37.62 16.97 9.25
C ILE A 152 -38.84 17.82 9.01
N SER A 153 -39.93 17.21 8.55
CA SER A 153 -41.12 17.99 8.30
C SER A 153 -42.36 17.17 8.48
N ASN A 154 -43.50 17.76 8.19
CA ASN A 154 -44.73 17.06 8.38
C ASN A 154 -45.24 16.47 7.09
N GLY A 155 -44.47 16.60 6.02
CA GLY A 155 -44.89 16.02 4.77
C GLY A 155 -45.85 16.91 4.03
N GLY A 156 -46.60 16.34 3.10
CA GLY A 156 -47.56 17.10 2.30
C GLY A 156 -48.81 17.53 3.03
N GLN A 157 -49.76 16.61 3.21
CA GLN A 157 -50.94 16.98 3.99
C GLN A 157 -51.27 15.84 4.92
N ILE A 158 -52.07 16.14 5.95
CA ILE A 158 -52.45 15.12 6.90
C ILE A 158 -53.76 14.57 6.47
N LEU A 159 -53.86 13.26 6.41
CA LEU A 159 -55.09 12.61 6.06
C LEU A 159 -56.07 12.69 7.21
N PRO A 160 -57.36 12.86 6.91
CA PRO A 160 -58.41 12.99 7.91
C PRO A 160 -58.51 11.82 8.89
N VAL A 161 -58.19 10.60 8.46
CA VAL A 161 -58.30 9.45 9.35
C VAL A 161 -57.42 9.64 10.53
N ALA A 162 -56.29 10.29 10.32
CA ALA A 162 -55.33 10.48 11.38
C ALA A 162 -55.87 11.37 12.46
N GLN A 163 -56.48 12.46 12.06
CA GLN A 163 -57.08 13.38 12.99
C GLN A 163 -58.17 12.66 13.76
N ASP A 164 -58.95 11.86 13.05
CA ASP A 164 -59.95 11.02 13.70
C ASP A 164 -59.30 10.20 14.84
N PHE A 165 -58.21 9.54 14.51
CA PHE A 165 -57.45 8.72 15.44
C PHE A 165 -57.05 9.52 16.64
N LEU A 166 -56.67 10.77 16.41
CA LEU A 166 -56.24 11.62 17.50
C LEU A 166 -57.39 11.95 18.43
N ARG A 167 -58.55 12.24 17.87
CA ARG A 167 -59.72 12.54 18.70
C ARG A 167 -60.15 11.37 19.54
N ALA A 168 -60.23 10.19 18.95
CA ALA A 168 -60.59 9.02 19.73
C ALA A 168 -59.59 8.75 20.83
N SER A 169 -58.31 8.91 20.50
CA SER A 169 -57.26 8.71 21.46
C SER A 169 -57.40 9.68 22.61
N HIS A 170 -57.66 10.94 22.31
CA HIS A 170 -57.90 11.92 23.35
C HIS A 170 -59.06 11.52 24.21
N ALA A 171 -60.05 10.92 23.55
CA ALA A 171 -61.25 10.47 24.20
C ALA A 171 -60.94 9.41 25.24
N ILE A 172 -59.92 8.59 25.02
CA ILE A 172 -59.65 7.61 26.07
C ILE A 172 -58.46 7.94 26.96
N GLY A 173 -58.07 9.21 26.97
CA GLY A 173 -57.11 9.68 27.95
C GLY A 173 -55.70 9.81 27.46
N ILE A 174 -55.50 9.89 26.15
CA ILE A 174 -54.20 10.15 25.58
C ILE A 174 -54.16 11.56 25.06
N PRO A 175 -53.58 12.45 25.84
CA PRO A 175 -53.68 13.88 25.57
C PRO A 175 -53.08 14.24 24.24
N TYR A 176 -53.63 15.25 23.58
CA TYR A 176 -53.04 15.70 22.35
C TYR A 176 -51.84 16.56 22.72
N SER A 177 -50.75 16.44 21.98
CA SER A 177 -49.59 17.30 22.19
C SER A 177 -48.99 17.75 20.87
N ASP A 178 -48.41 18.93 20.85
CA ASP A 178 -47.85 19.47 19.62
C ASP A 178 -46.43 18.93 19.37
N ASP A 179 -45.87 18.32 20.40
CA ASP A 179 -44.57 17.68 20.28
C ASP A 179 -44.45 16.57 21.30
N ILE A 180 -44.26 15.35 20.84
CA ILE A 180 -44.18 14.21 21.74
C ILE A 180 -42.73 13.77 21.82
N GLN A 181 -41.90 14.45 21.04
CA GLN A 181 -40.48 14.18 20.94
C GLN A 181 -39.66 15.24 21.68
N ASP A 182 -40.13 15.72 22.81
CA ASP A 182 -39.40 16.76 23.49
C ASP A 182 -38.49 16.12 24.53
N LEU A 183 -38.26 14.82 24.36
CA LEU A 183 -37.40 14.01 25.23
C LEU A 183 -38.00 13.86 26.62
N LYS A 184 -39.25 14.25 26.78
CA LYS A 184 -39.88 14.22 28.09
C LYS A 184 -41.30 13.70 28.13
N THR A 185 -41.94 13.55 26.98
CA THR A 185 -43.34 13.12 26.95
C THR A 185 -43.39 11.61 26.82
N SER A 186 -44.25 10.95 27.59
CA SER A 186 -44.32 9.50 27.60
C SER A 186 -45.72 9.02 27.38
N HIS A 187 -46.64 9.94 27.52
CA HIS A 187 -48.03 9.64 27.34
C HIS A 187 -48.59 10.80 26.56
N GLY A 188 -48.76 10.63 25.27
CA GLY A 188 -49.31 11.71 24.50
C GLY A 188 -49.45 11.29 23.08
N ALA A 189 -50.23 12.03 22.30
CA ALA A 189 -50.40 11.74 20.89
C ALA A 189 -49.96 12.93 20.09
N GLU A 190 -49.73 12.74 18.80
CA GLU A 190 -49.32 13.86 17.98
C GLU A 190 -49.50 13.58 16.51
N ILE A 191 -49.45 14.66 15.73
CA ILE A 191 -49.29 14.56 14.30
C ILE A 191 -47.86 14.15 14.05
N TRP A 192 -47.65 12.99 13.45
CA TRP A 192 -46.31 12.45 13.39
C TRP A 192 -45.49 13.01 12.22
N ALA A 193 -44.35 13.59 12.54
CA ALA A 193 -43.51 14.21 11.54
C ALA A 193 -42.61 13.19 10.83
N LYS A 194 -42.12 13.53 9.65
CA LYS A 194 -41.43 12.55 8.85
C LYS A 194 -40.06 13.02 8.38
N TYR A 195 -39.19 12.09 8.00
CA TYR A 195 -37.90 12.48 7.44
C TYR A 195 -38.07 12.78 5.97
N ILE A 196 -38.76 13.87 5.67
CA ILE A 196 -39.03 14.32 4.29
C ILE A 196 -38.92 15.81 4.19
N ASN A 197 -38.06 16.33 3.34
CA ASN A 197 -37.95 17.78 3.26
C ASN A 197 -39.19 18.51 2.77
N ARG A 198 -39.70 19.45 3.57
CA ARG A 198 -40.96 20.12 3.23
C ARG A 198 -40.91 20.99 1.99
N HIS A 199 -39.76 21.58 1.71
CA HIS A 199 -39.67 22.44 0.56
C HIS A 199 -39.62 21.63 -0.73
N THR A 200 -38.86 20.53 -0.74
CA THR A 200 -38.64 19.79 -1.97
C THR A 200 -39.32 18.44 -2.03
N GLY A 201 -39.85 17.99 -0.91
CA GLY A 201 -40.56 16.73 -0.88
C GLY A 201 -39.75 15.47 -1.10
N ARG A 202 -38.44 15.54 -0.91
CA ARG A 202 -37.62 14.35 -1.10
C ARG A 202 -37.18 13.77 0.24
N ARG A 203 -37.14 12.45 0.30
CA ARG A 203 -36.80 11.71 1.49
C ARG A 203 -35.39 12.02 1.93
N SER A 204 -35.17 12.14 3.23
CA SER A 204 -33.91 12.61 3.79
C SER A 204 -32.94 11.52 4.26
N ASP A 205 -32.40 10.72 3.34
CA ASP A 205 -31.43 9.70 3.74
C ASP A 205 -30.14 10.31 4.23
N ALA A 206 -29.40 9.57 5.03
CA ALA A 206 -28.23 10.12 5.68
C ALA A 206 -27.07 10.26 4.74
N ALA A 207 -26.99 9.41 3.74
CA ALA A 207 -25.84 9.41 2.88
C ALA A 207 -25.78 10.64 2.02
N THR A 208 -26.89 11.00 1.39
CA THR A 208 -26.87 12.18 0.54
C THR A 208 -26.72 13.43 1.36
N ALA A 209 -27.19 13.41 2.59
CA ALA A 209 -27.12 14.60 3.41
C ALA A 209 -25.72 14.80 3.92
N TYR A 210 -25.08 13.71 4.33
CA TYR A 210 -23.77 13.78 4.97
C TYR A 210 -22.59 13.41 4.08
N VAL A 211 -22.75 12.41 3.21
CA VAL A 211 -21.67 11.98 2.34
C VAL A 211 -21.69 12.62 0.96
N HIS A 212 -22.71 12.38 0.16
CA HIS A 212 -22.70 12.91 -1.21
C HIS A 212 -22.55 14.42 -1.29
N SER A 213 -23.07 15.10 -0.28
CA SER A 213 -22.98 16.54 -0.22
C SER A 213 -21.55 16.98 -0.15
N VAL A 214 -20.73 16.19 0.54
CA VAL A 214 -19.30 16.47 0.68
C VAL A 214 -18.52 16.09 -0.55
N MET A 215 -18.86 14.96 -1.14
CA MET A 215 -18.10 14.45 -2.27
C MET A 215 -18.21 15.31 -3.48
N ASP A 216 -19.26 16.11 -3.52
CA ASP A 216 -19.53 16.99 -4.63
C ASP A 216 -18.73 18.28 -4.58
N VAL A 217 -18.11 18.53 -3.43
CA VAL A 217 -17.38 19.77 -3.25
C VAL A 217 -15.96 19.52 -2.84
N GLN A 218 -15.65 18.27 -2.49
CA GLN A 218 -14.30 17.88 -2.11
C GLN A 218 -14.00 16.53 -2.71
N SER A 219 -12.75 16.11 -2.61
CA SER A 219 -12.35 14.89 -3.24
C SER A 219 -11.56 14.01 -2.32
N ASN A 220 -11.55 14.35 -1.03
CA ASN A 220 -10.79 13.59 -0.05
C ASN A 220 -11.67 12.59 0.68
N LEU A 221 -12.88 12.41 0.18
CA LEU A 221 -13.78 11.40 0.68
C LEU A 221 -13.86 10.31 -0.34
N TYR A 222 -13.23 9.19 -0.06
CA TYR A 222 -13.24 8.09 -1.01
C TYR A 222 -14.39 7.16 -0.71
N LEU A 223 -15.18 6.87 -1.72
CA LEU A 223 -16.33 6.01 -1.53
C LEU A 223 -16.06 4.71 -2.22
N ARG A 224 -16.18 3.63 -1.49
CA ARG A 224 -15.95 2.35 -2.10
C ARG A 224 -17.17 1.48 -1.89
N CYS A 225 -18.16 1.52 -2.76
CA CYS A 225 -19.32 0.68 -2.59
C CYS A 225 -19.16 -0.70 -3.13
N ASN A 226 -20.23 -1.46 -3.00
CA ASN A 226 -20.31 -2.84 -3.43
C ASN A 226 -19.15 -3.66 -2.90
N ALA A 227 -18.73 -3.35 -1.68
CA ALA A 227 -17.62 -4.02 -1.05
C ALA A 227 -17.97 -4.41 0.35
N ARG A 228 -18.03 -5.69 0.60
CA ARG A 228 -18.42 -6.20 1.90
C ARG A 228 -17.20 -6.35 2.75
N VAL A 229 -17.08 -5.52 3.77
CA VAL A 229 -15.94 -5.56 4.65
C VAL A 229 -15.86 -6.91 5.31
N SER A 230 -14.76 -7.62 5.05
CA SER A 230 -14.62 -8.94 5.61
C SER A 230 -14.04 -8.85 6.98
N ARG A 231 -12.92 -8.17 7.16
CA ARG A 231 -12.35 -8.13 8.51
C ARG A 231 -11.44 -6.96 8.77
N VAL A 232 -11.08 -6.81 10.03
CA VAL A 232 -10.21 -5.74 10.44
C VAL A 232 -8.78 -6.26 10.54
N LEU A 233 -7.83 -5.52 10.01
CA LEU A 233 -6.46 -5.98 10.05
C LEU A 233 -5.77 -5.37 11.23
N PHE A 234 -5.24 -6.21 12.11
CA PHE A 234 -4.61 -5.77 13.35
C PHE A 234 -3.11 -5.89 13.37
N ASP A 235 -2.54 -5.18 14.33
CA ASP A 235 -1.10 -5.08 14.55
C ASP A 235 -0.54 -6.15 15.48
N GLY A 236 0.70 -5.95 15.90
CA GLY A 236 1.28 -6.81 16.91
C GLY A 236 0.82 -6.38 18.27
N ASN A 237 0.60 -5.08 18.42
CA ASN A 237 0.12 -4.51 19.67
C ASN A 237 -1.40 -4.28 19.56
N ASN A 238 -2.01 -4.99 18.63
CA ASN A 238 -3.45 -4.93 18.43
C ASN A 238 -3.93 -3.55 18.09
N LYS A 239 -3.13 -2.83 17.32
CA LYS A 239 -3.57 -1.56 16.78
C LYS A 239 -4.21 -1.80 15.43
N ALA A 240 -5.37 -1.20 15.18
CA ALA A 240 -6.00 -1.35 13.89
C ALA A 240 -5.10 -0.80 12.81
N VAL A 241 -4.65 -1.66 11.91
CA VAL A 241 -3.79 -1.20 10.85
C VAL A 241 -4.49 -1.09 9.52
N GLY A 242 -5.57 -1.84 9.35
CA GLY A 242 -6.25 -1.75 8.08
C GLY A 242 -7.55 -2.52 7.99
N VAL A 243 -7.96 -2.79 6.76
CA VAL A 243 -9.22 -3.45 6.53
C VAL A 243 -9.14 -4.31 5.31
N ALA A 244 -9.67 -5.52 5.39
CA ALA A 244 -9.74 -6.39 4.24
C ALA A 244 -11.16 -6.60 3.78
N TYR A 245 -11.42 -6.27 2.52
CA TYR A 245 -12.75 -6.42 1.99
C TYR A 245 -12.86 -7.27 0.73
N VAL A 246 -13.99 -7.92 0.59
CA VAL A 246 -14.23 -8.82 -0.51
C VAL A 246 -15.43 -8.33 -1.27
N PRO A 247 -15.58 -8.76 -2.53
CA PRO A 247 -16.69 -8.31 -3.35
C PRO A 247 -18.00 -8.63 -2.67
N SER A 248 -19.10 -8.01 -3.04
CA SER A 248 -20.33 -8.18 -2.28
C SER A 248 -20.97 -9.50 -2.56
N ARG A 249 -20.88 -9.99 -3.78
CA ARG A 249 -21.43 -11.31 -4.06
C ARG A 249 -20.31 -12.31 -4.28
N ASN A 250 -20.55 -13.58 -4.00
CA ASN A 250 -19.50 -14.59 -4.08
C ASN A 250 -19.34 -15.22 -5.46
N ARG A 251 -19.07 -14.39 -6.45
CA ARG A 251 -19.10 -14.83 -7.84
C ARG A 251 -17.89 -15.57 -8.38
N ALA A 252 -16.84 -15.73 -7.59
CA ALA A 252 -15.62 -16.41 -8.02
C ALA A 252 -15.35 -17.74 -7.37
N SER A 253 -14.54 -18.56 -8.01
CA SER A 253 -14.14 -19.83 -7.44
C SER A 253 -13.17 -19.59 -6.28
N ASN A 254 -12.47 -18.47 -6.33
CA ASN A 254 -11.62 -18.10 -5.20
C ASN A 254 -12.10 -16.77 -4.61
N ILE A 255 -11.91 -16.58 -3.31
CA ILE A 255 -12.35 -15.36 -2.64
C ILE A 255 -11.17 -14.50 -2.32
N VAL A 256 -11.13 -13.31 -2.92
CA VAL A 256 -9.95 -12.43 -2.80
C VAL A 256 -10.11 -11.11 -2.03
N GLU A 257 -9.25 -10.90 -1.03
CA GLU A 257 -9.31 -9.71 -0.19
C GLU A 257 -8.53 -8.54 -0.77
N THR A 258 -9.15 -7.36 -0.75
CA THR A 258 -8.47 -6.12 -1.04
C THR A 258 -8.14 -5.49 0.27
N VAL A 259 -6.90 -5.12 0.45
CA VAL A 259 -6.51 -4.58 1.72
C VAL A 259 -6.31 -3.12 1.55
N VAL A 260 -6.80 -2.34 2.49
CA VAL A 260 -6.50 -0.93 2.48
C VAL A 260 -6.15 -0.54 3.91
N LYS A 261 -5.02 0.16 4.05
CA LYS A 261 -4.46 0.49 5.36
C LYS A 261 -5.05 1.76 5.90
N ALA A 262 -4.99 1.93 7.22
CA ALA A 262 -5.47 3.13 7.86
C ALA A 262 -4.43 3.71 8.80
N ARG A 263 -3.98 4.91 8.48
CA ARG A 263 -2.89 5.51 9.24
C ARG A 263 -3.36 5.94 10.60
N LYS A 264 -4.62 6.35 10.72
CA LYS A 264 -5.09 6.95 11.96
C LYS A 264 -6.20 6.19 12.66
N MET A 265 -7.26 5.79 11.95
CA MET A 265 -8.42 5.19 12.61
C MET A 265 -9.22 4.28 11.73
N VAL A 266 -9.64 3.14 12.27
CA VAL A 266 -10.63 2.31 11.61
C VAL A 266 -11.93 2.36 12.42
N VAL A 267 -13.05 2.53 11.74
CA VAL A 267 -14.33 2.73 12.37
C VAL A 267 -15.31 1.78 11.77
N LEU A 268 -16.03 1.03 12.61
CA LEU A 268 -16.99 0.04 12.14
C LEU A 268 -18.41 0.53 12.26
N SER A 269 -19.11 0.70 11.15
CA SER A 269 -20.48 1.19 11.21
C SER A 269 -21.41 0.33 10.43
N SER A 270 -21.17 -0.97 10.44
CA SER A 270 -21.94 -1.86 9.60
C SER A 270 -23.25 -2.30 10.21
N GLY A 271 -23.72 -1.55 11.19
CA GLY A 271 -25.06 -1.77 11.71
C GLY A 271 -25.10 -2.91 12.68
N THR A 272 -26.19 -3.04 13.43
CA THR A 272 -26.25 -4.03 14.49
C THR A 272 -26.04 -5.45 14.04
N LEU A 273 -26.60 -5.83 12.91
CA LEU A 273 -26.38 -7.18 12.47
C LEU A 273 -25.05 -7.33 11.76
N GLY A 274 -24.49 -6.22 11.29
CA GLY A 274 -23.27 -6.25 10.50
C GLY A 274 -21.93 -6.23 11.20
N THR A 275 -21.76 -5.33 12.17
CA THR A 275 -20.50 -5.16 12.86
C THR A 275 -19.99 -6.36 13.67
N PRO A 276 -20.84 -6.98 14.50
CA PRO A 276 -20.31 -8.10 15.27
C PRO A 276 -19.75 -9.20 14.40
N GLN A 277 -20.23 -9.38 13.18
CA GLN A 277 -19.62 -10.35 12.31
C GLN A 277 -18.23 -9.90 11.90
N ILE A 278 -18.07 -8.64 11.51
CA ILE A 278 -16.75 -8.13 11.16
C ILE A 278 -15.79 -8.37 12.29
N LEU A 279 -16.21 -7.99 13.49
CA LEU A 279 -15.35 -8.13 14.63
C LEU A 279 -15.03 -9.59 14.87
N GLU A 280 -16.04 -10.43 14.90
CA GLU A 280 -15.80 -11.82 15.26
C GLU A 280 -14.90 -12.47 14.26
N ARG A 281 -15.00 -12.11 13.00
CA ARG A 281 -14.11 -12.77 12.06
C ARG A 281 -12.80 -12.01 11.95
N SER A 282 -12.64 -10.96 12.76
CA SER A 282 -11.33 -10.29 12.84
C SER A 282 -10.48 -10.84 13.97
N GLY A 283 -11.12 -11.54 14.89
CA GLY A 283 -10.44 -12.09 16.04
C GLY A 283 -10.91 -11.45 17.31
N VAL A 284 -11.86 -10.55 17.21
CA VAL A 284 -12.43 -9.88 18.38
C VAL A 284 -13.77 -10.48 18.73
N GLY A 285 -13.83 -11.22 19.82
CA GLY A 285 -15.08 -11.82 20.23
C GLY A 285 -14.90 -12.93 21.23
N ASN A 286 -15.93 -13.75 21.37
CA ASN A 286 -15.88 -14.88 22.27
C ASN A 286 -14.79 -15.84 21.90
N ALA A 287 -13.83 -16.05 22.79
CA ALA A 287 -12.67 -16.91 22.50
C ALA A 287 -13.00 -18.35 22.19
N GLU A 288 -14.02 -18.88 22.85
CA GLU A 288 -14.38 -20.27 22.70
C GLU A 288 -14.82 -20.50 21.27
N LEU A 289 -15.62 -19.57 20.76
CA LEU A 289 -16.07 -19.61 19.38
C LEU A 289 -14.91 -19.56 18.40
N LEU A 290 -14.04 -18.57 18.56
CA LEU A 290 -12.94 -18.37 17.62
C LEU A 290 -12.08 -19.60 17.62
N LYS A 291 -11.95 -20.22 18.78
CA LYS A 291 -11.27 -21.50 18.87
C LYS A 291 -11.94 -22.57 18.03
N LYS A 292 -13.26 -22.56 18.07
CA LYS A 292 -14.04 -23.50 17.28
C LYS A 292 -13.89 -23.25 15.80
N LEU A 293 -13.51 -22.02 15.48
CA LEU A 293 -13.51 -21.51 14.12
C LEU A 293 -12.14 -21.23 13.53
N ASP A 294 -11.07 -21.68 14.16
CA ASP A 294 -9.72 -21.47 13.62
C ASP A 294 -9.35 -20.01 13.39
N ILE A 295 -9.97 -19.10 14.12
CA ILE A 295 -9.62 -17.69 14.02
C ILE A 295 -8.68 -17.27 15.15
N PRO A 296 -7.51 -16.73 14.81
CA PRO A 296 -6.61 -16.24 15.84
C PRO A 296 -7.30 -15.23 16.74
N VAL A 297 -7.27 -15.37 18.05
CA VAL A 297 -7.97 -14.47 18.94
C VAL A 297 -7.22 -13.16 19.19
N VAL A 298 -7.86 -12.03 18.95
CA VAL A 298 -7.26 -10.74 19.21
C VAL A 298 -7.72 -10.16 20.54
N SER A 299 -8.99 -10.36 20.85
CA SER A 299 -9.53 -9.85 22.09
C SER A 299 -10.68 -10.72 22.54
N ASP A 300 -10.67 -11.16 23.80
CA ASP A 300 -11.73 -12.04 24.27
C ASP A 300 -12.87 -11.21 24.79
N LEU A 301 -13.92 -11.10 24.00
CA LEU A 301 -15.08 -10.34 24.39
C LEU A 301 -16.34 -11.15 24.20
N PRO A 302 -16.75 -11.91 25.22
CA PRO A 302 -17.93 -12.77 25.01
C PRO A 302 -19.18 -11.97 24.69
N GLY A 303 -19.14 -10.67 24.84
CA GLY A 303 -20.30 -9.86 24.57
C GLY A 303 -20.56 -9.56 23.11
N VAL A 304 -19.60 -9.81 22.24
CA VAL A 304 -19.79 -9.47 20.84
C VAL A 304 -20.84 -10.33 20.19
N GLY A 305 -21.94 -9.71 19.79
CA GLY A 305 -23.02 -10.41 19.14
C GLY A 305 -24.15 -10.80 20.05
N GLU A 306 -23.97 -10.61 21.35
CA GLU A 306 -24.95 -10.98 22.34
C GLU A 306 -25.89 -9.84 22.60
N GLU A 307 -26.91 -10.05 23.40
CA GLU A 307 -27.75 -8.95 23.82
C GLU A 307 -28.39 -8.17 22.67
N TYR A 308 -28.80 -8.89 21.64
CA TYR A 308 -29.47 -8.28 20.50
C TYR A 308 -30.84 -7.77 20.84
N GLN A 309 -31.10 -6.50 20.55
CA GLN A 309 -32.40 -5.95 20.89
C GLN A 309 -33.09 -5.33 19.70
N ASP A 310 -34.41 -5.20 19.82
CA ASP A 310 -35.23 -4.76 18.71
C ASP A 310 -36.52 -4.18 19.24
N HIS A 311 -37.42 -3.80 18.36
CA HIS A 311 -38.75 -3.34 18.75
C HIS A 311 -39.82 -4.23 18.15
N TYR A 312 -40.74 -4.74 18.96
CA TYR A 312 -41.67 -5.76 18.49
C TYR A 312 -42.95 -5.17 17.93
N THR A 313 -43.27 -5.48 16.68
CA THR A 313 -44.39 -4.86 15.98
C THR A 313 -45.56 -5.79 15.91
N THR A 314 -46.75 -5.29 16.24
CA THR A 314 -47.98 -5.97 15.94
C THR A 314 -48.88 -5.02 15.17
N LEU A 315 -49.70 -5.55 14.28
CA LEU A 315 -50.57 -4.74 13.49
C LEU A 315 -52.03 -5.13 13.68
N SER A 316 -52.87 -4.21 14.13
CA SER A 316 -54.29 -4.50 14.17
C SER A 316 -54.95 -3.84 12.99
N ILE A 317 -55.50 -4.62 12.06
CA ILE A 317 -56.17 -4.09 10.88
C ILE A 317 -57.66 -3.87 11.06
N TYR A 318 -58.15 -2.66 10.81
CA TYR A 318 -59.59 -2.39 10.92
C TYR A 318 -60.23 -1.88 9.63
N ARG A 319 -61.53 -2.16 9.45
CA ARG A 319 -62.29 -1.73 8.28
C ARG A 319 -62.92 -0.39 8.48
N VAL A 320 -62.84 0.49 7.49
CA VAL A 320 -63.40 1.84 7.60
C VAL A 320 -64.38 2.19 6.48
N SER A 321 -65.13 3.28 6.67
CA SER A 321 -66.14 3.67 5.70
C SER A 321 -65.49 3.97 4.39
N ASN A 322 -66.18 3.67 3.31
CA ASN A 322 -65.63 3.82 1.98
C ASN A 322 -65.39 5.27 1.60
N GLU A 323 -66.04 6.18 2.31
CA GLU A 323 -65.82 7.59 2.06
C GLU A 323 -64.47 8.03 2.59
N THR A 324 -63.85 7.22 3.44
CA THR A 324 -62.57 7.56 4.04
C THR A 324 -61.48 7.57 3.01
N GLU A 325 -60.58 8.53 3.11
CA GLU A 325 -59.44 8.56 2.21
C GLU A 325 -58.30 7.73 2.79
N THR A 326 -58.05 6.56 2.20
CA THR A 326 -56.96 5.70 2.62
C THR A 326 -56.10 5.44 1.41
N LEU A 327 -55.06 4.63 1.58
CA LEU A 327 -54.12 4.42 0.50
C LEU A 327 -54.38 3.18 -0.32
N ASP A 328 -55.50 2.52 -0.09
CA ASP A 328 -55.68 1.17 -0.61
C ASP A 328 -55.71 1.05 -2.12
N GLU A 329 -56.34 1.98 -2.85
CA GLU A 329 -56.36 1.83 -4.30
C GLU A 329 -54.96 1.85 -4.87
N PHE A 330 -54.11 2.62 -4.21
CA PHE A 330 -52.74 2.72 -4.63
C PHE A 330 -52.07 1.39 -4.44
N LEU A 331 -52.23 0.80 -3.26
CA LEU A 331 -51.53 -0.43 -2.94
C LEU A 331 -52.07 -1.61 -3.73
N ARG A 332 -53.32 -1.53 -4.16
CA ARG A 332 -53.87 -2.57 -5.01
C ARG A 332 -53.39 -2.35 -6.41
N GLY A 333 -53.09 -1.11 -6.74
CA GLY A 333 -52.57 -0.84 -8.06
C GLY A 333 -53.55 -0.41 -9.15
N ASP A 334 -54.71 0.12 -8.78
CA ASP A 334 -55.66 0.54 -9.82
C ASP A 334 -54.91 1.53 -10.69
N LYS A 335 -55.26 1.58 -11.97
CA LYS A 335 -54.47 2.36 -12.91
C LYS A 335 -54.67 3.86 -12.76
N ASP A 336 -55.92 4.32 -12.74
CA ASP A 336 -56.18 5.75 -12.71
C ASP A 336 -55.83 6.39 -11.38
N THR A 337 -55.62 5.57 -10.34
CA THR A 337 -55.34 6.13 -9.04
C THR A 337 -53.85 6.25 -8.83
N GLN A 338 -53.11 5.26 -9.31
CA GLN A 338 -51.65 5.31 -9.30
C GLN A 338 -51.18 6.40 -10.26
N ARG A 339 -51.89 6.52 -11.37
CA ARG A 339 -51.53 7.51 -12.38
C ARG A 339 -51.81 8.89 -11.82
N GLU A 340 -52.95 9.05 -11.15
CA GLU A 340 -53.27 10.35 -10.58
C GLU A 340 -52.26 10.75 -9.50
N LEU A 341 -52.02 9.87 -8.54
CA LEU A 341 -51.12 10.19 -7.44
C LEU A 341 -49.66 10.40 -7.86
N PHE A 342 -49.18 9.62 -8.82
CA PHE A 342 -47.80 9.82 -9.30
C PHE A 342 -47.71 11.13 -10.05
N ALA A 343 -48.76 11.44 -10.81
CA ALA A 343 -48.81 12.72 -11.49
C ALA A 343 -48.68 13.84 -10.48
N GLU A 344 -49.40 13.72 -9.37
CA GLU A 344 -49.38 14.77 -8.37
C GLU A 344 -48.04 14.89 -7.65
N TRP A 345 -47.39 13.76 -7.36
CA TRP A 345 -46.10 13.79 -6.67
C TRP A 345 -45.02 14.30 -7.60
N GLU A 346 -45.30 14.24 -8.89
CA GLU A 346 -44.40 14.77 -9.90
C GLU A 346 -44.56 16.30 -10.08
N THR A 347 -45.81 16.77 -10.20
CA THR A 347 -46.08 18.17 -10.52
C THR A 347 -46.06 19.12 -9.31
N SER A 348 -46.38 18.59 -8.14
CA SER A 348 -46.41 19.41 -6.92
C SER A 348 -45.97 18.62 -5.68
N PRO A 349 -44.69 18.27 -5.60
CA PRO A 349 -44.18 17.45 -4.48
C PRO A 349 -44.25 18.24 -3.18
N ASN A 350 -44.35 19.55 -3.31
CA ASN A 350 -44.45 20.43 -2.17
C ASN A 350 -45.55 19.98 -1.19
N LYS A 351 -46.78 19.90 -1.70
CA LYS A 351 -47.92 19.42 -0.94
C LYS A 351 -48.59 18.27 -1.66
N ALA A 352 -47.89 17.16 -1.82
CA ALA A 352 -48.49 16.02 -2.52
C ALA A 352 -48.70 14.91 -1.52
N ARG A 353 -49.80 14.17 -1.67
CA ARG A 353 -50.11 13.15 -0.69
C ARG A 353 -49.09 12.05 -0.70
N LEU A 354 -48.43 11.87 -1.83
CA LEU A 354 -47.41 10.83 -1.93
C LEU A 354 -46.12 11.28 -1.23
N SER A 355 -45.96 12.60 -1.03
CA SER A 355 -44.88 13.14 -0.20
C SER A 355 -45.22 13.01 1.29
N SER A 356 -45.45 11.77 1.71
CA SER A 356 -45.86 11.40 3.06
C SER A 356 -45.63 9.90 3.19
N ASN A 357 -45.64 9.38 4.41
CA ASN A 357 -45.62 7.92 4.58
C ASN A 357 -47.01 7.38 4.96
N ALA A 358 -48.03 8.22 4.84
CA ALA A 358 -49.39 7.83 5.17
C ALA A 358 -49.54 7.36 6.60
N ILE A 359 -48.55 7.65 7.42
CA ILE A 359 -48.64 7.46 8.86
C ILE A 359 -48.55 8.82 9.49
N ASP A 360 -49.69 9.46 9.67
CA ASP A 360 -49.66 10.84 10.03
C ASP A 360 -49.89 11.14 11.50
N ALA A 361 -50.22 10.15 12.29
CA ALA A 361 -50.47 10.41 13.70
C ALA A 361 -50.22 9.21 14.57
N GLY A 362 -49.80 9.43 15.81
CA GLY A 362 -49.56 8.31 16.69
C GLY A 362 -49.43 8.74 18.13
N PHE A 363 -49.08 7.83 19.03
CA PHE A 363 -48.88 8.21 20.42
C PHE A 363 -47.82 7.38 21.16
N LYS A 364 -47.30 7.90 22.25
CA LYS A 364 -46.51 7.11 23.17
C LYS A 364 -47.33 6.92 24.43
N ILE A 365 -47.52 5.70 24.91
CA ILE A 365 -48.40 5.51 26.06
C ILE A 365 -47.80 4.70 27.17
N ARG A 366 -48.35 4.90 28.36
CA ARG A 366 -47.92 4.24 29.57
C ARG A 366 -49.13 3.69 30.32
N PRO A 367 -49.03 2.51 30.93
CA PRO A 367 -50.15 1.92 31.68
C PRO A 367 -50.43 2.57 33.04
N THR A 368 -51.69 2.62 33.48
CA THR A 368 -52.03 3.18 34.79
C THR A 368 -51.93 2.15 35.90
N GLU A 369 -51.67 2.62 37.12
CA GLU A 369 -51.45 1.75 38.27
C GLU A 369 -52.64 0.81 38.44
N GLU A 370 -53.78 1.26 37.93
CA GLU A 370 -54.98 0.44 37.89
C GLU A 370 -54.81 -0.65 36.84
N GLU A 371 -54.25 -0.32 35.68
CA GLU A 371 -54.08 -1.31 34.63
C GLU A 371 -52.99 -2.31 34.95
N LEU A 372 -51.98 -1.85 35.67
CA LEU A 372 -50.85 -2.69 36.07
C LEU A 372 -51.29 -3.91 36.85
N LYS A 373 -52.41 -3.80 37.53
CA LYS A 373 -52.85 -4.88 38.37
C LYS A 373 -53.27 -6.06 37.54
N GLU A 374 -53.39 -5.88 36.23
CA GLU A 374 -53.84 -6.99 35.43
C GLU A 374 -52.83 -7.47 34.39
N MET A 375 -51.56 -7.10 34.56
CA MET A 375 -50.52 -7.43 33.59
C MET A 375 -49.53 -8.47 34.10
N GLY A 376 -49.76 -8.97 35.31
CA GLY A 376 -49.04 -10.12 35.80
C GLY A 376 -47.76 -9.89 36.55
N PRO A 377 -47.24 -10.96 37.17
CA PRO A 377 -46.03 -11.02 37.98
C PRO A 377 -44.82 -10.55 37.19
N GLU A 378 -44.65 -11.17 36.02
CA GLU A 378 -43.55 -10.87 35.13
C GLU A 378 -43.49 -9.41 34.73
N PHE A 379 -44.56 -8.88 34.17
CA PHE A 379 -44.47 -7.50 33.76
C PHE A 379 -44.42 -6.58 34.95
N ASN A 380 -45.02 -6.96 36.06
CA ASN A 380 -44.95 -6.04 37.18
C ASN A 380 -43.52 -5.96 37.71
N GLU A 381 -42.80 -7.07 37.66
CA GLU A 381 -41.39 -7.05 38.07
C GLU A 381 -40.64 -6.13 37.14
N LEU A 382 -40.75 -6.37 35.84
CA LEU A 382 -40.06 -5.52 34.89
C LEU A 382 -40.41 -4.06 35.10
N TRP A 383 -41.64 -3.79 35.46
CA TRP A 383 -42.07 -2.42 35.64
C TRP A 383 -41.45 -1.77 36.84
N ASP A 384 -41.54 -2.47 37.97
CA ASP A 384 -41.03 -2.00 39.23
C ASP A 384 -39.58 -1.70 39.11
N ARG A 385 -38.93 -2.47 38.26
CA ARG A 385 -37.50 -2.36 38.11
C ARG A 385 -37.05 -1.33 37.06
N TYR A 386 -37.83 -1.15 36.01
CA TYR A 386 -37.35 -0.42 34.83
C TYR A 386 -38.05 0.90 34.61
N PHE A 387 -39.38 0.90 34.78
CA PHE A 387 -40.20 2.04 34.41
C PHE A 387 -40.66 2.89 35.58
N LYS A 388 -40.79 2.28 36.76
CA LYS A 388 -41.49 2.93 37.85
C LYS A 388 -40.85 4.26 38.22
N ASP A 389 -39.54 4.29 38.24
CA ASP A 389 -38.81 5.48 38.66
C ASP A 389 -38.40 6.38 37.52
N LYS A 390 -38.67 5.97 36.29
CA LYS A 390 -38.31 6.76 35.14
C LYS A 390 -39.58 7.10 34.41
N PRO A 391 -40.22 8.21 34.77
CA PRO A 391 -41.56 8.54 34.28
C PRO A 391 -41.60 8.95 32.83
N ASP A 392 -40.46 9.12 32.18
CA ASP A 392 -40.47 9.63 30.82
C ASP A 392 -40.32 8.51 29.83
N LYS A 393 -40.21 7.28 30.32
CA LYS A 393 -40.11 6.13 29.44
C LYS A 393 -41.47 5.53 29.13
N PRO A 394 -41.85 5.53 27.85
CA PRO A 394 -43.12 4.98 27.38
C PRO A 394 -43.08 3.49 27.35
N VAL A 395 -44.20 2.82 27.51
CA VAL A 395 -44.16 1.38 27.42
C VAL A 395 -44.44 0.96 26.00
N MET A 396 -45.42 1.58 25.35
CA MET A 396 -45.83 1.20 24.00
C MET A 396 -45.86 2.33 23.00
N PHE A 397 -45.72 2.01 21.72
CA PHE A 397 -46.01 2.98 20.66
C PHE A 397 -47.16 2.56 19.79
N GLY A 398 -48.04 3.48 19.43
CA GLY A 398 -49.07 3.17 18.46
C GLY A 398 -49.28 4.27 17.44
N SER A 399 -49.73 3.90 16.26
CA SER A 399 -49.98 4.89 15.24
C SER A 399 -50.86 4.35 14.13
N ILE A 400 -51.44 5.25 13.35
CA ILE A 400 -52.46 4.85 12.41
C ILE A 400 -52.04 4.96 10.96
N VAL A 401 -52.14 3.85 10.28
CA VAL A 401 -51.78 3.79 8.89
C VAL A 401 -52.98 3.87 8.04
N ALA A 402 -53.02 4.87 7.17
CA ALA A 402 -54.17 5.10 6.32
C ALA A 402 -54.18 4.08 5.22
N GLY A 403 -54.37 2.83 5.58
CA GLY A 403 -54.40 1.74 4.63
C GLY A 403 -54.12 0.44 5.35
N ALA A 404 -54.15 -0.66 4.62
CA ALA A 404 -53.88 -1.93 5.26
C ALA A 404 -52.45 -2.40 4.98
N TYR A 405 -51.62 -2.47 6.02
CA TYR A 405 -50.28 -2.96 5.86
C TYR A 405 -50.28 -4.49 5.79
N ALA A 406 -50.85 -5.02 4.71
CA ALA A 406 -50.90 -6.47 4.53
C ALA A 406 -51.17 -6.84 3.10
N ASP A 407 -50.95 -8.10 2.77
CA ASP A 407 -51.08 -8.59 1.41
C ASP A 407 -52.51 -8.48 0.96
N HIS A 408 -52.77 -7.60 0.01
CA HIS A 408 -54.13 -7.33 -0.40
C HIS A 408 -54.78 -8.46 -1.17
N THR A 409 -54.03 -9.48 -1.55
CA THR A 409 -54.63 -10.62 -2.21
C THR A 409 -55.22 -11.60 -1.21
N LEU A 410 -55.10 -11.25 0.07
CA LEU A 410 -55.73 -11.99 1.15
C LEU A 410 -56.59 -11.05 1.98
N LEU A 411 -56.78 -9.85 1.45
CA LEU A 411 -57.58 -8.84 2.10
C LEU A 411 -58.91 -8.65 1.39
N PRO A 412 -60.02 -8.70 2.12
CA PRO A 412 -61.35 -8.46 1.59
C PRO A 412 -61.42 -7.11 0.93
N PRO A 413 -62.35 -6.91 0.00
CA PRO A 413 -62.48 -5.61 -0.63
C PRO A 413 -62.92 -4.57 0.39
N GLY A 414 -62.60 -3.31 0.15
CA GLY A 414 -62.96 -2.25 1.06
C GLY A 414 -61.78 -1.41 1.47
N LYS A 415 -61.94 -0.55 2.47
CA LYS A 415 -60.82 0.27 2.88
C LYS A 415 -60.46 0.00 4.32
N TYR A 416 -59.18 0.17 4.64
CA TYR A 416 -58.70 -0.21 5.96
C TYR A 416 -57.81 0.84 6.59
N VAL A 417 -57.66 0.72 7.90
CA VAL A 417 -56.59 1.39 8.58
C VAL A 417 -55.84 0.35 9.36
N THR A 418 -54.60 0.66 9.73
CA THR A 418 -53.87 -0.28 10.53
C THR A 418 -53.29 0.38 11.74
N MET A 419 -53.59 -0.18 12.90
CA MET A 419 -52.97 0.21 14.13
C MET A 419 -51.62 -0.47 14.22
N PHE A 420 -50.59 0.29 13.90
CA PHE A 420 -49.24 -0.17 13.94
C PHE A 420 -48.71 0.09 15.32
N GLN A 421 -48.41 -0.96 16.06
CA GLN A 421 -47.96 -0.76 17.43
C GLN A 421 -46.65 -1.50 17.71
N TYR A 422 -45.72 -0.89 18.44
CA TYR A 422 -44.52 -1.62 18.80
C TYR A 422 -44.12 -1.47 20.25
N LEU A 423 -43.45 -2.47 20.79
CA LEU A 423 -43.00 -2.44 22.18
C LEU A 423 -41.71 -1.68 22.36
N GLU A 424 -41.74 -0.68 23.21
CA GLU A 424 -40.65 0.27 23.30
C GLU A 424 -39.39 -0.33 23.91
N TYR A 425 -39.50 -1.02 25.02
CA TYR A 425 -38.30 -1.53 25.66
C TYR A 425 -38.39 -3.01 26.05
N PRO A 426 -38.31 -3.91 25.05
CA PRO A 426 -38.55 -5.33 25.28
C PRO A 426 -37.58 -5.91 26.24
N ALA A 427 -38.01 -6.95 26.96
CA ALA A 427 -37.15 -7.59 27.93
C ALA A 427 -36.36 -8.69 27.28
N SER A 428 -36.85 -9.15 26.14
CA SER A 428 -36.27 -10.30 25.48
C SER A 428 -34.98 -9.90 24.85
N ARG A 429 -34.08 -10.87 24.69
CA ARG A 429 -32.80 -10.67 24.05
C ARG A 429 -32.50 -11.80 23.08
N GLY A 430 -31.84 -11.45 21.99
CA GLY A 430 -31.40 -12.42 21.01
C GLY A 430 -29.90 -12.34 20.80
N LYS A 431 -29.40 -12.99 19.75
CA LYS A 431 -27.98 -12.94 19.43
C LYS A 431 -27.66 -13.25 18.00
N ILE A 432 -26.46 -12.87 17.58
CA ILE A 432 -25.95 -13.24 16.26
C ILE A 432 -24.45 -13.55 16.34
N HIS A 433 -24.06 -14.68 15.77
CA HIS A 433 -22.69 -15.14 15.84
C HIS A 433 -22.25 -15.72 14.49
N ILE A 434 -21.07 -15.42 14.00
CA ILE A 434 -20.66 -15.99 12.73
C ILE A 434 -20.51 -17.50 12.78
N LYS A 435 -20.72 -18.19 11.66
CA LYS A 435 -20.56 -19.63 11.62
C LYS A 435 -19.34 -20.06 10.86
N SER A 436 -18.66 -19.10 10.26
CA SER A 436 -17.46 -19.38 9.50
C SER A 436 -16.60 -18.15 9.37
N ALA A 437 -15.32 -18.36 9.14
CA ALA A 437 -14.48 -17.21 8.94
C ALA A 437 -14.80 -16.58 7.63
N ASN A 438 -15.44 -17.35 6.75
CA ASN A 438 -15.82 -16.92 5.41
C ASN A 438 -16.85 -15.80 5.44
N PRO A 439 -16.58 -14.68 4.75
CA PRO A 439 -17.50 -13.56 4.88
C PRO A 439 -18.82 -13.77 4.15
N TYR A 440 -18.97 -14.86 3.42
CA TYR A 440 -20.17 -15.02 2.63
C TYR A 440 -21.14 -16.03 3.20
N VAL A 441 -20.85 -16.53 4.39
CA VAL A 441 -21.75 -17.51 5.01
C VAL A 441 -22.73 -16.87 5.97
N ASP A 442 -23.95 -17.36 5.96
CA ASP A 442 -24.96 -16.88 6.88
C ASP A 442 -24.52 -17.16 8.31
N PRO A 443 -24.70 -16.18 9.19
CA PRO A 443 -24.39 -16.39 10.60
C PRO A 443 -25.51 -17.08 11.34
N PHE A 444 -25.19 -17.66 12.48
CA PHE A 444 -26.21 -18.09 13.40
C PHE A 444 -26.92 -16.89 13.88
N PHE A 445 -28.25 -16.96 13.93
CA PHE A 445 -29.07 -15.84 14.36
C PHE A 445 -30.27 -16.32 15.17
N ASP A 446 -30.48 -15.66 16.30
CA ASP A 446 -31.65 -15.90 17.13
C ASP A 446 -32.25 -14.57 17.47
N SER A 447 -33.40 -14.29 16.88
CA SER A 447 -34.04 -13.00 17.05
C SER A 447 -34.30 -12.67 18.49
N GLY A 448 -34.75 -13.67 19.22
CA GLY A 448 -35.03 -13.54 20.63
C GLY A 448 -36.42 -13.06 20.95
N PHE A 449 -37.19 -12.76 19.91
CA PHE A 449 -38.56 -12.26 20.06
C PHE A 449 -39.29 -13.15 21.04
N MET A 450 -39.72 -12.57 22.15
CA MET A 450 -40.61 -13.22 23.11
C MET A 450 -39.96 -14.31 23.91
N ASN A 451 -38.65 -14.27 24.10
CA ASN A 451 -38.05 -15.30 24.93
C ASN A 451 -38.07 -14.85 26.38
N ASN A 452 -38.76 -13.74 26.65
CA ASN A 452 -39.01 -13.31 28.00
C ASN A 452 -40.47 -13.03 28.17
N LYS A 453 -41.16 -13.81 28.99
CA LYS A 453 -42.61 -13.75 29.09
C LYS A 453 -43.14 -12.36 29.39
N ALA A 454 -42.34 -11.54 30.06
CA ALA A 454 -42.75 -10.19 30.46
C ALA A 454 -43.03 -9.27 29.30
N ASP A 455 -42.92 -9.79 28.09
CA ASP A 455 -43.15 -8.97 26.92
C ASP A 455 -44.54 -9.18 26.36
N PHE A 456 -45.21 -10.24 26.75
CA PHE A 456 -46.54 -10.44 26.22
C PHE A 456 -47.50 -9.42 26.79
N ALA A 457 -47.41 -9.23 28.10
CA ALA A 457 -48.35 -8.40 28.82
C ALA A 457 -48.50 -7.00 28.25
N PRO A 458 -47.40 -6.25 28.02
CA PRO A 458 -47.67 -4.91 27.49
C PRO A 458 -48.23 -4.94 26.07
N ILE A 459 -47.66 -5.76 25.21
CA ILE A 459 -48.15 -5.89 23.84
C ILE A 459 -49.63 -6.23 23.82
N ARG A 460 -50.03 -7.18 24.65
CA ARG A 460 -51.44 -7.50 24.82
C ARG A 460 -52.24 -6.25 25.13
N TRP A 461 -51.80 -5.51 26.13
CA TRP A 461 -52.44 -4.27 26.51
C TRP A 461 -52.67 -3.39 25.32
N SER A 462 -51.65 -3.25 24.49
CA SER A 462 -51.76 -2.37 23.34
C SER A 462 -52.86 -2.83 22.45
N TYR A 463 -52.91 -4.12 22.18
CA TYR A 463 -53.95 -4.63 21.30
C TYR A 463 -55.28 -4.15 21.76
N LYS A 464 -55.45 -4.14 23.07
CA LYS A 464 -56.68 -3.69 23.67
C LYS A 464 -56.84 -2.21 23.46
N VAL A 465 -55.84 -1.43 23.89
CA VAL A 465 -55.90 0.03 23.81
C VAL A 465 -56.19 0.53 22.42
N THR A 466 -55.31 0.24 21.49
CA THR A 466 -55.54 0.61 20.12
C THR A 466 -56.94 0.21 19.67
N ARG A 467 -57.39 -0.99 20.03
CA ARG A 467 -58.71 -1.44 19.60
C ARG A 467 -59.77 -0.47 20.02
N GLU A 468 -59.71 -0.07 21.30
CA GLU A 468 -60.68 0.87 21.82
C GLU A 468 -60.66 2.11 20.98
N VAL A 469 -59.48 2.64 20.72
CA VAL A 469 -59.38 3.83 19.89
C VAL A 469 -60.05 3.60 18.57
N ALA A 470 -59.79 2.47 17.95
CA ALA A 470 -60.35 2.24 16.64
C ALA A 470 -61.86 2.23 16.72
N ARG A 471 -62.43 1.68 17.79
CA ARG A 471 -63.88 1.59 17.83
C ARG A 471 -64.56 2.93 18.06
N ARG A 472 -63.78 3.95 18.38
CA ARG A 472 -64.34 5.24 18.72
C ARG A 472 -64.12 6.21 17.63
N MET A 473 -63.71 5.70 16.48
CA MET A 473 -63.45 6.58 15.38
C MET A 473 -64.66 6.76 14.50
N ASP A 474 -64.75 7.94 13.89
CA ASP A 474 -65.87 8.29 13.04
C ASP A 474 -65.83 7.49 11.77
N ALA A 475 -64.76 6.75 11.56
CA ALA A 475 -64.62 6.01 10.32
C ALA A 475 -64.75 4.52 10.54
N PHE A 476 -64.59 4.08 11.77
CA PHE A 476 -64.61 2.66 12.10
C PHE A 476 -65.84 1.97 11.61
N ARG A 477 -65.72 0.99 10.74
CA ARG A 477 -66.90 0.24 10.34
C ARG A 477 -66.73 -1.24 10.62
N GLY A 478 -65.66 -1.63 11.27
CA GLY A 478 -65.59 -2.99 11.75
C GLY A 478 -64.20 -3.49 11.95
N GLU A 479 -64.08 -4.71 12.45
CA GLU A 479 -62.78 -5.31 12.64
C GLU A 479 -62.61 -6.40 11.62
N LEU A 480 -61.38 -6.59 11.15
CA LEU A 480 -61.08 -7.63 10.20
C LEU A 480 -60.85 -8.92 10.94
N ALA A 481 -61.86 -9.78 10.93
CA ALA A 481 -61.86 -10.95 11.78
C ALA A 481 -60.64 -11.83 11.57
N SER A 482 -60.30 -12.11 10.33
CA SER A 482 -59.22 -13.02 10.07
C SER A 482 -57.88 -12.55 10.62
N HIS A 483 -57.63 -11.24 10.57
CA HIS A 483 -56.33 -10.71 10.93
C HIS A 483 -56.33 -10.22 12.35
N HIS A 484 -57.26 -10.74 13.13
CA HIS A 484 -57.37 -10.44 14.55
C HIS A 484 -57.28 -11.72 15.33
N PRO A 485 -57.13 -11.63 16.65
CA PRO A 485 -57.02 -12.86 17.44
C PRO A 485 -58.17 -13.79 17.20
N HIS A 486 -57.99 -15.05 17.56
CA HIS A 486 -59.02 -16.04 17.40
C HIS A 486 -59.80 -16.19 18.67
N PHE A 487 -60.63 -15.22 19.02
CA PHE A 487 -61.45 -15.36 20.22
C PHE A 487 -62.49 -16.43 20.07
N HIS A 488 -62.90 -16.99 21.20
CA HIS A 488 -64.05 -17.87 21.20
C HIS A 488 -65.23 -17.08 20.72
N PRO A 489 -65.99 -17.60 19.76
CA PRO A 489 -67.09 -16.87 19.12
C PRO A 489 -68.10 -16.29 20.09
N ASN A 490 -68.37 -17.01 21.17
CA ASN A 490 -69.40 -16.61 22.09
C ASN A 490 -68.91 -15.58 23.10
N SER A 491 -67.60 -15.36 23.12
CA SER A 491 -67.00 -14.40 24.04
C SER A 491 -67.40 -13.00 23.70
N PRO A 492 -67.54 -12.12 24.70
CA PRO A 492 -67.90 -10.71 24.44
C PRO A 492 -66.82 -9.99 23.66
N ALA A 493 -65.62 -10.56 23.66
CA ALA A 493 -64.50 -9.91 23.02
C ALA A 493 -64.33 -10.29 21.56
N ALA A 494 -65.27 -11.04 21.01
CA ALA A 494 -65.16 -11.49 19.62
C ALA A 494 -65.04 -10.31 18.67
N THR A 495 -64.60 -10.57 17.46
CA THR A 495 -64.41 -9.48 16.54
C THR A 495 -65.69 -9.30 15.76
N ARG A 496 -66.10 -8.05 15.61
CA ARG A 496 -67.27 -7.72 14.82
C ARG A 496 -66.85 -7.10 13.52
N ASP A 497 -67.25 -7.69 12.40
CA ASP A 497 -66.83 -7.21 11.08
C ASP A 497 -67.81 -6.17 10.50
N ILE A 498 -67.73 -5.92 9.20
CA ILE A 498 -68.44 -4.78 8.59
C ILE A 498 -69.95 -4.80 8.76
N ASP A 499 -70.54 -3.61 8.85
CA ASP A 499 -71.99 -3.47 8.91
C ASP A 499 -72.56 -3.81 7.55
N ILE A 500 -73.83 -4.17 7.51
CA ILE A 500 -74.42 -4.61 6.26
C ILE A 500 -74.46 -3.43 5.33
N LYS A 501 -74.55 -2.23 5.88
CA LYS A 501 -74.67 -1.04 5.06
C LYS A 501 -73.41 -0.79 4.24
N THR A 502 -72.26 -0.95 4.87
CA THR A 502 -71.03 -0.74 4.14
C THR A 502 -70.79 -1.86 3.16
N ALA A 503 -71.03 -3.10 3.56
CA ALA A 503 -70.85 -4.23 2.66
C ALA A 503 -71.78 -4.09 1.45
N LYS A 504 -72.92 -3.47 1.66
CA LYS A 504 -73.85 -3.18 0.57
C LYS A 504 -73.27 -2.11 -0.34
N GLU A 505 -72.68 -1.06 0.21
CA GLU A 505 -72.13 -0.08 -0.71
C GLU A 505 -70.90 -0.61 -1.44
N ILE A 506 -70.23 -1.64 -0.91
CA ILE A 506 -69.07 -2.19 -1.59
C ILE A 506 -69.43 -2.99 -2.83
N TYR A 507 -70.55 -3.69 -2.79
CA TYR A 507 -71.02 -4.44 -3.94
C TYR A 507 -72.51 -4.23 -4.12
N PRO A 508 -72.89 -3.01 -4.55
CA PRO A 508 -74.28 -2.59 -4.62
C PRO A 508 -75.12 -3.53 -5.44
N ASN A 509 -74.61 -3.98 -6.58
CA ASN A 509 -75.41 -4.85 -7.41
C ASN A 509 -75.00 -6.27 -7.21
N GLY A 510 -74.40 -6.52 -6.04
CA GLY A 510 -73.93 -7.84 -5.75
C GLY A 510 -74.92 -8.68 -4.98
N LEU A 511 -75.20 -9.87 -5.51
CA LEU A 511 -76.03 -10.83 -4.81
C LEU A 511 -75.05 -11.37 -3.77
N THR A 512 -75.49 -12.21 -2.85
CA THR A 512 -74.61 -12.73 -1.78
C THR A 512 -74.19 -11.84 -0.61
N VAL A 513 -74.19 -10.52 -0.74
CA VAL A 513 -73.81 -9.73 0.41
C VAL A 513 -74.81 -10.01 1.52
N GLY A 514 -74.32 -10.28 2.71
CA GLY A 514 -75.17 -10.57 3.82
C GLY A 514 -75.79 -11.96 3.89
N ILE A 515 -75.35 -12.92 3.07
CA ILE A 515 -75.92 -14.25 3.30
C ILE A 515 -75.24 -14.79 4.54
N HIS A 516 -76.04 -15.27 5.49
CA HIS A 516 -75.46 -15.70 6.74
C HIS A 516 -74.97 -17.11 6.60
N MET A 517 -75.22 -17.72 5.45
CA MET A 517 -75.02 -19.16 5.28
C MET A 517 -73.55 -19.49 5.43
N GLY A 518 -73.26 -20.17 6.53
CA GLY A 518 -71.91 -20.44 6.99
C GLY A 518 -71.64 -19.79 8.33
N THR A 519 -72.31 -18.67 8.61
CA THR A 519 -72.07 -17.90 9.84
C THR A 519 -70.59 -17.60 9.96
N TRP A 520 -70.04 -17.11 8.86
CA TRP A 520 -68.63 -16.82 8.75
C TRP A 520 -68.18 -15.56 9.48
N HIS A 521 -69.13 -14.75 9.90
CA HIS A 521 -68.81 -13.53 10.63
C HIS A 521 -69.94 -13.11 11.54
N ARG A 522 -69.66 -12.13 12.37
CA ARG A 522 -70.69 -11.46 13.16
C ARG A 522 -70.67 -9.97 12.84
N PRO A 523 -71.74 -9.47 12.21
CA PRO A 523 -71.84 -8.09 11.71
C PRO A 523 -71.90 -7.07 12.83
N SER A 524 -71.36 -5.88 12.59
CA SER A 524 -71.43 -4.81 13.57
C SER A 524 -72.78 -4.14 13.48
N GLU A 525 -73.27 -3.55 14.57
CA GLU A 525 -74.42 -2.69 14.41
C GLU A 525 -73.91 -1.51 13.58
N PRO A 526 -74.69 -1.04 12.60
CA PRO A 526 -74.25 0.05 11.72
C PRO A 526 -73.86 1.31 12.47
N PHE A 527 -73.20 2.23 11.79
CA PHE A 527 -72.64 3.38 12.46
C PHE A 527 -73.68 4.31 13.03
N ASP A 528 -73.83 4.32 14.35
CA ASP A 528 -74.68 5.33 14.98
C ASP A 528 -73.73 6.20 15.76
N PRO A 529 -73.47 7.40 15.25
CA PRO A 529 -72.50 8.31 15.85
C PRO A 529 -72.94 8.70 17.22
N SER A 530 -74.25 8.66 17.43
CA SER A 530 -74.79 8.84 18.77
C SER A 530 -74.72 7.48 19.48
N LYS A 531 -73.49 7.04 19.74
CA LYS A 531 -73.26 5.79 20.45
C LYS A 531 -72.37 6.06 21.64
N VAL A 532 -72.69 5.41 22.74
CA VAL A 532 -71.91 5.58 23.93
C VAL A 532 -71.12 4.30 24.06
N HIS A 533 -69.85 4.40 24.41
CA HIS A 533 -68.99 3.24 24.33
C HIS A 533 -68.65 2.74 25.71
N GLU A 534 -68.69 1.43 25.83
CA GLU A 534 -68.28 0.75 27.02
C GLU A 534 -67.12 -0.14 26.62
N ASP A 535 -66.06 -0.13 27.42
CA ASP A 535 -64.85 -0.88 27.14
C ASP A 535 -65.13 -2.36 27.01
N ILE A 536 -64.47 -3.04 26.08
CA ILE A 536 -64.67 -4.46 25.97
C ILE A 536 -64.10 -5.16 27.18
N LYS A 537 -64.81 -6.15 27.71
CA LYS A 537 -64.32 -6.91 28.83
C LYS A 537 -63.65 -8.18 28.37
N TYR A 538 -62.47 -8.43 28.90
CA TYR A 538 -61.68 -9.58 28.50
C TYR A 538 -61.45 -10.59 29.61
N THR A 539 -61.52 -11.87 29.26
CA THR A 539 -61.23 -12.94 30.19
C THR A 539 -59.79 -13.34 30.17
N LYS A 540 -59.46 -14.38 30.91
CA LYS A 540 -58.12 -14.92 30.86
C LYS A 540 -58.01 -15.73 29.59
N GLU A 541 -59.13 -16.30 29.17
CA GLU A 541 -59.20 -17.11 27.97
C GLU A 541 -59.02 -16.25 26.71
N ASP A 542 -59.57 -15.05 26.78
CA ASP A 542 -59.45 -14.05 25.75
C ASP A 542 -58.03 -13.50 25.72
N ASP A 543 -57.45 -13.33 26.91
CA ASP A 543 -56.06 -12.94 27.00
C ASP A 543 -55.18 -13.97 26.36
N GLN A 544 -55.49 -15.25 26.57
CA GLN A 544 -54.67 -16.28 25.99
C GLN A 544 -54.80 -16.23 24.48
N ALA A 545 -56.00 -15.91 23.99
CA ALA A 545 -56.15 -15.73 22.55
C ALA A 545 -55.27 -14.62 21.99
N ILE A 546 -55.22 -13.51 22.71
CA ILE A 546 -54.40 -12.39 22.26
C ILE A 546 -52.94 -12.74 22.31
N ASP A 547 -52.54 -13.49 23.34
CA ASP A 547 -51.17 -13.96 23.50
C ASP A 547 -50.78 -14.84 22.32
N ASP A 548 -51.67 -15.72 21.92
CA ASP A 548 -51.38 -16.55 20.77
C ASP A 548 -51.27 -15.73 19.52
N TRP A 549 -52.13 -14.74 19.37
CA TRP A 549 -52.03 -13.88 18.20
C TRP A 549 -50.70 -13.13 18.16
N ILE A 550 -50.32 -12.58 19.29
CA ILE A 550 -49.06 -11.90 19.41
C ILE A 550 -47.94 -12.85 19.04
N ALA A 551 -47.99 -14.07 19.55
CA ALA A 551 -46.95 -15.02 19.22
C ALA A 551 -46.92 -15.31 17.75
N ASP A 552 -48.09 -15.42 17.15
CA ASP A 552 -48.14 -15.82 15.76
C ASP A 552 -47.69 -14.75 14.82
N HIS A 553 -47.94 -13.48 15.14
CA HIS A 553 -47.71 -12.46 14.13
C HIS A 553 -46.75 -11.32 14.50
N VAL A 554 -45.94 -11.46 15.54
CA VAL A 554 -45.05 -10.38 15.90
C VAL A 554 -43.82 -10.34 15.01
N GLU A 555 -43.40 -9.15 14.62
CA GLU A 555 -42.38 -9.01 13.60
C GLU A 555 -41.40 -7.95 14.04
N THR A 556 -40.25 -7.86 13.39
CA THR A 556 -39.29 -6.82 13.73
C THR A 556 -39.82 -5.46 13.42
N THR A 557 -39.13 -4.44 13.89
CA THR A 557 -39.44 -3.09 13.47
C THR A 557 -38.23 -2.49 12.79
N TRP A 558 -37.22 -3.32 12.56
CA TRP A 558 -35.99 -2.88 11.94
C TRP A 558 -35.28 -1.86 12.79
N HIS A 559 -35.49 -1.89 14.09
CA HIS A 559 -34.76 -0.99 14.97
C HIS A 559 -33.74 -1.76 15.76
N SER A 560 -32.94 -2.57 15.07
CA SER A 560 -32.02 -3.47 15.74
C SER A 560 -30.94 -2.71 16.50
N LEU A 561 -30.55 -3.20 17.68
CA LEU A 561 -29.45 -2.57 18.42
C LEU A 561 -28.85 -3.46 19.51
N GLY A 562 -27.60 -3.18 19.85
CA GLY A 562 -27.00 -3.66 21.08
C GLY A 562 -26.03 -4.81 21.02
N THR A 563 -25.63 -5.22 19.83
CA THR A 563 -24.77 -6.39 19.76
C THR A 563 -23.33 -6.08 20.19
N CYS A 564 -22.94 -4.82 20.17
CA CYS A 564 -21.59 -4.48 20.62
C CYS A 564 -21.66 -3.46 21.73
N ALA A 565 -22.25 -3.87 22.85
CA ALA A 565 -22.69 -3.00 23.92
C ALA A 565 -21.63 -2.09 24.48
N MET A 566 -22.03 -0.90 24.87
CA MET A 566 -21.14 0.05 25.51
C MET A 566 -21.29 -0.01 27.01
N LYS A 567 -20.42 -0.78 27.64
CA LYS A 567 -20.39 -0.87 29.09
C LYS A 567 -19.11 -1.53 29.57
N PRO A 568 -18.80 -1.44 30.87
CA PRO A 568 -17.61 -2.06 31.43
C PRO A 568 -17.41 -3.45 30.90
N ARG A 569 -16.17 -3.84 30.68
CA ARG A 569 -15.93 -5.14 30.08
C ARG A 569 -16.45 -6.24 30.97
N GLU A 570 -16.35 -6.05 32.27
CA GLU A 570 -16.66 -7.10 33.21
C GLU A 570 -18.13 -7.40 33.24
N GLN A 571 -18.90 -6.56 32.57
CA GLN A 571 -20.34 -6.76 32.49
C GLN A 571 -20.74 -7.27 31.12
N GLY A 572 -19.80 -7.29 30.20
CA GLY A 572 -20.08 -7.84 28.89
C GLY A 572 -20.05 -6.81 27.81
N GLY A 573 -19.36 -5.71 28.07
CA GLY A 573 -19.26 -4.64 27.10
C GLY A 573 -18.27 -5.00 26.02
N VAL A 574 -18.29 -4.26 24.93
CA VAL A 574 -17.34 -4.41 23.84
C VAL A 574 -16.63 -3.11 23.60
N VAL A 575 -17.25 -1.99 23.91
CA VAL A 575 -16.59 -0.72 23.64
C VAL A 575 -16.49 0.22 24.83
N ASP A 576 -15.58 1.18 24.66
CA ASP A 576 -15.27 2.22 25.62
C ASP A 576 -16.39 3.17 25.87
N ALA A 577 -16.15 4.13 26.75
CA ALA A 577 -17.07 5.23 26.86
C ALA A 577 -16.81 6.15 25.71
N ARG A 578 -15.76 5.81 24.97
CA ARG A 578 -15.37 6.54 23.78
C ARG A 578 -15.47 5.63 22.58
N LEU A 579 -16.21 4.55 22.73
CA LEU A 579 -16.57 3.67 21.63
C LEU A 579 -15.36 2.95 21.07
N ASN A 580 -14.31 2.82 21.86
CA ASN A 580 -13.14 2.04 21.46
C ASN A 580 -13.35 0.60 21.81
N VAL A 581 -13.15 -0.32 20.88
CA VAL A 581 -13.32 -1.75 21.16
C VAL A 581 -12.32 -2.18 22.23
N TYR A 582 -12.78 -2.84 23.28
CA TYR A 582 -11.89 -3.22 24.37
C TYR A 582 -10.79 -4.12 23.92
N GLY A 583 -9.57 -3.81 24.32
CA GLY A 583 -8.46 -4.67 24.03
C GLY A 583 -7.78 -4.37 22.73
N THR A 584 -8.16 -3.26 22.11
CA THR A 584 -7.48 -2.85 20.90
C THR A 584 -7.25 -1.37 20.97
N GLU A 585 -6.55 -0.86 19.97
CA GLU A 585 -6.33 0.56 19.84
C GLU A 585 -6.71 0.95 18.41
N ASN A 586 -7.06 2.22 18.19
CA ASN A 586 -7.50 2.71 16.88
C ASN A 586 -8.71 2.03 16.25
N LEU A 587 -9.57 1.44 17.05
CA LEU A 587 -10.73 0.77 16.49
C LEU A 587 -11.94 1.27 17.22
N LYS A 588 -12.93 1.76 16.50
CA LYS A 588 -14.16 2.22 17.13
C LYS A 588 -15.34 1.60 16.47
N CYS A 589 -16.36 1.30 17.24
CA CYS A 589 -17.64 0.89 16.70
C CYS A 589 -18.58 2.06 16.86
N VAL A 590 -19.02 2.66 15.78
CA VAL A 590 -20.01 3.70 15.96
C VAL A 590 -21.13 3.50 14.98
N ASP A 591 -22.10 2.74 15.45
CA ASP A 591 -23.39 2.57 14.82
C ASP A 591 -24.30 2.19 15.95
N LEU A 592 -25.47 1.64 15.66
CA LEU A 592 -26.44 1.38 16.71
C LEU A 592 -26.11 0.19 17.54
N SER A 593 -25.11 -0.57 17.13
CA SER A 593 -24.81 -1.78 17.84
C SER A 593 -24.26 -1.51 19.23
N ILE A 594 -23.82 -0.28 19.48
CA ILE A 594 -23.16 0.06 20.74
C ILE A 594 -24.09 0.36 21.89
N CYS A 595 -25.38 0.41 21.65
CA CYS A 595 -26.29 0.78 22.71
C CYS A 595 -26.33 -0.28 23.81
N PRO A 596 -26.04 0.12 25.04
CA PRO A 596 -26.08 -0.82 26.15
C PRO A 596 -27.48 -1.21 26.51
N ASP A 597 -28.44 -0.30 26.34
CA ASP A 597 -29.84 -0.62 26.59
C ASP A 597 -30.73 0.02 25.54
N ASN A 598 -31.99 -0.39 25.49
CA ASN A 598 -32.86 -0.02 24.38
C ASN A 598 -33.26 1.44 24.37
N LEU A 599 -33.82 1.92 23.26
CA LEU A 599 -34.26 3.32 23.13
C LEU A 599 -35.73 3.46 22.73
N GLY A 600 -36.46 4.31 23.46
CA GLY A 600 -37.87 4.43 23.23
C GLY A 600 -38.23 5.24 22.02
N THR A 601 -37.80 4.80 20.85
CA THR A 601 -37.97 5.57 19.63
C THR A 601 -37.74 4.80 18.37
N HIS A 602 -38.27 5.29 17.26
CA HIS A 602 -37.79 4.85 15.98
C HIS A 602 -36.35 5.32 16.00
N THR A 603 -35.42 4.46 15.60
CA THR A 603 -34.00 4.63 15.89
C THR A 603 -33.08 5.30 14.86
N TYR A 604 -33.63 5.89 13.81
CA TYR A 604 -32.81 6.63 12.85
C TYR A 604 -32.21 7.85 13.54
N SER A 605 -33.04 8.59 14.28
CA SER A 605 -32.58 9.77 15.01
C SER A 605 -31.47 9.38 15.99
N SER A 606 -31.57 8.17 16.51
CA SER A 606 -30.56 7.61 17.40
C SER A 606 -29.30 7.28 16.65
N ALA A 607 -29.42 6.64 15.50
CA ALA A 607 -28.25 6.28 14.73
C ALA A 607 -27.50 7.51 14.29
N LEU A 608 -28.23 8.53 13.87
CA LEU A 608 -27.62 9.80 13.55
C LEU A 608 -26.96 10.40 14.77
N LEU A 609 -27.61 10.35 15.93
CA LEU A 609 -26.99 10.92 17.12
C LEU A 609 -25.72 10.20 17.52
N VAL A 610 -25.74 8.87 17.50
CA VAL A 610 -24.56 8.06 17.78
C VAL A 610 -23.43 8.35 16.82
N GLY A 611 -23.79 8.51 15.56
CA GLY A 611 -22.82 8.93 14.57
C GLY A 611 -22.23 10.30 14.88
N GLU A 612 -23.05 11.28 15.22
CA GLU A 612 -22.54 12.60 15.50
C GLU A 612 -21.62 12.52 16.69
N LYS A 613 -22.02 11.82 17.74
CA LYS A 613 -21.18 11.71 18.91
C LYS A 613 -19.88 11.05 18.54
N GLY A 614 -19.94 10.04 17.69
CA GLY A 614 -18.76 9.35 17.25
C GLY A 614 -17.84 10.27 16.50
N ALA A 615 -18.42 11.13 15.67
CA ALA A 615 -17.67 12.12 14.93
C ALA A 615 -16.97 13.02 15.89
N ASP A 616 -17.66 13.37 16.97
CA ASP A 616 -17.05 14.23 17.97
C ASP A 616 -15.87 13.54 18.60
N LEU A 617 -16.04 12.27 18.98
CA LEU A 617 -15.00 11.56 19.68
C LEU A 617 -13.78 11.41 18.82
N ILE A 618 -13.96 11.03 17.57
CA ILE A 618 -12.84 10.88 16.65
C ILE A 618 -12.20 12.22 16.35
N ALA A 619 -13.01 13.27 16.35
CA ALA A 619 -12.47 14.60 16.21
C ALA A 619 -11.54 14.87 17.36
N GLU A 620 -11.96 14.50 18.56
CA GLU A 620 -11.13 14.77 19.73
C GLU A 620 -9.87 13.93 19.65
N ASP A 621 -10.03 12.67 19.29
CA ASP A 621 -8.94 11.71 19.25
C ASP A 621 -7.89 12.10 18.25
N LEU A 622 -8.30 12.75 17.16
CA LEU A 622 -7.36 13.08 16.09
C LEU A 622 -6.99 14.54 16.11
N GLY A 623 -7.44 15.26 17.12
CA GLY A 623 -7.12 16.66 17.22
C GLY A 623 -7.72 17.37 16.02
N LEU A 624 -9.01 17.18 15.83
CA LEU A 624 -9.67 17.73 14.67
C LEU A 624 -10.77 18.68 15.10
N LYS A 625 -11.07 19.69 14.30
CA LYS A 625 -12.15 20.62 14.60
C LYS A 625 -13.18 20.53 13.48
N LEU A 626 -14.39 20.08 13.78
CA LEU A 626 -15.42 19.89 12.76
C LEU A 626 -15.85 21.19 12.15
N ARG A 627 -16.08 21.17 10.84
CA ARG A 627 -16.56 22.33 10.11
C ARG A 627 -18.06 22.26 10.02
N LEU A 628 -18.74 23.24 10.59
CA LEU A 628 -20.19 23.34 10.51
C LEU A 628 -20.62 24.76 10.16
N PRO A 629 -21.72 24.92 9.41
CA PRO A 629 -22.58 23.88 8.88
C PRO A 629 -21.98 23.10 7.71
N HIS A 630 -22.65 21.99 7.42
CA HIS A 630 -22.20 20.98 6.49
C HIS A 630 -22.33 21.42 5.05
N ALA A 631 -21.84 20.60 4.14
CA ALA A 631 -21.95 20.85 2.71
C ALA A 631 -23.41 20.92 2.29
N GLN A 632 -23.73 21.77 1.32
CA GLN A 632 -25.11 21.88 0.86
C GLN A 632 -25.53 20.56 0.28
N VAL A 633 -26.64 20.01 0.74
CA VAL A 633 -27.11 18.74 0.20
C VAL A 633 -27.61 18.99 -1.21
N PRO A 634 -27.29 18.08 -2.14
CA PRO A 634 -27.61 18.18 -3.56
C PRO A 634 -29.09 18.35 -3.88
N HIS A 635 -29.39 19.11 -4.93
CA HIS A 635 -30.77 19.37 -5.35
C HIS A 635 -31.65 19.94 -4.23
N ALA A 636 -30.99 20.48 -3.20
CA ALA A 636 -31.63 21.06 -2.01
C ALA A 636 -31.31 22.55 -1.85
N PRO A 637 -32.11 23.27 -1.02
CA PRO A 637 -31.80 24.69 -0.81
C PRO A 637 -30.50 24.91 -0.05
N PRO B 4 -34.21 -48.29 -23.18
CA PRO B 4 -35.48 -47.83 -23.76
C PRO B 4 -35.62 -46.30 -23.64
N GLU B 5 -36.81 -45.82 -23.28
CA GLU B 5 -36.99 -44.41 -22.96
C GLU B 5 -36.76 -44.20 -21.47
N GLU B 6 -36.80 -45.26 -20.67
CA GLU B 6 -36.67 -45.06 -19.23
C GLU B 6 -35.91 -46.11 -18.45
N VAL B 7 -34.98 -45.66 -17.63
CA VAL B 7 -34.22 -46.53 -16.73
C VAL B 7 -34.12 -45.95 -15.34
N ASP B 8 -33.61 -46.75 -14.40
CA ASP B 8 -33.54 -46.35 -13.00
C ASP B 8 -32.43 -45.36 -12.79
N VAL B 9 -31.24 -45.67 -13.30
CA VAL B 9 -30.09 -44.78 -13.17
C VAL B 9 -29.39 -44.52 -14.50
N ILE B 10 -29.17 -43.26 -14.83
CA ILE B 10 -28.40 -42.93 -16.03
C ILE B 10 -27.02 -42.47 -15.65
N VAL B 11 -25.99 -43.04 -16.25
CA VAL B 11 -24.62 -42.66 -16.03
C VAL B 11 -24.00 -42.11 -17.28
N CYS B 12 -23.60 -40.85 -17.28
CA CYS B 12 -23.12 -40.16 -18.47
C CYS B 12 -21.62 -40.13 -18.59
N GLY B 13 -21.05 -40.98 -19.44
CA GLY B 13 -19.62 -40.99 -19.64
C GLY B 13 -19.07 -42.32 -19.23
N GLY B 14 -18.29 -42.94 -20.09
CA GLY B 14 -17.81 -44.27 -19.81
C GLY B 14 -16.39 -44.34 -19.34
N GLY B 15 -15.91 -43.30 -18.66
CA GLY B 15 -14.55 -43.34 -18.13
C GLY B 15 -14.41 -44.41 -17.09
N PRO B 16 -13.26 -44.48 -16.43
CA PRO B 16 -13.10 -45.43 -15.33
C PRO B 16 -14.16 -45.24 -14.28
N ALA B 17 -14.43 -44.00 -13.94
CA ALA B 17 -15.42 -43.69 -12.92
C ALA B 17 -16.77 -44.14 -13.35
N GLY B 18 -17.22 -43.66 -14.49
CA GLY B 18 -18.56 -43.99 -14.96
C GLY B 18 -18.76 -45.47 -15.12
N SER B 19 -17.70 -46.14 -15.57
CA SER B 19 -17.72 -47.56 -15.75
C SER B 19 -17.90 -48.28 -14.43
N VAL B 20 -17.18 -47.83 -13.40
CA VAL B 20 -17.30 -48.43 -12.08
C VAL B 20 -18.66 -48.22 -11.46
N VAL B 21 -19.19 -47.00 -11.55
CA VAL B 21 -20.52 -46.74 -11.01
C VAL B 21 -21.56 -47.62 -11.68
N ALA B 22 -21.59 -47.56 -13.02
CA ALA B 22 -22.53 -48.35 -13.77
C ALA B 22 -22.36 -49.82 -13.44
N GLY B 23 -21.15 -50.34 -13.51
CA GLY B 23 -20.88 -51.75 -13.27
C GLY B 23 -21.32 -52.24 -11.90
N ARG B 24 -20.86 -51.54 -10.86
CA ARG B 24 -21.21 -51.90 -9.49
C ARG B 24 -22.70 -51.87 -9.26
N LEU B 25 -23.35 -50.82 -9.75
CA LEU B 25 -24.78 -50.68 -9.51
C LEU B 25 -25.53 -51.79 -10.23
N ALA B 26 -25.26 -51.95 -11.51
CA ALA B 26 -25.97 -52.93 -12.33
C ALA B 26 -25.82 -54.34 -11.78
N TYR B 27 -24.64 -54.66 -11.27
CA TYR B 27 -24.41 -55.99 -10.72
C TYR B 27 -25.00 -56.13 -9.34
N ALA B 28 -25.20 -55.01 -8.65
CA ALA B 28 -25.73 -55.06 -7.30
C ALA B 28 -27.15 -55.59 -7.23
N ASP B 29 -28.01 -55.12 -8.13
CA ASP B 29 -29.42 -55.52 -8.17
C ASP B 29 -29.94 -55.56 -9.60
N PRO B 30 -30.17 -56.77 -10.13
CA PRO B 30 -30.63 -56.98 -11.51
C PRO B 30 -31.97 -56.33 -11.84
N ASN B 31 -32.75 -55.97 -10.84
CA ASN B 31 -34.01 -55.29 -11.07
C ASN B 31 -33.76 -53.85 -11.48
N LEU B 32 -32.65 -53.32 -10.96
CA LEU B 32 -32.25 -51.94 -11.15
C LEU B 32 -31.71 -51.71 -12.54
N LYS B 33 -32.41 -50.91 -13.33
CA LYS B 33 -32.01 -50.70 -14.70
C LYS B 33 -31.14 -49.47 -14.86
N VAL B 34 -29.90 -49.70 -15.29
CA VAL B 34 -28.99 -48.59 -15.49
C VAL B 34 -28.60 -48.47 -16.97
N MET B 35 -28.29 -47.24 -17.35
CA MET B 35 -27.91 -46.85 -18.70
C MET B 35 -26.55 -46.20 -18.69
N LEU B 36 -25.65 -46.60 -19.56
CA LEU B 36 -24.34 -46.00 -19.60
C LEU B 36 -24.21 -45.29 -20.90
N ILE B 37 -24.15 -43.96 -20.88
CA ILE B 37 -24.07 -43.22 -22.11
C ILE B 37 -22.67 -42.72 -22.35
N GLU B 38 -22.07 -43.16 -23.44
CA GLU B 38 -20.72 -42.79 -23.75
C GLU B 38 -20.69 -42.13 -25.09
N GLY B 39 -19.94 -41.04 -25.17
CA GLY B 39 -19.81 -40.28 -26.40
C GLY B 39 -18.75 -40.80 -27.33
N GLY B 40 -17.98 -41.80 -26.91
CA GLY B 40 -16.94 -42.34 -27.76
C GLY B 40 -17.31 -43.67 -28.37
N ALA B 41 -16.37 -44.31 -29.06
CA ALA B 41 -16.67 -45.58 -29.69
C ALA B 41 -16.69 -46.68 -28.66
N ASN B 42 -17.36 -47.79 -28.95
CA ASN B 42 -17.22 -48.93 -28.08
C ASN B 42 -15.81 -49.48 -28.25
N ASN B 43 -15.23 -49.96 -27.16
CA ASN B 43 -13.88 -50.51 -27.20
C ASN B 43 -13.86 -52.01 -27.17
N ARG B 44 -15.03 -52.63 -27.24
CA ARG B 44 -15.12 -54.08 -27.13
C ARG B 44 -14.49 -54.79 -28.31
N ASP B 45 -13.33 -55.37 -28.03
CA ASP B 45 -12.54 -56.16 -28.97
C ASP B 45 -11.81 -55.37 -30.05
N ASP B 46 -10.63 -54.89 -29.67
CA ASP B 46 -9.59 -54.42 -30.57
C ASP B 46 -8.31 -54.25 -29.72
N PRO B 47 -7.23 -54.94 -30.12
CA PRO B 47 -5.94 -54.91 -29.43
C PRO B 47 -5.09 -53.69 -29.75
N VAL B 59 0.17 -40.47 -29.03
CA VAL B 59 -1.16 -39.91 -28.75
C VAL B 59 -1.58 -38.53 -29.38
N PRO B 60 -0.86 -38.00 -30.41
CA PRO B 60 -1.36 -36.78 -31.08
C PRO B 60 -2.22 -37.05 -32.34
N ASN B 61 -3.08 -36.10 -32.66
CA ASN B 61 -3.96 -36.19 -33.84
C ASN B 61 -3.16 -36.23 -35.15
N ASP B 62 -3.13 -37.41 -35.76
CA ASP B 62 -2.42 -37.63 -37.02
C ASP B 62 -3.43 -37.63 -38.17
N GLY B 63 -4.67 -37.27 -37.84
CA GLY B 63 -5.80 -37.36 -38.75
C GLY B 63 -6.40 -38.75 -38.71
N VAL B 64 -5.63 -39.69 -38.17
CA VAL B 64 -6.03 -41.09 -38.06
C VAL B 64 -6.44 -41.38 -36.61
N ASN B 65 -6.43 -40.33 -35.79
CA ASN B 65 -6.87 -40.43 -34.39
C ASN B 65 -8.26 -39.88 -34.14
N ASP B 66 -9.11 -40.75 -33.62
CA ASP B 66 -10.47 -40.41 -33.24
C ASP B 66 -10.69 -40.80 -31.80
N LYS B 67 -9.65 -41.33 -31.15
CA LYS B 67 -9.82 -41.89 -29.81
C LYS B 67 -9.60 -40.86 -28.72
N ALA B 68 -9.43 -39.61 -29.11
CA ALA B 68 -9.29 -38.56 -28.11
C ALA B 68 -9.89 -37.29 -28.65
N THR B 69 -10.39 -36.45 -27.75
CA THR B 69 -10.87 -35.14 -28.16
C THR B 69 -9.86 -34.13 -27.67
N PHE B 70 -9.55 -33.14 -28.49
CA PHE B 70 -8.43 -32.26 -28.22
C PHE B 70 -8.80 -30.85 -27.83
N TYR B 71 -8.47 -30.43 -26.61
CA TYR B 71 -8.77 -29.06 -26.22
C TYR B 71 -7.56 -28.14 -26.40
N VAL B 72 -7.72 -27.02 -27.09
CA VAL B 72 -6.61 -26.11 -27.29
C VAL B 72 -6.91 -24.78 -26.61
N ASP B 73 -5.90 -24.21 -25.98
CA ASP B 73 -6.03 -22.91 -25.33
C ASP B 73 -6.65 -21.90 -26.28
N THR B 74 -7.75 -21.31 -25.87
CA THR B 74 -8.43 -20.32 -26.70
C THR B 74 -7.51 -19.15 -27.03
N MET B 75 -6.71 -18.71 -26.07
CA MET B 75 -5.78 -17.62 -26.34
C MET B 75 -4.32 -17.92 -25.94
N LYS B 76 -3.35 -17.32 -26.63
CA LYS B 76 -1.96 -17.57 -26.30
C LYS B 76 -1.61 -17.22 -24.86
N SER B 77 -0.83 -18.07 -24.22
CA SER B 77 -0.44 -17.84 -22.84
C SER B 77 0.89 -17.14 -22.78
N SER B 78 0.92 -15.96 -22.17
CA SER B 78 2.17 -15.26 -22.06
C SER B 78 3.12 -16.07 -21.23
N HIS B 79 2.55 -16.86 -20.32
CA HIS B 79 3.35 -17.68 -19.43
C HIS B 79 4.15 -18.74 -20.16
N LEU B 80 3.59 -19.24 -21.24
CA LEU B 80 4.21 -20.28 -22.01
C LEU B 80 4.87 -19.67 -23.22
N ARG B 81 5.19 -18.40 -23.10
CA ARG B 81 5.87 -17.65 -24.14
C ARG B 81 5.15 -17.71 -25.48
N GLY B 82 3.86 -17.46 -25.47
CA GLY B 82 3.08 -17.36 -26.68
C GLY B 82 2.57 -18.66 -27.24
N ARG B 83 2.49 -19.69 -26.42
CA ARG B 83 1.99 -20.97 -26.88
C ARG B 83 0.51 -21.09 -26.63
N GLN B 84 -0.14 -21.91 -27.42
CA GLN B 84 -1.47 -22.37 -27.08
C GLN B 84 -1.33 -23.84 -26.72
N SER B 85 -1.44 -24.14 -25.43
CA SER B 85 -1.27 -25.50 -24.95
C SER B 85 -2.43 -26.37 -25.37
N ILE B 86 -2.16 -27.64 -25.60
CA ILE B 86 -3.18 -28.58 -26.00
C ILE B 86 -3.35 -29.71 -24.99
N VAL B 87 -4.55 -29.86 -24.45
CA VAL B 87 -4.88 -30.95 -23.55
C VAL B 87 -5.90 -31.89 -24.17
N PRO B 88 -5.45 -33.07 -24.61
CA PRO B 88 -6.39 -34.06 -25.14
C PRO B 88 -6.93 -34.94 -24.05
N CYS B 89 -8.20 -35.32 -24.11
CA CYS B 89 -8.69 -36.31 -23.16
C CYS B 89 -9.38 -37.42 -23.93
N ALA B 90 -9.73 -38.49 -23.24
CA ALA B 90 -10.20 -39.70 -23.88
C ALA B 90 -11.57 -39.60 -24.53
N ASN B 91 -11.70 -40.28 -25.65
CA ASN B 91 -12.94 -40.31 -26.40
C ASN B 91 -13.23 -41.74 -26.84
N ILE B 92 -13.29 -42.62 -25.86
CA ILE B 92 -13.43 -44.04 -26.11
C ILE B 92 -14.03 -44.67 -24.87
N LEU B 93 -14.72 -45.79 -25.01
CA LEU B 93 -15.26 -46.48 -23.86
C LEU B 93 -14.14 -46.90 -22.93
N GLY B 94 -14.30 -46.72 -21.64
CA GLY B 94 -13.22 -47.04 -20.73
C GLY B 94 -12.42 -45.80 -20.39
N GLY B 95 -12.65 -44.73 -21.13
CA GLY B 95 -11.96 -43.47 -20.88
C GLY B 95 -10.48 -43.58 -21.07
N GLY B 96 -9.70 -42.81 -20.31
CA GLY B 96 -8.26 -42.84 -20.44
C GLY B 96 -7.65 -44.23 -20.33
N SER B 97 -8.32 -45.13 -19.63
CA SER B 97 -7.79 -46.46 -19.39
C SER B 97 -7.75 -47.27 -20.68
N SER B 98 -8.42 -46.78 -21.71
CA SER B 98 -8.41 -47.49 -22.97
C SER B 98 -7.37 -46.99 -23.95
N ILE B 99 -6.65 -45.93 -23.63
CA ILE B 99 -5.79 -45.37 -24.65
C ILE B 99 -4.32 -45.77 -24.57
N ASN B 100 -3.89 -46.39 -23.48
CA ASN B 100 -2.49 -46.80 -23.46
C ASN B 100 -2.21 -47.91 -22.51
N SER B 101 -0.99 -48.44 -22.58
CA SER B 101 -0.54 -49.37 -21.56
C SER B 101 -0.10 -48.49 -20.41
N GLN B 102 -0.84 -48.55 -19.31
CA GLN B 102 -0.73 -47.53 -18.26
C GLN B 102 0.12 -47.89 -17.04
N MET B 103 0.58 -46.84 -16.36
CA MET B 103 1.44 -46.91 -15.19
C MET B 103 0.62 -46.93 -13.94
N TYR B 104 1.06 -47.72 -12.96
CA TYR B 104 0.35 -47.85 -11.71
C TYR B 104 0.90 -46.91 -10.66
N THR B 105 0.09 -45.95 -10.18
CA THR B 105 0.55 -45.09 -9.10
C THR B 105 -0.62 -44.75 -8.19
N ARG B 106 -0.33 -44.55 -6.90
CA ARG B 106 -1.38 -44.21 -5.97
C ARG B 106 -1.04 -42.93 -5.19
N ALA B 107 -2.06 -42.16 -4.82
CA ALA B 107 -1.86 -40.90 -4.10
C ALA B 107 -1.38 -41.19 -2.72
N SER B 108 -0.78 -40.20 -2.06
CA SER B 108 -0.38 -40.32 -0.67
C SER B 108 -1.60 -40.14 0.21
N ALA B 109 -1.57 -40.68 1.42
CA ALA B 109 -2.75 -40.66 2.27
C ALA B 109 -3.19 -39.25 2.58
N SER B 110 -2.23 -38.34 2.67
CA SER B 110 -2.53 -36.94 2.92
C SER B 110 -3.37 -36.31 1.83
N ASP B 111 -3.22 -36.81 0.61
CA ASP B 111 -3.96 -36.29 -0.51
C ASP B 111 -5.42 -36.43 -0.29
N TRP B 112 -5.85 -37.60 0.16
CA TRP B 112 -7.27 -37.82 0.44
C TRP B 112 -7.66 -37.16 1.74
N ASP B 113 -6.79 -37.22 2.74
CA ASP B 113 -7.11 -36.59 4.00
C ASP B 113 -7.40 -35.11 3.81
N ASP B 114 -6.78 -34.51 2.81
CA ASP B 114 -6.95 -33.09 2.54
C ASP B 114 -8.15 -32.70 1.69
N PHE B 115 -8.99 -33.66 1.35
CA PHE B 115 -10.27 -33.35 0.75
C PHE B 115 -11.13 -32.72 1.81
N LYS B 116 -10.76 -32.99 3.07
CA LYS B 116 -11.42 -32.42 4.24
C LYS B 116 -12.89 -32.67 4.18
N MET B 117 -13.26 -33.81 3.60
CA MET B 117 -14.66 -34.18 3.44
C MET B 117 -14.98 -35.43 4.22
N GLU B 118 -16.09 -35.42 4.96
CA GLU B 118 -16.46 -36.57 5.77
C GLU B 118 -16.66 -37.77 4.90
N GLY B 119 -16.05 -38.88 5.26
CA GLY B 119 -16.22 -40.12 4.54
C GLY B 119 -15.18 -40.29 3.46
N TRP B 120 -14.28 -39.33 3.33
CA TRP B 120 -13.27 -39.39 2.28
C TRP B 120 -11.86 -39.35 2.83
N THR B 121 -11.68 -39.63 4.11
CA THR B 121 -10.34 -39.64 4.66
C THR B 121 -9.58 -40.86 4.19
N ALA B 122 -8.30 -40.94 4.46
CA ALA B 122 -7.52 -42.06 3.98
C ALA B 122 -8.08 -43.36 4.51
N ASN B 123 -8.36 -43.45 5.80
CA ASN B 123 -8.89 -44.70 6.40
C ASN B 123 -10.26 -45.04 5.88
N ASP B 124 -10.95 -44.00 5.44
CA ASP B 124 -12.27 -44.15 4.88
C ASP B 124 -12.17 -44.90 3.60
N LEU B 125 -11.18 -44.54 2.80
CA LEU B 125 -11.10 -45.05 1.46
C LEU B 125 -10.22 -46.28 1.31
N LEU B 126 -9.39 -46.58 2.31
CA LEU B 126 -8.51 -47.73 2.17
C LEU B 126 -9.23 -49.01 1.74
N PRO B 127 -10.37 -49.36 2.39
CA PRO B 127 -11.04 -50.57 1.94
C PRO B 127 -11.37 -50.54 0.48
N LEU B 128 -11.74 -49.38 -0.02
CA LEU B 128 -12.11 -49.28 -1.41
C LEU B 128 -10.91 -49.43 -2.29
N MET B 129 -9.79 -48.84 -1.90
CA MET B 129 -8.57 -48.95 -2.67
C MET B 129 -8.20 -50.39 -2.84
N LYS B 130 -8.41 -51.17 -1.78
CA LYS B 130 -8.15 -52.59 -1.87
C LYS B 130 -9.23 -53.25 -2.71
N ARG B 131 -10.41 -52.68 -2.67
CA ARG B 131 -11.56 -53.34 -3.24
C ARG B 131 -11.46 -53.44 -4.73
N LEU B 132 -10.77 -52.49 -5.34
CA LEU B 132 -10.72 -52.41 -6.78
C LEU B 132 -9.48 -53.06 -7.35
N GLU B 133 -8.55 -53.48 -6.50
CA GLU B 133 -7.29 -53.94 -7.04
C GLU B 133 -7.21 -55.44 -7.18
N ASN B 134 -6.49 -55.88 -8.20
CA ASN B 134 -6.03 -57.26 -8.32
C ASN B 134 -4.51 -57.27 -8.36
N TYR B 135 -3.90 -56.97 -7.22
CA TYR B 135 -2.45 -56.85 -7.13
C TYR B 135 -1.75 -58.16 -7.43
N GLN B 136 -1.02 -58.20 -8.53
CA GLN B 136 -0.38 -59.43 -8.96
C GLN B 136 1.11 -59.45 -8.74
N LYS B 137 1.70 -58.40 -8.17
CA LYS B 137 3.08 -58.53 -7.77
C LYS B 137 3.07 -58.92 -6.29
N PRO B 138 4.16 -59.51 -5.78
CA PRO B 138 4.29 -59.79 -4.35
C PRO B 138 4.36 -58.53 -3.55
N ALA B 139 3.69 -58.48 -2.41
CA ALA B 139 3.44 -57.22 -1.73
C ALA B 139 4.09 -57.01 -0.40
N ASN B 140 4.81 -55.91 -0.25
CA ASN B 140 5.48 -55.60 1.00
C ASN B 140 4.72 -54.73 1.96
N ASN B 141 3.40 -54.82 1.94
CA ASN B 141 2.56 -54.11 2.89
C ASN B 141 1.13 -54.63 2.81
N ASP B 142 0.22 -54.03 3.57
CA ASP B 142 -1.12 -54.56 3.74
C ASP B 142 -2.14 -53.58 3.15
N THR B 143 -1.72 -52.85 2.11
CA THR B 143 -2.55 -51.82 1.51
C THR B 143 -2.97 -52.09 0.07
N HIS B 144 -2.89 -53.34 -0.40
CA HIS B 144 -3.31 -53.65 -1.76
C HIS B 144 -4.42 -54.67 -1.75
N GLY B 145 -5.05 -54.87 -2.89
CA GLY B 145 -6.17 -55.80 -2.97
C GLY B 145 -5.94 -56.99 -3.86
N TYR B 146 -6.81 -57.99 -3.76
CA TYR B 146 -6.63 -59.21 -4.54
C TYR B 146 -7.85 -59.68 -5.32
N ASP B 147 -9.05 -59.19 -5.00
CA ASP B 147 -10.23 -59.62 -5.74
C ASP B 147 -10.78 -58.58 -6.70
N GLY B 148 -10.27 -57.37 -6.63
CA GLY B 148 -10.75 -56.32 -7.48
C GLY B 148 -10.55 -56.75 -8.91
N PRO B 149 -11.25 -56.11 -9.83
CA PRO B 149 -11.23 -56.43 -11.24
C PRO B 149 -9.98 -55.91 -11.91
N ILE B 150 -9.45 -54.79 -11.46
CA ILE B 150 -8.37 -54.11 -12.18
C ILE B 150 -7.02 -54.81 -11.94
N ALA B 151 -6.51 -55.46 -12.99
CA ALA B 151 -5.33 -56.28 -12.88
C ALA B 151 -4.07 -55.47 -12.99
N ILE B 152 -3.26 -55.56 -11.94
CA ILE B 152 -2.06 -54.77 -11.82
C ILE B 152 -0.89 -55.71 -11.71
N SER B 153 0.12 -55.55 -12.53
CA SER B 153 1.25 -56.44 -12.45
C SER B 153 2.47 -55.73 -12.90
N ASN B 154 3.54 -56.48 -13.07
CA ASN B 154 4.79 -55.88 -13.45
C ASN B 154 5.09 -55.88 -14.93
N GLY B 155 4.19 -56.42 -15.74
CA GLY B 155 4.44 -56.44 -17.15
C GLY B 155 5.35 -57.58 -17.49
N GLY B 156 5.94 -57.57 -18.68
CA GLY B 156 6.79 -58.67 -19.09
C GLY B 156 8.15 -58.70 -18.43
N GLN B 157 9.09 -57.90 -18.92
CA GLN B 157 10.42 -57.88 -18.36
C GLN B 157 10.90 -56.46 -18.19
N ILE B 158 11.92 -56.28 -17.36
CA ILE B 158 12.48 -54.96 -17.11
C ILE B 158 13.68 -54.77 -18.00
N LEU B 159 13.74 -53.65 -18.69
CA LEU B 159 14.93 -53.35 -19.46
C LEU B 159 16.01 -52.92 -18.50
N PRO B 160 17.25 -53.32 -18.78
CA PRO B 160 18.42 -53.02 -17.96
C PRO B 160 18.61 -51.54 -17.72
N VAL B 161 18.18 -50.69 -18.65
CA VAL B 161 18.34 -49.26 -18.47
C VAL B 161 17.61 -48.78 -17.24
N ALA B 162 16.50 -49.44 -16.92
CA ALA B 162 15.74 -49.02 -15.76
C ALA B 162 16.55 -49.28 -14.52
N GLN B 163 17.15 -50.46 -14.45
CA GLN B 163 17.97 -50.83 -13.31
C GLN B 163 19.09 -49.84 -13.17
N ASP B 164 19.72 -49.53 -14.29
CA ASP B 164 20.76 -48.52 -14.31
C ASP B 164 20.26 -47.27 -13.62
N PHE B 165 19.10 -46.80 -14.07
CA PHE B 165 18.44 -45.61 -13.55
C PHE B 165 18.25 -45.66 -12.05
N LEU B 166 17.90 -46.84 -11.55
CA LEU B 166 17.70 -47.03 -10.13
C LEU B 166 19.01 -46.91 -9.38
N ARG B 167 20.07 -47.46 -9.95
CA ARG B 167 21.37 -47.36 -9.32
C ARG B 167 21.83 -45.94 -9.21
N ALA B 168 21.70 -45.20 -10.31
CA ALA B 168 22.07 -43.80 -10.31
C ALA B 168 21.22 -43.01 -9.36
N SER B 169 19.93 -43.33 -9.33
CA SER B 169 19.01 -42.64 -8.43
C SER B 169 19.41 -42.84 -6.98
N HIS B 170 19.76 -44.07 -6.64
CA HIS B 170 20.26 -44.33 -5.31
C HIS B 170 21.54 -43.54 -5.11
N ALA B 171 22.34 -43.47 -6.14
CA ALA B 171 23.63 -42.80 -6.05
C ALA B 171 23.46 -41.35 -5.67
N ILE B 172 22.36 -40.73 -6.05
CA ILE B 172 22.21 -39.35 -5.64
C ILE B 172 21.28 -39.18 -4.45
N GLY B 173 21.02 -40.26 -3.73
CA GLY B 173 20.35 -40.15 -2.46
C GLY B 173 18.85 -40.39 -2.53
N ILE B 174 18.40 -41.06 -3.59
CA ILE B 174 17.01 -41.46 -3.70
C ILE B 174 16.93 -42.94 -3.46
N PRO B 175 16.58 -43.32 -2.23
CA PRO B 175 16.69 -44.71 -1.81
C PRO B 175 15.81 -45.61 -2.63
N TYR B 176 16.27 -46.82 -2.87
CA TYR B 176 15.48 -47.80 -3.58
C TYR B 176 14.48 -48.36 -2.61
N SER B 177 13.24 -48.52 -3.05
CA SER B 177 12.18 -49.05 -2.20
C SER B 177 11.33 -50.06 -2.95
N ASP B 178 10.79 -51.05 -2.24
CA ASP B 178 10.05 -52.12 -2.90
C ASP B 178 8.58 -51.76 -3.21
N ASP B 179 8.07 -50.69 -2.60
CA ASP B 179 6.73 -50.19 -2.91
C ASP B 179 6.65 -48.70 -2.60
N ILE B 180 6.40 -47.89 -3.60
CA ILE B 180 6.46 -46.45 -3.42
C ILE B 180 5.03 -45.95 -3.35
N GLN B 181 4.10 -46.87 -3.59
CA GLN B 181 2.69 -46.56 -3.63
C GLN B 181 1.98 -47.03 -2.39
N ASP B 182 2.64 -46.97 -1.24
CA ASP B 182 2.03 -47.47 -0.03
C ASP B 182 1.35 -46.36 0.72
N LEU B 183 1.07 -45.27 0.00
CA LEU B 183 0.34 -44.12 0.54
C LEU B 183 1.12 -43.33 1.60
N LYS B 184 2.41 -43.63 1.74
CA LYS B 184 3.18 -43.04 2.81
C LYS B 184 4.51 -42.56 2.32
N THR B 185 4.87 -42.95 1.10
CA THR B 185 6.18 -42.63 0.55
C THR B 185 6.20 -41.33 -0.23
N SER B 186 7.24 -40.54 -0.01
CA SER B 186 7.39 -39.27 -0.68
C SER B 186 8.76 -39.11 -1.28
N HIS B 187 9.71 -39.91 -0.83
CA HIS B 187 11.04 -39.85 -1.38
C HIS B 187 11.54 -41.27 -1.56
N GLY B 188 11.46 -41.80 -2.76
CA GLY B 188 11.94 -43.13 -2.96
C GLY B 188 11.80 -43.49 -4.39
N ALA B 189 12.49 -44.55 -4.81
CA ALA B 189 12.42 -45.03 -6.17
C ALA B 189 11.89 -46.42 -6.21
N GLU B 190 11.43 -46.87 -7.37
CA GLU B 190 10.95 -48.22 -7.49
C GLU B 190 10.90 -48.71 -8.92
N ILE B 191 10.80 -50.03 -9.07
CA ILE B 191 10.45 -50.66 -10.32
C ILE B 191 8.98 -50.44 -10.53
N TRP B 192 8.62 -49.73 -11.59
CA TRP B 192 7.26 -49.25 -11.72
C TRP B 192 6.32 -50.30 -12.27
N ALA B 193 5.24 -50.56 -11.54
CA ALA B 193 4.28 -51.58 -11.96
C ALA B 193 3.27 -50.99 -12.90
N LYS B 194 2.60 -51.82 -13.69
CA LYS B 194 1.71 -51.33 -14.75
C LYS B 194 0.34 -51.99 -14.74
N TYR B 195 -0.64 -51.38 -15.38
CA TYR B 195 -1.99 -51.97 -15.46
C TYR B 195 -2.10 -53.03 -16.55
N ILE B 196 -1.44 -54.17 -16.37
CA ILE B 196 -1.44 -55.24 -17.36
C ILE B 196 -1.59 -56.57 -16.67
N ASN B 197 -2.62 -57.34 -16.96
CA ASN B 197 -2.72 -58.63 -16.29
C ASN B 197 -1.53 -59.47 -16.71
N ARG B 198 -0.69 -59.88 -15.76
CA ARG B 198 0.55 -60.55 -16.14
C ARG B 198 0.29 -61.91 -16.76
N HIS B 199 -0.84 -62.53 -16.44
CA HIS B 199 -1.16 -63.82 -17.01
C HIS B 199 -1.56 -63.75 -18.49
N THR B 200 -2.34 -62.75 -18.88
CA THR B 200 -2.86 -62.69 -20.23
C THR B 200 -2.19 -61.59 -21.02
N GLY B 201 -1.43 -60.76 -20.33
CA GLY B 201 -0.70 -59.69 -20.95
C GLY B 201 -1.58 -58.60 -21.54
N ARG B 202 -2.82 -58.53 -21.07
CA ARG B 202 -3.74 -57.55 -21.62
C ARG B 202 -3.88 -56.36 -20.71
N ARG B 203 -3.95 -55.20 -21.33
CA ARG B 203 -4.12 -53.95 -20.64
C ARG B 203 -5.47 -53.94 -19.91
N SER B 204 -5.49 -53.38 -18.71
CA SER B 204 -6.66 -53.45 -17.85
C SER B 204 -7.58 -52.23 -17.90
N ASP B 205 -8.26 -52.00 -19.02
CA ASP B 205 -9.17 -50.87 -19.09
C ASP B 205 -10.32 -51.13 -18.16
N ALA B 206 -11.01 -50.08 -17.75
CA ALA B 206 -12.07 -50.21 -16.77
C ALA B 206 -13.35 -50.77 -17.36
N ALA B 207 -13.55 -50.59 -18.65
CA ALA B 207 -14.78 -51.01 -19.27
C ALA B 207 -14.94 -52.50 -19.33
N THR B 208 -13.92 -53.21 -19.80
CA THR B 208 -14.05 -54.65 -19.91
C THR B 208 -14.14 -55.27 -18.54
N ALA B 209 -13.56 -54.61 -17.55
CA ALA B 209 -13.52 -55.17 -16.21
C ALA B 209 -14.82 -55.00 -15.47
N TYR B 210 -15.42 -53.82 -15.62
CA TYR B 210 -16.58 -53.49 -14.82
C TYR B 210 -17.87 -53.62 -15.60
N VAL B 211 -17.83 -53.19 -16.86
CA VAL B 211 -19.01 -53.18 -17.69
C VAL B 211 -19.17 -54.42 -18.55
N HIS B 212 -18.24 -54.69 -19.44
CA HIS B 212 -18.44 -55.79 -20.38
C HIS B 212 -18.60 -57.09 -19.62
N SER B 213 -17.99 -57.17 -18.45
CA SER B 213 -18.14 -58.33 -17.59
C SER B 213 -19.55 -58.49 -17.05
N VAL B 214 -20.22 -57.40 -16.72
CA VAL B 214 -21.60 -57.52 -16.25
C VAL B 214 -22.49 -57.77 -17.42
N MET B 215 -22.22 -57.11 -18.52
CA MET B 215 -23.07 -57.24 -19.68
C MET B 215 -23.04 -58.65 -20.26
N ASP B 216 -22.00 -59.42 -19.97
CA ASP B 216 -21.95 -60.78 -20.48
C ASP B 216 -22.82 -61.74 -19.69
N VAL B 217 -23.25 -61.33 -18.49
CA VAL B 217 -24.02 -62.22 -17.63
C VAL B 217 -25.36 -61.64 -17.21
N GLN B 218 -25.58 -60.35 -17.46
CA GLN B 218 -26.83 -59.69 -17.13
C GLN B 218 -27.25 -58.74 -18.25
N SER B 219 -28.46 -58.22 -18.13
CA SER B 219 -29.01 -57.43 -19.21
C SER B 219 -29.61 -56.10 -18.76
N ASN B 220 -29.36 -55.73 -17.52
CA ASN B 220 -29.89 -54.52 -16.94
C ASN B 220 -28.88 -53.39 -17.03
N LEU B 221 -27.78 -53.66 -17.70
CA LEU B 221 -26.82 -52.63 -17.98
C LEU B 221 -26.93 -52.32 -19.44
N TYR B 222 -27.58 -51.21 -19.76
CA TYR B 222 -27.78 -50.82 -21.14
C TYR B 222 -26.64 -49.95 -21.56
N LEU B 223 -25.96 -50.28 -22.66
CA LEU B 223 -24.84 -49.48 -23.11
C LEU B 223 -25.19 -48.73 -24.36
N ARG B 224 -25.05 -47.41 -24.30
CA ARG B 224 -25.39 -46.58 -25.44
C ARG B 224 -24.20 -45.73 -25.86
N CYS B 225 -23.38 -46.25 -26.75
CA CYS B 225 -22.19 -45.56 -27.20
C CYS B 225 -22.44 -44.56 -28.32
N ASN B 226 -21.35 -43.95 -28.77
CA ASN B 226 -21.40 -42.98 -29.84
C ASN B 226 -22.49 -41.96 -29.62
N ALA B 227 -22.71 -41.62 -28.36
CA ALA B 227 -23.75 -40.70 -27.98
C ALA B 227 -23.26 -39.63 -27.01
N ARG B 228 -23.23 -38.40 -27.47
CA ARG B 228 -22.67 -37.32 -26.70
C ARG B 228 -23.73 -36.66 -25.84
N VAL B 229 -23.70 -36.88 -24.54
CA VAL B 229 -24.69 -36.32 -23.64
C VAL B 229 -24.67 -34.81 -23.70
N SER B 230 -25.79 -34.23 -24.10
CA SER B 230 -25.89 -32.81 -24.24
C SER B 230 -26.21 -32.10 -22.96
N ARG B 231 -27.27 -32.51 -22.28
CA ARG B 231 -27.61 -31.81 -21.05
C ARG B 231 -28.46 -32.62 -20.10
N VAL B 232 -28.61 -32.11 -18.90
CA VAL B 232 -29.38 -32.80 -17.89
C VAL B 232 -30.78 -32.22 -17.76
N LEU B 233 -31.78 -33.09 -17.70
CA LEU B 233 -33.17 -32.68 -17.66
C LEU B 233 -33.68 -32.55 -16.25
N PHE B 234 -34.11 -31.35 -15.89
CA PHE B 234 -34.52 -31.04 -14.54
C PHE B 234 -36.01 -30.85 -14.35
N ASP B 235 -36.40 -30.95 -13.09
CA ASP B 235 -37.78 -30.84 -12.65
C ASP B 235 -38.14 -29.41 -12.29
N GLY B 236 -39.30 -29.22 -11.68
CA GLY B 236 -39.67 -27.89 -11.21
C GLY B 236 -38.95 -27.57 -9.93
N ASN B 237 -38.73 -28.59 -9.12
CA ASN B 237 -38.01 -28.43 -7.87
C ASN B 237 -36.56 -28.87 -8.07
N ASN B 238 -36.11 -28.78 -9.31
CA ASN B 238 -34.73 -29.04 -9.68
C ASN B 238 -34.28 -30.45 -9.38
N LYS B 239 -35.15 -31.42 -9.57
CA LYS B 239 -34.71 -32.81 -9.48
C LYS B 239 -34.30 -33.26 -10.87
N ALA B 240 -33.13 -33.88 -10.96
CA ALA B 240 -32.69 -34.41 -12.23
C ALA B 240 -33.65 -35.48 -12.67
N VAL B 241 -34.34 -35.22 -13.77
CA VAL B 241 -35.30 -36.20 -14.27
C VAL B 241 -34.73 -37.00 -15.42
N GLY B 242 -33.75 -36.46 -16.13
CA GLY B 242 -33.24 -37.24 -17.23
C GLY B 242 -32.04 -36.67 -17.95
N VAL B 243 -31.84 -37.08 -19.19
CA VAL B 243 -30.68 -36.70 -19.95
C VAL B 243 -31.01 -36.58 -21.41
N ALA B 244 -30.54 -35.52 -22.04
CA ALA B 244 -30.72 -35.34 -23.47
C ALA B 244 -29.40 -35.50 -24.15
N TYR B 245 -29.32 -36.41 -25.11
CA TYR B 245 -28.07 -36.61 -25.81
C TYR B 245 -28.19 -36.47 -27.31
N VAL B 246 -27.08 -36.07 -27.93
CA VAL B 246 -27.02 -35.85 -29.36
C VAL B 246 -25.95 -36.77 -29.92
N PRO B 247 -26.01 -37.08 -31.20
CA PRO B 247 -25.02 -38.01 -31.75
C PRO B 247 -23.60 -37.54 -31.62
N SER B 248 -22.65 -38.48 -31.65
CA SER B 248 -21.24 -38.21 -31.49
C SER B 248 -20.74 -37.08 -32.35
N ARG B 249 -20.84 -37.21 -33.65
CA ARG B 249 -20.44 -36.10 -34.51
C ARG B 249 -21.66 -35.44 -35.16
N ASN B 250 -21.47 -34.19 -35.54
CA ASN B 250 -22.52 -33.33 -36.05
C ASN B 250 -22.71 -33.46 -37.55
N ARG B 251 -22.84 -34.67 -38.04
CA ARG B 251 -22.86 -34.87 -39.48
C ARG B 251 -24.25 -34.64 -40.10
N ALA B 252 -25.02 -33.74 -39.50
CA ALA B 252 -26.39 -33.47 -39.94
C ALA B 252 -26.76 -32.00 -39.95
N SER B 253 -27.74 -31.64 -40.77
CA SER B 253 -28.16 -30.25 -40.85
C SER B 253 -28.92 -29.80 -39.63
N ASN B 254 -29.61 -30.74 -38.99
CA ASN B 254 -30.30 -30.44 -37.74
C ASN B 254 -29.80 -31.28 -36.60
N ILE B 255 -29.86 -30.71 -35.41
CA ILE B 255 -29.35 -31.38 -34.23
C ILE B 255 -30.48 -31.86 -33.35
N VAL B 256 -30.64 -33.17 -33.27
CA VAL B 256 -31.78 -33.76 -32.58
C VAL B 256 -31.45 -34.50 -31.30
N GLU B 257 -32.11 -34.10 -30.22
CA GLU B 257 -31.87 -34.68 -28.91
C GLU B 257 -32.71 -35.93 -28.71
N THR B 258 -32.06 -36.96 -28.19
CA THR B 258 -32.72 -38.16 -27.75
C THR B 258 -32.88 -38.04 -26.25
N VAL B 259 -34.07 -38.27 -25.74
CA VAL B 259 -34.30 -38.07 -24.32
C VAL B 259 -34.42 -39.38 -23.59
N VAL B 260 -33.79 -39.45 -22.41
CA VAL B 260 -33.93 -40.61 -21.57
C VAL B 260 -34.26 -40.21 -20.16
N LYS B 261 -35.32 -40.77 -19.60
CA LYS B 261 -35.74 -40.34 -18.29
C LYS B 261 -35.05 -41.22 -17.28
N ALA B 262 -34.86 -40.72 -16.07
CA ALA B 262 -34.21 -41.50 -15.02
C ALA B 262 -35.00 -41.46 -13.74
N ARG B 263 -35.48 -42.62 -13.32
CA ARG B 263 -36.39 -42.70 -12.21
C ARG B 263 -35.70 -42.43 -10.90
N LYS B 264 -34.43 -42.77 -10.80
CA LYS B 264 -33.79 -42.74 -9.51
C LYS B 264 -32.61 -41.78 -9.43
N MET B 265 -31.69 -41.85 -10.39
CA MET B 265 -30.45 -41.11 -10.29
C MET B 265 -29.86 -40.77 -11.66
N VAL B 266 -29.40 -39.53 -11.81
CA VAL B 266 -28.58 -39.15 -12.94
C VAL B 266 -27.18 -38.90 -12.47
N VAL B 267 -26.19 -39.41 -13.20
CA VAL B 267 -24.79 -39.37 -12.79
C VAL B 267 -23.92 -38.82 -13.88
N LEU B 268 -23.07 -37.86 -13.57
CA LEU B 268 -22.20 -37.28 -14.58
C LEU B 268 -20.77 -37.78 -14.43
N SER B 269 -20.28 -38.52 -15.41
CA SER B 269 -18.94 -39.07 -15.34
C SER B 269 -18.14 -38.79 -16.58
N SER B 270 -18.34 -37.63 -17.17
CA SER B 270 -17.73 -37.29 -18.46
C SER B 270 -16.34 -36.70 -18.34
N GLY B 271 -15.73 -36.89 -17.17
CA GLY B 271 -14.36 -36.52 -17.00
C GLY B 271 -14.27 -35.05 -16.71
N THR B 272 -13.08 -34.64 -16.30
CA THR B 272 -12.81 -33.29 -15.90
C THR B 272 -13.07 -32.27 -16.96
N LEU B 273 -12.71 -32.59 -18.19
CA LEU B 273 -12.99 -31.66 -19.27
C LEU B 273 -14.41 -31.78 -19.78
N GLY B 274 -15.07 -32.91 -19.57
CA GLY B 274 -16.41 -33.07 -20.12
C GLY B 274 -17.58 -32.61 -19.27
N THR B 275 -17.59 -33.00 -18.00
CA THR B 275 -18.71 -32.74 -17.12
C THR B 275 -19.04 -31.25 -16.91
N PRO B 276 -18.04 -30.39 -16.72
CA PRO B 276 -18.40 -28.98 -16.58
C PRO B 276 -19.19 -28.43 -17.76
N GLN B 277 -18.99 -28.99 -18.96
CA GLN B 277 -19.79 -28.59 -20.09
C GLN B 277 -21.21 -29.11 -19.98
N ILE B 278 -21.38 -30.36 -19.60
CA ILE B 278 -22.73 -30.87 -19.41
C ILE B 278 -23.51 -30.02 -18.42
N LEU B 279 -22.93 -29.79 -17.26
CA LEU B 279 -23.61 -28.99 -16.26
C LEU B 279 -23.86 -27.59 -16.76
N GLU B 280 -22.87 -26.94 -17.33
CA GLU B 280 -23.07 -25.56 -17.73
C GLU B 280 -24.12 -25.42 -18.80
N ARG B 281 -24.24 -26.38 -19.70
CA ARG B 281 -25.29 -26.24 -20.69
C ARG B 281 -26.57 -26.90 -20.20
N SER B 282 -26.55 -27.42 -18.98
CA SER B 282 -27.79 -27.91 -18.37
C SER B 282 -28.43 -26.82 -17.52
N GLY B 283 -27.69 -25.76 -17.27
CA GLY B 283 -28.21 -24.62 -16.56
C GLY B 283 -27.59 -24.50 -15.20
N VAL B 284 -26.70 -25.42 -14.89
CA VAL B 284 -25.99 -25.41 -13.62
C VAL B 284 -24.60 -24.87 -13.85
N GLY B 285 -24.33 -23.69 -13.34
CA GLY B 285 -23.02 -23.09 -13.50
C GLY B 285 -23.02 -21.62 -13.14
N ASN B 286 -22.00 -20.91 -13.57
CA ASN B 286 -21.91 -19.48 -13.30
C ASN B 286 -23.09 -18.74 -13.87
N ALA B 287 -23.88 -18.10 -13.05
CA ALA B 287 -25.11 -17.46 -13.52
C ALA B 287 -24.88 -16.40 -14.58
N GLU B 288 -23.78 -15.68 -14.45
CA GLU B 288 -23.50 -14.61 -15.39
C GLU B 288 -23.21 -15.21 -16.75
N LEU B 289 -22.47 -16.30 -16.77
CA LEU B 289 -22.19 -16.98 -18.01
C LEU B 289 -23.50 -17.45 -18.64
N LEU B 290 -24.34 -18.15 -17.89
CA LEU B 290 -25.57 -18.70 -18.44
C LEU B 290 -26.53 -17.64 -18.93
N LYS B 291 -26.62 -16.55 -18.19
CA LYS B 291 -27.46 -15.42 -18.56
C LYS B 291 -26.94 -14.85 -19.86
N LYS B 292 -25.63 -14.86 -20.04
CA LYS B 292 -25.09 -14.38 -21.32
C LYS B 292 -25.45 -15.34 -22.46
N LEU B 293 -25.77 -16.58 -22.13
CA LEU B 293 -25.93 -17.62 -23.14
C LEU B 293 -27.35 -18.13 -23.32
N ASP B 294 -28.34 -17.38 -22.83
CA ASP B 294 -29.74 -17.76 -22.99
C ASP B 294 -29.97 -19.16 -22.42
N ILE B 295 -29.16 -19.54 -21.46
CA ILE B 295 -29.42 -20.80 -20.80
C ILE B 295 -30.19 -20.57 -19.50
N PRO B 296 -31.37 -21.18 -19.38
CA PRO B 296 -32.14 -21.08 -18.16
C PRO B 296 -31.35 -21.55 -16.96
N VAL B 297 -31.23 -20.74 -15.91
CA VAL B 297 -30.43 -21.14 -14.77
C VAL B 297 -31.20 -22.05 -13.86
N VAL B 298 -30.63 -23.23 -13.61
CA VAL B 298 -31.22 -24.22 -12.71
C VAL B 298 -30.59 -24.10 -11.36
N SER B 299 -29.28 -23.87 -11.35
CA SER B 299 -28.57 -23.68 -10.11
C SER B 299 -27.33 -22.83 -10.33
N ASP B 300 -27.17 -21.78 -9.52
CA ASP B 300 -26.05 -20.86 -9.67
C ASP B 300 -24.80 -21.29 -8.93
N LEU B 301 -23.84 -21.84 -9.67
CA LEU B 301 -22.58 -22.35 -9.12
C LEU B 301 -21.38 -21.83 -9.88
N PRO B 302 -20.77 -20.72 -9.46
CA PRO B 302 -19.66 -20.16 -10.21
C PRO B 302 -18.42 -21.04 -10.25
N GLY B 303 -18.39 -22.08 -9.44
CA GLY B 303 -17.23 -22.95 -9.39
C GLY B 303 -17.13 -23.95 -10.52
N VAL B 304 -18.21 -24.11 -11.28
CA VAL B 304 -18.22 -25.09 -12.35
C VAL B 304 -17.29 -24.71 -13.47
N GLY B 305 -16.28 -25.53 -13.69
CA GLY B 305 -15.37 -25.28 -14.78
C GLY B 305 -14.16 -24.53 -14.33
N GLU B 306 -14.18 -24.07 -13.09
CA GLU B 306 -13.06 -23.32 -12.55
C GLU B 306 -12.11 -24.25 -11.83
N GLU B 307 -10.94 -23.75 -11.45
CA GLU B 307 -9.99 -24.54 -10.69
C GLU B 307 -9.56 -25.78 -11.44
N TYR B 308 -9.32 -25.67 -12.74
CA TYR B 308 -8.84 -26.79 -13.51
C TYR B 308 -7.43 -27.15 -13.12
N GLN B 309 -7.20 -28.40 -12.74
CA GLN B 309 -5.85 -28.79 -12.34
C GLN B 309 -5.33 -29.99 -13.11
N ASP B 310 -4.02 -30.16 -13.11
CA ASP B 310 -3.34 -31.17 -13.93
C ASP B 310 -2.01 -31.56 -13.32
N HIS B 311 -1.25 -32.38 -14.02
CA HIS B 311 0.14 -32.59 -13.68
C HIS B 311 0.97 -32.17 -14.85
N TYR B 312 1.91 -31.26 -14.61
CA TYR B 312 2.65 -30.62 -15.66
C TYR B 312 3.92 -31.42 -15.94
N THR B 313 4.09 -31.85 -17.18
CA THR B 313 5.17 -32.77 -17.55
C THR B 313 6.28 -32.10 -18.31
N THR B 314 7.53 -32.39 -17.95
CA THR B 314 8.66 -32.02 -18.78
C THR B 314 9.47 -33.27 -19.12
N LEU B 315 10.09 -33.26 -20.28
CA LEU B 315 10.84 -34.39 -20.76
C LEU B 315 12.27 -33.99 -21.06
N SER B 316 13.23 -34.62 -20.40
CA SER B 316 14.64 -34.42 -20.70
C SER B 316 15.20 -35.56 -21.53
N ILE B 317 15.64 -35.28 -22.75
CA ILE B 317 16.20 -36.32 -23.60
C ILE B 317 17.72 -36.48 -23.51
N TYR B 318 18.20 -37.70 -23.22
CA TYR B 318 19.64 -37.98 -23.20
C TYR B 318 19.98 -39.11 -24.13
N ARG B 319 21.21 -39.11 -24.64
CA ARG B 319 21.68 -40.15 -25.55
C ARG B 319 22.39 -41.32 -24.88
N VAL B 320 22.14 -42.55 -25.32
CA VAL B 320 22.79 -43.68 -24.69
C VAL B 320 23.59 -44.57 -25.65
N SER B 321 24.41 -45.44 -25.09
CA SER B 321 25.30 -46.31 -25.84
C SER B 321 24.59 -47.26 -26.78
N ASN B 322 25.20 -47.56 -27.93
CA ASN B 322 24.55 -48.38 -28.95
C ASN B 322 24.32 -49.78 -28.43
N GLU B 323 25.06 -50.15 -27.42
CA GLU B 323 24.86 -51.46 -26.87
C GLU B 323 23.55 -51.53 -26.10
N THR B 324 23.02 -50.37 -25.71
CA THR B 324 21.82 -50.35 -24.88
C THR B 324 20.61 -50.80 -25.67
N GLU B 325 19.73 -51.59 -25.08
CA GLU B 325 18.49 -51.97 -25.77
C GLU B 325 17.37 -51.01 -25.43
N THR B 326 16.99 -50.19 -26.39
CA THR B 326 15.89 -49.26 -26.19
C THR B 326 14.83 -49.45 -27.26
N LEU B 327 13.82 -48.60 -27.21
CA LEU B 327 12.65 -48.74 -28.07
C LEU B 327 12.77 -47.96 -29.35
N ASP B 328 13.93 -47.40 -29.60
CA ASP B 328 14.04 -46.42 -30.66
C ASP B 328 13.78 -47.03 -32.01
N GLU B 329 14.34 -48.17 -32.31
CA GLU B 329 14.12 -48.76 -33.62
C GLU B 329 12.67 -49.11 -33.81
N PHE B 330 12.00 -49.47 -32.73
CA PHE B 330 10.60 -49.82 -32.84
C PHE B 330 9.86 -48.58 -33.24
N LEU B 331 10.17 -47.48 -32.57
CA LEU B 331 9.47 -46.23 -32.81
C LEU B 331 9.80 -45.62 -34.18
N ARG B 332 10.98 -45.91 -34.71
CA ARG B 332 11.33 -45.44 -36.03
C ARG B 332 10.66 -46.32 -37.03
N GLY B 333 10.37 -47.55 -36.62
CA GLY B 333 9.64 -48.42 -37.50
C GLY B 333 10.43 -49.32 -38.41
N ASP B 334 11.70 -49.59 -38.11
CA ASP B 334 12.49 -50.45 -38.99
C ASP B 334 11.71 -51.74 -39.11
N LYS B 335 11.78 -52.40 -40.24
CA LYS B 335 10.87 -53.52 -40.45
C LYS B 335 11.35 -54.82 -39.83
N ASP B 336 12.60 -54.87 -39.39
CA ASP B 336 13.12 -56.12 -38.86
C ASP B 336 12.89 -56.20 -37.37
N THR B 337 12.56 -55.07 -36.76
CA THR B 337 12.32 -55.02 -35.33
C THR B 337 10.83 -55.07 -35.05
N GLN B 338 10.03 -54.48 -35.92
CA GLN B 338 8.57 -54.51 -35.79
C GLN B 338 8.05 -55.93 -35.94
N ARG B 339 8.67 -56.69 -36.84
CA ARG B 339 8.27 -58.08 -37.07
C ARG B 339 8.62 -58.94 -35.88
N GLU B 340 9.81 -58.70 -35.32
CA GLU B 340 10.30 -59.44 -34.16
C GLU B 340 9.45 -59.17 -32.91
N LEU B 341 9.22 -57.89 -32.64
CA LEU B 341 8.43 -57.50 -31.48
C LEU B 341 6.99 -57.97 -31.61
N PHE B 342 6.41 -57.89 -32.81
CA PHE B 342 5.03 -58.37 -32.98
C PHE B 342 4.96 -59.88 -32.84
N ALA B 343 5.96 -60.58 -33.37
CA ALA B 343 6.04 -62.02 -33.20
C ALA B 343 6.09 -62.36 -31.71
N GLU B 344 6.90 -61.63 -30.97
CA GLU B 344 7.07 -61.90 -29.55
C GLU B 344 5.80 -61.60 -28.75
N TRP B 345 5.12 -60.50 -29.07
CA TRP B 345 3.90 -60.13 -28.35
C TRP B 345 2.69 -60.98 -28.73
N GLU B 346 2.75 -61.59 -29.91
CA GLU B 346 1.67 -62.47 -30.35
C GLU B 346 1.82 -63.88 -29.79
N THR B 347 3.03 -64.42 -29.91
CA THR B 347 3.27 -65.82 -29.56
C THR B 347 3.53 -66.02 -28.06
N SER B 348 4.01 -64.98 -27.39
CA SER B 348 4.28 -65.06 -25.95
C SER B 348 4.07 -63.74 -25.21
N PRO B 349 2.81 -63.28 -25.09
CA PRO B 349 2.51 -61.99 -24.45
C PRO B 349 2.84 -62.00 -22.96
N ASN B 350 2.97 -63.20 -22.42
CA ASN B 350 3.27 -63.43 -21.01
C ASN B 350 4.52 -62.64 -20.56
N LYS B 351 5.64 -62.91 -21.22
CA LYS B 351 6.89 -62.20 -20.95
C LYS B 351 7.41 -61.58 -22.24
N ALA B 352 6.69 -60.59 -22.76
CA ALA B 352 7.06 -59.94 -24.02
C ALA B 352 7.49 -58.48 -23.82
N ARG B 353 8.45 -58.03 -24.62
CA ARG B 353 8.99 -56.68 -24.48
C ARG B 353 7.93 -55.63 -24.78
N LEU B 354 7.00 -55.97 -25.65
CA LEU B 354 5.90 -55.07 -26.00
C LEU B 354 4.82 -55.07 -24.92
N SER B 355 4.85 -56.11 -24.07
CA SER B 355 3.95 -56.23 -22.92
C SER B 355 4.32 -55.24 -21.81
N SER B 356 5.32 -54.42 -22.07
CA SER B 356 5.75 -53.38 -21.15
C SER B 356 5.46 -52.04 -21.84
N ASN B 357 5.49 -50.95 -21.10
CA ASN B 357 5.42 -49.66 -21.76
C ASN B 357 6.80 -49.02 -21.83
N ALA B 358 7.84 -49.81 -21.61
CA ALA B 358 9.21 -49.30 -21.65
C ALA B 358 9.45 -48.18 -20.63
N ILE B 359 8.54 -48.04 -19.70
CA ILE B 359 8.76 -47.20 -18.54
C ILE B 359 8.79 -48.08 -17.33
N ASP B 360 9.96 -48.59 -16.95
CA ASP B 360 9.99 -49.61 -15.93
C ASP B 360 10.41 -49.16 -14.53
N ALA B 361 10.88 -47.94 -14.39
CA ALA B 361 11.33 -47.51 -13.08
C ALA B 361 11.28 -46.01 -12.93
N GLY B 362 11.01 -45.52 -11.72
CA GLY B 362 10.95 -44.09 -11.49
C GLY B 362 10.97 -43.76 -10.01
N PHE B 363 10.78 -42.49 -9.64
CA PHE B 363 10.78 -42.12 -8.21
C PHE B 363 9.85 -40.98 -7.85
N LYS B 364 9.52 -40.87 -6.57
CA LYS B 364 8.87 -39.68 -6.02
C LYS B 364 9.89 -38.97 -5.18
N ILE B 365 10.12 -37.68 -5.38
CA ILE B 365 11.17 -37.01 -4.62
C ILE B 365 10.69 -35.76 -3.94
N ARG B 366 11.41 -35.37 -2.89
CA ARG B 366 11.10 -34.21 -2.09
C ARG B 366 12.38 -33.43 -1.89
N PRO B 367 12.30 -32.10 -1.88
CA PRO B 367 13.50 -31.27 -1.72
C PRO B 367 14.06 -31.19 -0.30
N THR B 368 15.39 -31.07 -0.24
CA THR B 368 16.12 -30.94 1.01
C THR B 368 16.18 -29.52 1.48
N GLU B 369 16.29 -29.35 2.79
CA GLU B 369 16.25 -28.06 3.44
C GLU B 369 17.27 -27.12 2.84
N GLU B 370 18.34 -27.71 2.32
CA GLU B 370 19.40 -27.00 1.62
C GLU B 370 18.98 -26.55 0.24
N GLU B 371 18.26 -27.42 -0.45
CA GLU B 371 17.82 -27.12 -1.79
C GLU B 371 16.72 -26.09 -1.74
N LEU B 372 15.91 -26.14 -0.68
CA LEU B 372 14.83 -25.19 -0.50
C LEU B 372 15.35 -23.78 -0.50
N LYS B 373 16.56 -23.62 0.01
CA LYS B 373 17.14 -22.31 0.20
C LYS B 373 17.45 -21.64 -1.11
N GLU B 374 17.36 -22.38 -2.20
CA GLU B 374 17.67 -21.79 -3.49
C GLU B 374 16.49 -21.83 -4.47
N MET B 375 15.28 -22.05 -3.97
CA MET B 375 14.14 -22.18 -4.85
C MET B 375 13.21 -20.97 -4.82
N GLY B 376 13.58 -19.97 -4.04
CA GLY B 376 12.91 -18.69 -4.11
C GLY B 376 11.73 -18.45 -3.21
N PRO B 377 11.31 -17.18 -3.15
CA PRO B 377 10.24 -16.71 -2.30
C PRO B 377 8.95 -17.47 -2.54
N GLU B 378 8.50 -17.51 -3.79
CA GLU B 378 7.25 -18.15 -4.14
C GLU B 378 7.13 -19.57 -3.69
N PHE B 379 8.06 -20.41 -4.15
CA PHE B 379 7.94 -21.80 -3.81
C PHE B 379 8.19 -22.02 -2.36
N ASN B 380 8.99 -21.18 -1.71
CA ASN B 380 9.21 -21.42 -0.28
C ASN B 380 7.97 -21.08 0.50
N GLU B 381 7.22 -20.09 0.05
CA GLU B 381 5.97 -19.82 0.70
C GLU B 381 5.03 -20.98 0.47
N LEU B 382 4.87 -21.38 -0.78
CA LEU B 382 4.01 -22.53 -1.11
C LEU B 382 4.39 -23.75 -0.31
N TRP B 383 5.68 -23.91 -0.09
CA TRP B 383 6.18 -25.05 0.65
C TRP B 383 5.75 -24.90 2.10
N ASP B 384 5.94 -23.71 2.67
CA ASP B 384 5.58 -23.45 4.06
C ASP B 384 4.11 -23.69 4.30
N ARG B 385 3.33 -23.45 3.26
CA ARG B 385 1.88 -23.53 3.34
C ARG B 385 1.32 -24.92 3.06
N TYR B 386 1.95 -25.68 2.16
CA TYR B 386 1.35 -26.89 1.62
C TYR B 386 2.08 -28.18 1.95
N PHE B 387 3.42 -28.18 1.85
CA PHE B 387 4.22 -29.40 1.93
C PHE B 387 4.90 -29.62 3.25
N LYS B 388 5.25 -28.55 3.94
CA LYS B 388 6.11 -28.64 5.10
C LYS B 388 5.58 -29.60 6.16
N ASP B 389 4.28 -29.53 6.40
CA ASP B 389 3.62 -30.26 7.46
C ASP B 389 3.03 -31.58 6.99
N LYS B 390 3.18 -31.89 5.72
CA LYS B 390 2.72 -33.16 5.18
C LYS B 390 3.88 -33.92 4.57
N PRO B 391 4.56 -34.74 5.36
CA PRO B 391 5.81 -35.32 4.89
C PRO B 391 5.67 -36.38 3.80
N ASP B 392 4.44 -36.77 3.49
CA ASP B 392 4.22 -37.85 2.55
C ASP B 392 3.87 -37.35 1.18
N LYS B 393 3.85 -36.04 1.01
CA LYS B 393 3.57 -35.49 -0.30
C LYS B 393 4.86 -35.23 -1.04
N PRO B 394 5.06 -35.91 -2.16
CA PRO B 394 6.24 -35.71 -2.99
C PRO B 394 6.09 -34.46 -3.79
N VAL B 395 7.17 -33.79 -4.16
CA VAL B 395 7.05 -32.59 -4.97
C VAL B 395 7.10 -32.92 -6.45
N MET B 396 8.00 -33.82 -6.83
CA MET B 396 8.15 -34.19 -8.23
C MET B 396 8.03 -35.68 -8.48
N PHE B 397 7.65 -36.03 -9.69
CA PHE B 397 7.76 -37.38 -10.15
C PHE B 397 8.79 -37.38 -11.25
N GLY B 398 9.62 -38.40 -11.30
CA GLY B 398 10.54 -38.60 -12.41
C GLY B 398 10.53 -40.06 -12.80
N SER B 399 10.86 -40.37 -14.04
CA SER B 399 10.90 -41.75 -14.47
C SER B 399 11.60 -41.89 -15.79
N ILE B 400 12.06 -43.09 -16.12
CA ILE B 400 12.85 -43.26 -17.32
C ILE B 400 12.17 -44.05 -18.42
N VAL B 401 12.12 -43.46 -19.60
CA VAL B 401 11.57 -44.11 -20.76
C VAL B 401 12.69 -44.66 -21.61
N ALA B 402 12.64 -45.96 -21.82
CA ALA B 402 13.66 -46.63 -22.58
C ALA B 402 13.48 -46.38 -24.04
N GLY B 403 13.70 -45.14 -24.43
CA GLY B 403 13.58 -44.75 -25.82
C GLY B 403 13.40 -43.27 -25.84
N ALA B 404 13.35 -42.69 -27.01
CA ALA B 404 13.19 -41.27 -27.08
C ALA B 404 11.74 -40.98 -27.38
N TYR B 405 11.07 -40.35 -26.43
CA TYR B 405 9.70 -39.89 -26.57
C TYR B 405 9.63 -38.57 -27.35
N ALA B 406 9.93 -38.60 -28.64
CA ALA B 406 9.94 -37.39 -29.43
C ALA B 406 9.83 -37.66 -30.91
N ASP B 407 9.61 -36.62 -31.71
CA ASP B 407 9.50 -36.80 -33.15
C ASP B 407 10.82 -37.26 -33.72
N HIS B 408 10.90 -38.52 -34.13
CA HIS B 408 12.18 -39.05 -34.56
C HIS B 408 12.66 -38.45 -35.86
N THR B 409 11.85 -37.61 -36.48
CA THR B 409 12.25 -36.90 -37.68
C THR B 409 13.01 -35.67 -37.29
N LEU B 410 13.19 -35.47 -36.00
CA LEU B 410 13.96 -34.35 -35.48
C LEU B 410 15.09 -34.80 -34.57
N LEU B 411 15.29 -36.09 -34.51
CA LEU B 411 16.32 -36.73 -33.71
C LEU B 411 17.43 -37.29 -34.54
N PRO B 412 18.67 -36.99 -34.14
CA PRO B 412 19.87 -37.59 -34.72
C PRO B 412 19.83 -39.11 -34.61
N PRO B 413 20.51 -39.82 -35.51
CA PRO B 413 20.47 -41.27 -35.41
C PRO B 413 21.08 -41.74 -34.09
N GLY B 414 20.72 -42.92 -33.62
CA GLY B 414 21.23 -43.41 -32.37
C GLY B 414 20.14 -43.85 -31.41
N LYS B 415 20.51 -44.04 -30.15
CA LYS B 415 19.57 -44.44 -29.12
C LYS B 415 19.49 -43.42 -28.00
N TYR B 416 18.33 -43.31 -27.37
CA TYR B 416 18.10 -42.30 -26.34
C TYR B 416 17.31 -42.88 -25.19
N VAL B 417 17.37 -42.22 -24.05
CA VAL B 417 16.36 -42.45 -23.03
C VAL B 417 15.82 -41.10 -22.70
N THR B 418 14.63 -41.05 -22.16
CA THR B 418 14.13 -39.75 -21.78
C THR B 418 13.58 -39.79 -20.39
N MET B 419 14.00 -38.81 -19.60
CA MET B 419 13.48 -38.57 -18.26
C MET B 419 12.17 -37.86 -18.30
N PHE B 420 11.11 -38.61 -18.11
CA PHE B 420 9.75 -38.11 -18.04
C PHE B 420 9.46 -37.73 -16.62
N GLN B 421 9.31 -36.43 -16.38
CA GLN B 421 9.11 -35.95 -15.03
C GLN B 421 7.90 -35.03 -14.95
N TYR B 422 7.09 -35.10 -13.90
CA TYR B 422 5.98 -34.17 -13.82
C TYR B 422 5.83 -33.59 -12.43
N LEU B 423 5.24 -32.39 -12.34
CA LEU B 423 5.02 -31.69 -11.07
C LEU B 423 3.81 -32.20 -10.37
N GLU B 424 3.99 -32.66 -9.13
CA GLU B 424 2.94 -33.36 -8.44
C GLU B 424 1.78 -32.50 -7.98
N TYR B 425 2.04 -31.35 -7.38
CA TYR B 425 0.94 -30.53 -6.89
C TYR B 425 1.04 -29.05 -7.28
N PRO B 426 0.77 -28.72 -8.53
CA PRO B 426 0.99 -27.39 -9.07
C PRO B 426 0.19 -26.29 -8.41
N ALA B 427 0.69 -25.07 -8.39
CA ALA B 427 -0.01 -23.96 -7.78
C ALA B 427 -0.93 -23.30 -8.77
N SER B 428 -0.66 -23.55 -10.05
CA SER B 428 -1.36 -22.90 -11.13
C SER B 428 -2.74 -23.48 -11.24
N ARG B 429 -3.69 -22.66 -11.70
CA ARG B 429 -5.05 -23.11 -11.92
C ARG B 429 -5.54 -22.59 -13.26
N GLY B 430 -6.37 -23.38 -13.94
CA GLY B 430 -6.95 -23.03 -15.22
C GLY B 430 -8.46 -23.01 -15.18
N LYS B 431 -9.11 -22.97 -16.35
CA LYS B 431 -10.58 -22.98 -16.41
C LYS B 431 -11.13 -23.50 -17.71
N ILE B 432 -12.37 -23.95 -17.71
CA ILE B 432 -13.01 -24.32 -18.96
C ILE B 432 -14.49 -23.96 -18.92
N HIS B 433 -14.96 -23.23 -19.93
CA HIS B 433 -16.32 -22.73 -19.92
C HIS B 433 -16.95 -22.85 -21.28
N ILE B 434 -18.21 -23.25 -21.35
CA ILE B 434 -18.88 -23.37 -22.65
C ILE B 434 -19.02 -22.04 -23.38
N LYS B 435 -19.01 -22.07 -24.70
CA LYS B 435 -19.18 -20.86 -25.47
C LYS B 435 -20.54 -20.77 -26.12
N SER B 436 -21.30 -21.84 -26.03
CA SER B 436 -22.61 -21.87 -26.64
C SER B 436 -23.45 -22.94 -26.00
N ALA B 437 -24.77 -22.82 -26.09
CA ALA B 437 -25.64 -23.84 -25.54
C ALA B 437 -25.53 -25.11 -26.36
N ASN B 438 -25.02 -24.93 -27.57
CA ASN B 438 -24.78 -25.99 -28.55
C ASN B 438 -23.72 -26.98 -28.11
N PRO B 439 -24.03 -28.28 -28.12
CA PRO B 439 -23.08 -29.27 -27.61
C PRO B 439 -21.91 -29.51 -28.52
N TYR B 440 -21.93 -28.92 -29.71
CA TYR B 440 -20.90 -29.21 -30.68
C TYR B 440 -19.94 -28.07 -30.88
N VAL B 441 -19.99 -27.03 -30.06
CA VAL B 441 -18.98 -25.99 -30.22
C VAL B 441 -17.86 -26.19 -29.23
N ASP B 442 -16.65 -25.97 -29.68
CA ASP B 442 -15.49 -26.07 -28.82
C ASP B 442 -15.68 -25.01 -27.74
N PRO B 443 -15.40 -25.35 -26.49
CA PRO B 443 -15.54 -24.42 -25.38
C PRO B 443 -14.38 -23.49 -25.28
N PHE B 444 -14.55 -22.41 -24.55
CA PHE B 444 -13.42 -21.65 -24.09
C PHE B 444 -12.62 -22.51 -23.15
N PHE B 445 -11.30 -22.50 -23.30
CA PHE B 445 -10.40 -23.33 -22.50
C PHE B 445 -9.10 -22.62 -22.17
N ASP B 446 -8.72 -22.67 -20.89
CA ASP B 446 -7.43 -22.17 -20.43
C ASP B 446 -6.74 -23.19 -19.57
N SER B 447 -5.66 -23.71 -20.14
CA SER B 447 -4.83 -24.75 -19.57
C SER B 447 -4.36 -24.44 -18.18
N GLY B 448 -3.97 -23.19 -17.99
CA GLY B 448 -3.52 -22.66 -16.73
C GLY B 448 -2.06 -22.93 -16.48
N PHE B 449 -1.43 -23.69 -17.36
CA PHE B 449 -0.04 -24.08 -17.18
C PHE B 449 0.84 -22.89 -16.86
N MET B 450 1.45 -22.94 -15.68
CA MET B 450 2.49 -21.99 -15.31
C MET B 450 2.03 -20.59 -15.07
N ASN B 451 0.78 -20.37 -14.76
CA ASN B 451 0.39 -18.99 -14.52
C ASN B 451 0.65 -18.60 -13.08
N ASN B 452 1.34 -19.47 -12.35
CA ASN B 452 1.82 -19.17 -11.01
C ASN B 452 3.30 -19.47 -10.86
N LYS B 453 4.13 -18.46 -10.64
CA LYS B 453 5.59 -18.62 -10.69
C LYS B 453 6.13 -19.72 -9.79
N ALA B 454 5.43 -20.02 -8.71
CA ALA B 454 5.88 -21.02 -7.76
C ALA B 454 5.96 -22.40 -8.36
N ASP B 455 5.67 -22.53 -9.63
CA ASP B 455 5.75 -23.83 -10.28
C ASP B 455 7.00 -23.99 -11.09
N PHE B 456 7.69 -22.90 -11.35
CA PHE B 456 8.92 -22.99 -12.10
C PHE B 456 10.01 -23.59 -11.24
N ALA B 457 10.12 -23.12 -10.00
CA ALA B 457 11.18 -23.55 -9.12
C ALA B 457 11.26 -25.05 -8.92
N PRO B 458 10.17 -25.72 -8.57
CA PRO B 458 10.38 -27.16 -8.39
C PRO B 458 10.68 -27.87 -9.68
N ILE B 459 9.91 -27.62 -10.73
CA ILE B 459 10.16 -28.23 -12.03
C ILE B 459 11.58 -27.98 -12.49
N ARG B 460 12.06 -26.75 -12.37
CA ARG B 460 13.46 -26.46 -12.64
C ARG B 460 14.37 -27.38 -11.87
N TRP B 461 14.16 -27.46 -10.57
CA TRP B 461 14.92 -28.36 -9.71
C TRP B 461 14.94 -29.75 -10.29
N SER B 462 13.81 -30.24 -10.74
CA SER B 462 13.76 -31.59 -11.26
C SER B 462 14.71 -31.76 -12.41
N TYR B 463 14.72 -30.79 -13.34
CA TYR B 463 15.62 -30.86 -14.48
C TYR B 463 17.02 -31.09 -14.03
N LYS B 464 17.38 -30.42 -12.94
CA LYS B 464 18.70 -30.56 -12.40
C LYS B 464 18.87 -31.98 -11.90
N VAL B 465 17.97 -32.41 -11.02
CA VAL B 465 18.09 -33.73 -10.41
C VAL B 465 18.24 -34.85 -11.41
N THR B 466 17.23 -35.03 -12.26
CA THR B 466 17.29 -36.04 -13.30
C THR B 466 18.57 -35.98 -14.08
N ARG B 467 19.04 -34.78 -14.39
CA ARG B 467 20.25 -34.66 -15.18
C ARG B 467 21.39 -35.38 -14.51
N GLU B 468 21.53 -35.14 -13.21
CA GLU B 468 22.55 -35.80 -12.45
C GLU B 468 22.39 -37.29 -12.59
N VAL B 469 21.20 -37.78 -12.37
CA VAL B 469 20.96 -39.21 -12.49
C VAL B 469 21.44 -39.69 -13.83
N ALA B 470 21.11 -38.95 -14.87
CA ALA B 470 21.45 -39.37 -16.19
C ALA B 470 22.95 -39.42 -16.38
N ARG B 471 23.69 -38.47 -15.82
CA ARG B 471 25.12 -38.46 -16.05
C ARG B 471 25.79 -39.58 -15.24
N ARG B 472 25.02 -40.21 -14.37
CA ARG B 472 25.53 -41.24 -13.51
C ARG B 472 25.06 -42.60 -13.95
N MET B 473 24.50 -42.68 -15.14
CA MET B 473 24.10 -43.96 -15.61
C MET B 473 25.20 -44.57 -16.45
N ASP B 474 25.23 -45.89 -16.51
CA ASP B 474 26.25 -46.61 -17.25
C ASP B 474 26.07 -46.49 -18.74
N ALA B 475 24.96 -45.93 -19.16
CA ALA B 475 24.69 -45.89 -20.58
C ALA B 475 24.83 -44.49 -21.12
N PHE B 476 24.82 -43.51 -20.25
CA PHE B 476 24.86 -42.11 -20.64
C PHE B 476 26.04 -41.82 -21.53
N ARG B 477 25.75 -41.38 -22.74
CA ARG B 477 26.81 -40.99 -23.69
C ARG B 477 26.65 -39.55 -24.14
N GLY B 478 25.74 -38.81 -23.55
CA GLY B 478 25.69 -37.40 -23.80
C GLY B 478 24.32 -36.82 -23.58
N GLU B 479 24.23 -35.51 -23.71
CA GLU B 479 22.97 -34.81 -23.58
C GLU B 479 22.57 -34.37 -24.98
N LEU B 480 21.28 -34.38 -25.27
CA LEU B 480 20.83 -33.93 -26.59
C LEU B 480 20.69 -32.45 -26.58
N ALA B 481 21.66 -31.78 -27.19
CA ALA B 481 21.78 -30.34 -27.10
C ALA B 481 20.52 -29.63 -27.54
N SER B 482 19.96 -30.05 -28.67
CA SER B 482 18.82 -29.34 -29.26
C SER B 482 17.59 -29.31 -28.38
N HIS B 483 17.34 -30.41 -27.69
CA HIS B 483 16.13 -30.62 -26.91
C HIS B 483 16.34 -30.30 -25.46
N HIS B 484 17.37 -29.50 -25.19
CA HIS B 484 17.71 -29.06 -23.85
C HIS B 484 17.73 -27.55 -23.76
N PRO B 485 17.76 -26.99 -22.54
CA PRO B 485 17.74 -25.55 -22.40
C PRO B 485 18.82 -24.87 -23.18
N HIS B 486 18.66 -23.60 -23.48
CA HIS B 486 19.68 -22.91 -24.22
C HIS B 486 20.64 -22.09 -23.37
N PHE B 487 21.51 -22.77 -22.67
CA PHE B 487 22.52 -22.14 -21.83
C PHE B 487 23.53 -21.36 -22.65
N HIS B 488 24.16 -20.39 -22.00
CA HIS B 488 25.27 -19.69 -22.61
C HIS B 488 26.28 -20.74 -22.96
N PRO B 489 26.80 -20.75 -24.20
CA PRO B 489 27.69 -21.80 -24.66
C PRO B 489 28.89 -21.98 -23.75
N ASN B 490 29.34 -20.87 -23.20
CA ASN B 490 30.53 -20.81 -22.38
C ASN B 490 30.28 -21.24 -20.95
N SER B 491 29.00 -21.47 -20.63
CA SER B 491 28.60 -21.82 -19.28
C SER B 491 29.12 -23.12 -18.77
N PRO B 492 29.40 -23.17 -17.46
CA PRO B 492 29.84 -24.41 -16.82
C PRO B 492 28.74 -25.43 -16.86
N ALA B 493 27.53 -24.92 -17.03
CA ALA B 493 26.31 -25.73 -17.04
C ALA B 493 25.79 -26.12 -18.43
N ALA B 494 26.53 -25.77 -19.46
CA ALA B 494 26.13 -26.06 -20.83
C ALA B 494 25.95 -27.54 -21.10
N THR B 495 25.37 -27.86 -22.25
CA THR B 495 25.09 -29.22 -22.63
C THR B 495 26.28 -29.80 -23.34
N ARG B 496 26.63 -31.05 -23.00
CA ARG B 496 27.69 -31.77 -23.66
C ARG B 496 27.09 -32.81 -24.54
N ASP B 497 27.38 -32.79 -25.83
CA ASP B 497 26.69 -33.72 -26.71
C ASP B 497 27.48 -35.03 -26.82
N ILE B 498 27.17 -35.82 -27.84
CA ILE B 498 27.60 -37.21 -27.96
C ILE B 498 29.12 -37.44 -27.93
N ASP B 499 29.53 -38.58 -27.39
CA ASP B 499 30.94 -38.95 -27.34
C ASP B 499 31.43 -39.35 -28.72
N ILE B 500 32.72 -39.18 -28.98
CA ILE B 500 33.18 -39.50 -30.32
C ILE B 500 33.17 -40.99 -30.57
N LYS B 501 33.45 -41.77 -29.55
CA LYS B 501 33.59 -43.20 -29.76
C LYS B 501 32.26 -43.75 -30.20
N THR B 502 31.22 -43.26 -29.53
CA THR B 502 29.87 -43.69 -29.82
C THR B 502 29.37 -43.15 -31.15
N ALA B 503 29.70 -41.89 -31.42
CA ALA B 503 29.29 -41.30 -32.69
C ALA B 503 29.92 -42.05 -33.84
N LYS B 504 31.15 -42.50 -33.65
CA LYS B 504 31.86 -43.28 -34.65
C LYS B 504 31.19 -44.63 -34.74
N GLU B 505 30.73 -45.13 -33.60
CA GLU B 505 30.10 -46.44 -33.60
C GLU B 505 28.85 -46.34 -34.44
N ILE B 506 28.28 -45.14 -34.57
CA ILE B 506 27.08 -44.98 -35.40
C ILE B 506 27.40 -45.03 -36.89
N TYR B 507 28.60 -44.60 -37.28
CA TYR B 507 29.01 -44.62 -38.68
C TYR B 507 30.48 -45.06 -38.84
N ARG B 522 30.01 -29.04 -28.20
CA ARG B 522 31.10 -29.52 -27.35
C ARG B 522 30.83 -30.94 -26.86
N PRO B 523 31.66 -31.90 -27.28
CA PRO B 523 31.51 -33.33 -27.00
C PRO B 523 31.74 -33.70 -25.54
N SER B 524 31.05 -34.75 -25.09
CA SER B 524 31.26 -35.24 -23.74
C SER B 524 32.57 -35.97 -23.78
N GLU B 525 33.23 -36.07 -22.64
CA GLU B 525 34.41 -36.89 -22.52
C GLU B 525 33.91 -38.29 -22.87
N PRO B 526 34.74 -39.07 -23.56
CA PRO B 526 34.33 -40.40 -24.01
C PRO B 526 33.81 -41.26 -22.87
N PHE B 527 33.20 -42.38 -23.20
CA PHE B 527 32.52 -43.18 -22.19
C PHE B 527 33.57 -43.58 -21.20
N ASP B 528 33.48 -43.04 -20.00
CA ASP B 528 34.53 -43.32 -19.04
C ASP B 528 34.11 -44.20 -17.89
N PRO B 529 34.63 -45.43 -17.89
CA PRO B 529 34.42 -46.43 -16.85
C PRO B 529 35.07 -45.89 -15.59
N SER B 530 36.16 -45.17 -15.84
CA SER B 530 36.93 -44.45 -14.83
C SER B 530 36.36 -43.06 -14.57
N LYS B 531 35.17 -42.95 -13.98
CA LYS B 531 34.65 -41.61 -13.73
C LYS B 531 34.27 -41.34 -12.29
N VAL B 532 34.71 -40.17 -11.81
CA VAL B 532 34.37 -39.68 -10.48
C VAL B 532 33.49 -38.45 -10.71
N HIS B 533 32.39 -38.32 -9.96
CA HIS B 533 31.40 -37.31 -10.33
C HIS B 533 31.22 -36.14 -9.39
N GLU B 534 31.13 -34.95 -9.98
CA GLU B 534 30.82 -33.72 -9.28
C GLU B 534 29.60 -33.03 -9.91
N ASP B 535 28.71 -32.53 -9.07
CA ASP B 535 27.47 -31.88 -9.48
C ASP B 535 27.71 -30.68 -10.36
N ILE B 536 26.84 -30.51 -11.37
CA ILE B 536 26.90 -29.36 -12.24
C ILE B 536 26.45 -28.12 -11.50
N LYS B 537 27.19 -27.02 -11.66
CA LYS B 537 26.87 -25.77 -10.97
C LYS B 537 26.14 -24.75 -11.86
N TYR B 538 25.08 -24.16 -11.32
CA TYR B 538 24.23 -23.25 -12.08
C TYR B 538 24.24 -21.82 -11.56
N THR B 539 24.20 -20.87 -12.49
CA THR B 539 24.12 -19.46 -12.16
C THR B 539 22.66 -19.06 -12.16
N LYS B 540 22.36 -17.78 -12.00
CA LYS B 540 20.98 -17.34 -12.08
C LYS B 540 20.50 -17.29 -13.51
N GLU B 541 21.40 -16.96 -14.42
CA GLU B 541 21.08 -16.90 -15.84
C GLU B 541 20.84 -18.29 -16.43
N ASP B 542 21.54 -19.28 -15.89
CA ASP B 542 21.30 -20.65 -16.25
C ASP B 542 19.92 -21.10 -15.79
N ASP B 543 19.55 -20.64 -14.58
CA ASP B 543 18.23 -20.90 -14.03
C ASP B 543 17.20 -20.33 -14.96
N GLN B 544 17.45 -19.13 -15.46
CA GLN B 544 16.51 -18.52 -16.37
C GLN B 544 16.40 -19.29 -17.68
N ALA B 545 17.50 -19.84 -18.16
CA ALA B 545 17.46 -20.67 -19.35
C ALA B 545 16.54 -21.84 -19.17
N ILE B 546 16.66 -22.47 -18.02
CA ILE B 546 15.84 -23.64 -17.71
C ILE B 546 14.38 -23.24 -17.60
N ASP B 547 14.14 -22.06 -17.05
CA ASP B 547 12.79 -21.55 -16.93
C ASP B 547 12.15 -21.36 -18.30
N ASP B 548 12.92 -20.82 -19.23
CA ASP B 548 12.40 -20.68 -20.58
C ASP B 548 12.14 -22.04 -21.21
N TRP B 549 13.02 -23.00 -20.94
CA TRP B 549 12.84 -24.36 -21.45
C TRP B 549 11.57 -24.99 -20.90
N ILE B 550 11.34 -24.83 -19.60
CA ILE B 550 10.11 -25.29 -18.97
C ILE B 550 8.88 -24.67 -19.62
N ALA B 551 8.91 -23.36 -19.80
CA ALA B 551 7.79 -22.66 -20.44
C ALA B 551 7.56 -23.12 -21.87
N ASP B 552 8.64 -23.40 -22.57
CA ASP B 552 8.56 -23.76 -23.97
C ASP B 552 8.11 -25.19 -24.21
N HIS B 553 8.40 -26.10 -23.28
CA HIS B 553 8.11 -27.51 -23.56
C HIS B 553 7.27 -28.25 -22.52
N VAL B 554 6.60 -27.53 -21.64
CA VAL B 554 5.81 -28.19 -20.63
C VAL B 554 4.51 -28.61 -21.25
N GLU B 555 4.03 -29.79 -20.86
CA GLU B 555 2.86 -30.37 -21.46
C GLU B 555 1.96 -30.95 -20.39
N THR B 556 0.75 -31.33 -20.75
CA THR B 556 -0.12 -32.04 -19.83
C THR B 556 0.43 -33.42 -19.52
N THR B 557 -0.17 -34.09 -18.54
CA THR B 557 0.15 -35.49 -18.32
C THR B 557 -1.12 -36.31 -18.47
N TRP B 558 -2.18 -35.64 -18.90
CA TRP B 558 -3.52 -36.20 -19.06
C TRP B 558 -4.13 -36.62 -17.74
N HIS B 559 -3.74 -35.97 -16.66
CA HIS B 559 -4.31 -36.27 -15.36
C HIS B 559 -5.21 -35.13 -14.91
N SER B 560 -6.11 -34.66 -15.78
CA SER B 560 -6.92 -33.49 -15.48
C SER B 560 -7.81 -33.79 -14.33
N LEU B 561 -8.04 -32.79 -13.49
CA LEU B 561 -8.92 -32.93 -12.34
C LEU B 561 -9.35 -31.59 -11.80
N GLY B 562 -10.46 -31.55 -11.09
CA GLY B 562 -10.76 -30.45 -10.20
C GLY B 562 -11.75 -29.40 -10.64
N THR B 563 -12.44 -29.61 -11.75
CA THR B 563 -13.33 -28.60 -12.26
C THR B 563 -14.66 -28.50 -11.52
N CYS B 564 -15.07 -29.55 -10.84
CA CYS B 564 -16.33 -29.50 -10.11
C CYS B 564 -16.07 -29.82 -8.66
N ALA B 565 -15.33 -28.94 -8.02
CA ALA B 565 -14.74 -29.19 -6.73
C ALA B 565 -15.73 -29.67 -5.71
N MET B 566 -15.26 -30.54 -4.82
CA MET B 566 -16.03 -30.98 -3.70
C MET B 566 -15.65 -30.18 -2.47
N LYS B 567 -16.40 -29.12 -2.23
CA LYS B 567 -16.18 -28.28 -1.07
C LYS B 567 -17.42 -27.45 -0.80
N PRO B 568 -17.51 -26.81 0.38
CA PRO B 568 -18.63 -25.95 0.70
C PRO B 568 -18.98 -25.02 -0.45
N ARG B 569 -20.25 -24.74 -0.62
CA ARG B 569 -20.65 -23.92 -1.72
C ARG B 569 -20.03 -22.56 -1.58
N GLU B 570 -19.90 -22.11 -0.35
CA GLU B 570 -19.47 -20.75 -0.08
C GLU B 570 -18.02 -20.55 -0.46
N GLN B 571 -17.32 -21.61 -0.81
CA GLN B 571 -15.94 -21.48 -1.22
C GLN B 571 -15.79 -21.62 -2.71
N GLY B 572 -16.85 -22.02 -3.37
CA GLY B 572 -16.83 -22.16 -4.80
C GLY B 572 -16.94 -23.60 -5.21
N GLY B 573 -17.49 -24.41 -4.32
CA GLY B 573 -17.63 -25.84 -4.56
C GLY B 573 -18.77 -26.14 -5.48
N VAL B 574 -18.85 -27.36 -5.98
CA VAL B 574 -19.97 -27.77 -6.83
C VAL B 574 -20.72 -28.96 -6.23
N VAL B 575 -20.07 -29.80 -5.44
CA VAL B 575 -20.80 -30.95 -4.92
C VAL B 575 -20.72 -31.17 -3.40
N ASP B 576 -21.63 -32.03 -2.94
CA ASP B 576 -21.75 -32.47 -1.57
C ASP B 576 -20.58 -33.28 -1.11
N ALA B 577 -20.64 -33.74 0.13
CA ALA B 577 -19.71 -34.77 0.60
C ALA B 577 -20.19 -36.09 0.09
N ARG B 578 -21.37 -36.07 -0.54
CA ARG B 578 -21.94 -37.25 -1.16
C ARG B 578 -22.10 -37.02 -2.63
N LEU B 579 -21.40 -36.02 -3.13
CA LEU B 579 -21.28 -35.75 -4.56
C LEU B 579 -22.59 -35.30 -5.22
N ASN B 580 -23.52 -34.75 -4.44
CA ASN B 580 -24.73 -34.21 -5.03
C ASN B 580 -24.50 -32.80 -5.49
N VAL B 581 -24.81 -32.50 -6.74
CA VAL B 581 -24.61 -31.14 -7.24
C VAL B 581 -25.47 -30.21 -6.42
N TYR B 582 -24.90 -29.13 -5.92
CA TYR B 582 -25.64 -28.21 -5.06
C TYR B 582 -26.88 -27.61 -5.67
N GLY B 583 -27.98 -27.64 -4.92
CA GLY B 583 -29.18 -27.01 -5.38
C GLY B 583 -30.03 -27.91 -6.24
N THR B 584 -29.67 -29.19 -6.32
CA THR B 584 -30.44 -30.12 -7.12
C THR B 584 -30.68 -31.42 -6.39
N GLU B 585 -31.47 -32.30 -7.00
CA GLU B 585 -31.58 -33.65 -6.48
C GLU B 585 -31.37 -34.69 -7.57
N ASN B 586 -31.03 -35.90 -7.14
CA ASN B 586 -30.80 -37.02 -8.05
C ASN B 586 -29.73 -36.74 -9.09
N LEU B 587 -28.84 -35.82 -8.79
CA LEU B 587 -27.79 -35.52 -9.71
C LEU B 587 -26.47 -35.60 -8.98
N LYS B 588 -25.55 -36.41 -9.46
CA LYS B 588 -24.25 -36.55 -8.83
C LYS B 588 -23.16 -36.43 -9.87
N CYS B 589 -22.02 -35.89 -9.47
CA CYS B 589 -20.80 -35.94 -10.28
C CYS B 589 -19.89 -36.94 -9.66
N VAL B 590 -19.60 -38.02 -10.34
CA VAL B 590 -18.62 -38.93 -9.82
C VAL B 590 -17.64 -39.24 -10.95
N ASP B 591 -16.64 -38.37 -11.04
CA ASP B 591 -15.46 -38.58 -11.84
C ASP B 591 -14.39 -37.71 -11.21
N LEU B 592 -13.32 -37.42 -11.94
CA LEU B 592 -12.20 -36.73 -11.33
C LEU B 592 -12.44 -35.28 -11.16
N SER B 593 -13.49 -34.77 -11.77
CA SER B 593 -13.71 -33.35 -11.72
C SER B 593 -14.03 -32.89 -10.30
N ILE B 594 -14.37 -33.82 -9.41
CA ILE B 594 -14.78 -33.46 -8.06
C ILE B 594 -13.65 -33.19 -7.08
N CYS B 595 -12.41 -33.42 -7.47
CA CYS B 595 -11.32 -33.23 -6.52
C CYS B 595 -11.12 -31.78 -6.07
N PRO B 596 -11.17 -31.54 -4.76
CA PRO B 596 -10.92 -30.17 -4.30
C PRO B 596 -9.48 -29.72 -4.42
N ASP B 597 -8.52 -30.62 -4.25
CA ASP B 597 -7.12 -30.28 -4.42
C ASP B 597 -6.41 -31.42 -5.12
N ASN B 598 -5.17 -31.21 -5.56
CA ASN B 598 -4.51 -32.22 -6.41
C ASN B 598 -4.02 -33.49 -5.70
N LEU B 599 -3.65 -34.51 -6.48
CA LEU B 599 -3.18 -35.81 -5.95
C LEU B 599 -1.82 -36.23 -6.46
N GLY B 600 -0.94 -36.64 -5.57
CA GLY B 600 0.41 -36.92 -5.98
C GLY B 600 0.56 -38.22 -6.71
N THR B 601 -0.14 -38.36 -7.82
CA THR B 601 -0.21 -39.64 -8.47
C THR B 601 -0.70 -39.61 -9.90
N HIS B 602 -0.28 -40.59 -10.67
CA HIS B 602 -0.93 -40.89 -11.92
C HIS B 602 -2.35 -41.23 -11.53
N THR B 603 -3.32 -40.64 -12.20
CA THR B 603 -4.67 -40.58 -11.67
C THR B 603 -5.66 -41.64 -12.12
N TYR B 604 -5.25 -42.69 -12.78
CA TYR B 604 -6.22 -43.73 -13.13
C TYR B 604 -6.75 -44.36 -11.86
N SER B 605 -5.86 -44.79 -10.98
CA SER B 605 -6.21 -45.40 -9.71
C SER B 605 -7.07 -44.49 -8.88
N SER B 606 -6.83 -43.20 -9.00
CA SER B 606 -7.63 -42.27 -8.26
C SER B 606 -9.01 -42.23 -8.84
N ALA B 607 -9.13 -42.18 -10.15
CA ALA B 607 -10.43 -42.11 -10.79
C ALA B 607 -11.26 -43.32 -10.50
N LEU B 608 -10.64 -44.49 -10.51
CA LEU B 608 -11.30 -45.73 -10.09
C LEU B 608 -11.73 -45.63 -8.65
N LEU B 609 -10.89 -45.06 -7.79
CA LEU B 609 -11.26 -44.94 -6.40
C LEU B 609 -12.49 -44.06 -6.27
N VAL B 610 -12.51 -42.93 -6.96
CA VAL B 610 -13.67 -42.04 -6.95
C VAL B 610 -14.90 -42.74 -7.48
N GLY B 611 -14.75 -43.55 -8.51
CA GLY B 611 -15.87 -44.34 -8.99
C GLY B 611 -16.36 -45.27 -7.91
N GLU B 612 -15.47 -45.98 -7.23
CA GLU B 612 -15.93 -46.89 -6.21
C GLU B 612 -16.65 -46.12 -5.11
N LYS B 613 -16.09 -45.02 -4.66
CA LYS B 613 -16.70 -44.27 -3.58
C LYS B 613 -18.08 -43.86 -4.03
N GLY B 614 -18.20 -43.44 -5.28
CA GLY B 614 -19.48 -43.06 -5.83
C GLY B 614 -20.46 -44.21 -5.79
N ALA B 615 -19.99 -45.41 -6.10
CA ALA B 615 -20.82 -46.59 -6.06
C ALA B 615 -21.33 -46.77 -4.66
N ASP B 616 -20.48 -46.52 -3.68
CA ASP B 616 -20.87 -46.65 -2.29
C ASP B 616 -21.96 -45.67 -1.91
N LEU B 617 -21.74 -44.42 -2.29
CA LEU B 617 -22.65 -43.37 -1.92
C LEU B 617 -24.01 -43.61 -2.55
N ILE B 618 -24.01 -43.97 -3.82
CA ILE B 618 -25.26 -44.22 -4.53
C ILE B 618 -25.98 -45.46 -4.03
N ALA B 619 -25.22 -46.48 -3.66
CA ALA B 619 -25.83 -47.66 -3.10
C ALA B 619 -26.56 -47.27 -1.83
N GLU B 620 -25.92 -46.45 -1.00
CA GLU B 620 -26.57 -46.07 0.25
C GLU B 620 -27.80 -45.22 -0.06
N ASP B 621 -27.67 -44.32 -1.02
CA ASP B 621 -28.75 -43.43 -1.37
C ASP B 621 -29.94 -44.23 -1.89
N LEU B 622 -29.67 -45.38 -2.50
CA LEU B 622 -30.76 -46.17 -3.04
C LEU B 622 -30.99 -47.41 -2.19
N GLY B 623 -30.24 -47.54 -1.10
CA GLY B 623 -30.39 -48.66 -0.21
C GLY B 623 -30.02 -49.99 -0.84
N LEU B 624 -28.83 -50.08 -1.37
CA LEU B 624 -28.40 -51.28 -2.07
C LEU B 624 -27.18 -51.91 -1.46
N LYS B 625 -27.06 -53.22 -1.60
CA LYS B 625 -25.86 -53.91 -1.16
C LYS B 625 -25.16 -54.45 -2.37
N LEU B 626 -23.95 -53.94 -2.60
CA LEU B 626 -23.14 -54.30 -3.73
C LEU B 626 -22.72 -55.75 -3.68
N ARG B 627 -22.68 -56.39 -4.83
CA ARG B 627 -22.22 -57.77 -4.87
C ARG B 627 -20.73 -57.80 -5.17
N LEU B 628 -19.97 -58.42 -4.27
CA LEU B 628 -18.53 -58.56 -4.42
C LEU B 628 -18.18 -60.02 -4.24
N PRO B 629 -17.17 -60.52 -4.98
CA PRO B 629 -16.32 -59.88 -5.97
C PRO B 629 -17.09 -59.60 -7.23
N HIS B 630 -16.51 -58.81 -8.13
CA HIS B 630 -17.22 -58.42 -9.34
C HIS B 630 -17.28 -59.56 -10.38
N ALA B 631 -18.06 -59.33 -11.42
CA ALA B 631 -18.27 -60.30 -12.50
C ALA B 631 -17.00 -60.70 -13.18
N GLN B 632 -16.93 -61.97 -13.59
CA GLN B 632 -15.74 -62.55 -14.21
C GLN B 632 -15.42 -61.78 -15.47
N VAL B 633 -14.19 -61.31 -15.59
CA VAL B 633 -13.79 -60.56 -16.76
C VAL B 633 -13.70 -61.45 -17.98
N PRO B 634 -14.25 -60.99 -19.12
CA PRO B 634 -14.22 -61.72 -20.40
C PRO B 634 -12.80 -61.98 -20.92
N HIS B 635 -12.70 -62.46 -22.16
CA HIS B 635 -11.40 -62.72 -22.74
C HIS B 635 -10.63 -61.43 -22.95
N PRO C 4 24.75 25.33 -15.50
CA PRO C 4 25.39 24.02 -15.34
C PRO C 4 24.86 23.02 -16.37
N GLU C 5 25.47 21.85 -16.50
CA GLU C 5 24.97 20.87 -17.45
C GLU C 5 23.96 19.95 -16.81
N GLU C 6 23.85 19.98 -15.49
CA GLU C 6 22.89 19.08 -14.86
C GLU C 6 22.21 19.67 -13.64
N VAL C 7 20.88 19.59 -13.62
CA VAL C 7 20.12 19.98 -12.44
C VAL C 7 19.03 18.98 -12.14
N ASP C 8 18.41 19.15 -10.97
CA ASP C 8 17.37 18.24 -10.52
C ASP C 8 16.07 18.55 -11.22
N VAL C 9 15.68 19.82 -11.22
CA VAL C 9 14.45 20.26 -11.85
C VAL C 9 14.65 21.41 -12.81
N ILE C 10 14.16 21.30 -14.03
CA ILE C 10 14.21 22.41 -14.95
C ILE C 10 12.83 23.05 -15.08
N VAL C 11 12.71 24.36 -14.97
CA VAL C 11 11.43 25.03 -15.17
C VAL C 11 11.48 26.01 -16.34
N CYS C 12 10.64 25.82 -17.34
CA CYS C 12 10.68 26.65 -18.53
C CYS C 12 9.65 27.75 -18.56
N GLY C 13 10.08 28.97 -18.25
CA GLY C 13 9.19 30.12 -18.26
C GLY C 13 9.11 30.69 -16.87
N GLY C 14 9.34 31.98 -16.73
CA GLY C 14 9.38 32.58 -15.42
C GLY C 14 8.12 33.29 -15.05
N GLY C 15 6.98 32.83 -15.56
CA GLY C 15 5.68 33.40 -15.23
C GLY C 15 5.35 33.17 -13.77
N PRO C 16 4.16 33.59 -13.32
CA PRO C 16 3.73 33.37 -11.95
C PRO C 16 3.75 31.91 -11.53
N ALA C 17 3.26 31.04 -12.37
CA ALA C 17 3.28 29.63 -12.07
C ALA C 17 4.72 29.14 -11.96
N GLY C 18 5.50 29.40 -12.99
CA GLY C 18 6.89 28.97 -13.05
C GLY C 18 7.71 29.52 -11.90
N SER C 19 7.44 30.76 -11.52
CA SER C 19 8.10 31.37 -10.39
C SER C 19 7.75 30.67 -9.10
N VAL C 20 6.49 30.32 -8.93
CA VAL C 20 6.08 29.60 -7.72
C VAL C 20 6.75 28.25 -7.65
N VAL C 21 6.76 27.52 -8.75
CA VAL C 21 7.41 26.22 -8.77
C VAL C 21 8.86 26.31 -8.40
N ALA C 22 9.61 27.12 -9.13
CA ALA C 22 11.03 27.23 -8.86
C ALA C 22 11.27 27.61 -7.41
N GLY C 23 10.63 28.68 -6.95
CA GLY C 23 10.85 29.15 -5.60
C GLY C 23 10.50 28.15 -4.51
N ARG C 24 9.28 27.63 -4.58
CA ARG C 24 8.81 26.66 -3.58
C ARG C 24 9.70 25.43 -3.51
N LEU C 25 10.08 24.88 -4.66
CA LEU C 25 10.92 23.70 -4.67
C LEU C 25 12.33 23.98 -4.15
N ALA C 26 12.97 25.01 -4.68
CA ALA C 26 14.32 25.31 -4.28
C ALA C 26 14.37 25.60 -2.80
N TYR C 27 13.33 26.21 -2.26
CA TYR C 27 13.29 26.53 -0.84
C TYR C 27 12.95 25.31 -0.03
N ALA C 28 12.31 24.33 -0.66
CA ALA C 28 11.89 23.14 0.05
C ALA C 28 13.08 22.37 0.56
N ASP C 29 14.07 22.20 -0.31
CA ASP C 29 15.27 21.46 0.04
C ASP C 29 16.45 22.10 -0.63
N PRO C 30 17.34 22.70 0.16
CA PRO C 30 18.53 23.39 -0.36
C PRO C 30 19.44 22.49 -1.18
N ASN C 31 19.33 21.17 -1.02
CA ASN C 31 20.13 20.25 -1.81
C ASN C 31 19.62 20.12 -3.22
N LEU C 32 18.33 20.33 -3.40
CA LEU C 32 17.69 20.15 -4.70
C LEU C 32 18.04 21.28 -5.65
N LYS C 33 18.77 20.96 -6.71
CA LYS C 33 19.24 22.01 -7.61
C LYS C 33 18.24 22.24 -8.72
N VAL C 34 17.60 23.42 -8.70
CA VAL C 34 16.61 23.72 -9.72
C VAL C 34 17.06 24.89 -10.58
N MET C 35 16.67 24.86 -11.84
CA MET C 35 17.04 25.89 -12.80
C MET C 35 15.82 26.47 -13.47
N LEU C 36 15.74 27.77 -13.55
CA LEU C 36 14.60 28.45 -14.15
C LEU C 36 14.97 29.19 -15.40
N ILE C 37 14.49 28.75 -16.55
CA ILE C 37 14.86 29.35 -17.81
C ILE C 37 13.77 30.27 -18.32
N GLU C 38 14.10 31.53 -18.57
CA GLU C 38 13.12 32.52 -18.99
C GLU C 38 13.49 33.11 -20.34
N GLY C 39 12.49 33.34 -21.20
CA GLY C 39 12.72 33.87 -22.52
C GLY C 39 12.80 35.38 -22.57
N GLY C 40 12.51 36.01 -21.44
CA GLY C 40 12.59 37.44 -21.32
C GLY C 40 13.73 37.94 -20.45
N ALA C 41 13.75 39.23 -20.20
CA ALA C 41 14.77 39.85 -19.38
C ALA C 41 14.50 39.61 -17.91
N ASN C 42 15.51 39.85 -17.09
CA ASN C 42 15.36 39.91 -15.64
C ASN C 42 14.47 41.09 -15.32
N ASN C 43 13.69 40.99 -14.27
CA ASN C 43 12.74 42.04 -13.99
C ASN C 43 13.12 43.01 -12.89
N ARG C 44 14.32 42.91 -12.33
CA ARG C 44 14.75 43.86 -11.30
C ARG C 44 15.04 45.23 -12.00
N ASP C 45 13.98 45.81 -12.59
CA ASP C 45 14.02 46.93 -13.55
C ASP C 45 14.86 48.15 -13.22
N ASP C 46 15.19 48.90 -14.28
CA ASP C 46 15.75 50.23 -14.16
C ASP C 46 14.73 51.32 -14.51
N PRO C 47 14.22 51.37 -15.77
CA PRO C 47 13.20 52.42 -15.83
C PRO C 47 11.93 51.94 -15.13
N TRP C 48 11.26 50.92 -15.67
CA TRP C 48 10.08 50.36 -15.01
C TRP C 48 9.62 49.08 -15.71
N VAL C 56 -0.62 49.03 -18.30
CA VAL C 56 -1.73 49.35 -19.20
C VAL C 56 -1.21 50.04 -20.47
N ARG C 57 -0.40 51.08 -20.29
CA ARG C 57 0.33 51.68 -21.39
C ARG C 57 1.55 50.82 -21.70
N ASN C 58 1.51 49.58 -21.24
CA ASN C 58 2.66 48.70 -21.30
C ASN C 58 2.64 47.74 -22.48
N VAL C 59 1.67 47.87 -23.36
CA VAL C 59 1.56 46.91 -24.45
C VAL C 59 1.40 47.46 -25.87
N PRO C 60 1.69 48.74 -26.11
CA PRO C 60 1.53 48.95 -27.56
C PRO C 60 2.80 48.68 -28.35
N ASN C 61 2.66 48.13 -29.55
CA ASN C 61 3.84 47.89 -30.36
C ASN C 61 4.39 49.23 -30.79
N ASP C 62 5.40 49.71 -30.06
CA ASP C 62 6.07 50.96 -30.40
C ASP C 62 7.49 50.71 -30.90
N GLY C 63 7.83 49.43 -31.01
CA GLY C 63 9.19 49.03 -31.31
C GLY C 63 10.01 49.06 -30.03
N VAL C 64 9.48 49.75 -29.04
CA VAL C 64 10.16 49.98 -27.76
C VAL C 64 9.61 48.99 -26.75
N ASN C 65 8.81 48.07 -27.27
CA ASN C 65 8.25 47.02 -26.46
C ASN C 65 9.07 45.76 -26.60
N ASP C 66 9.81 45.48 -25.53
CA ASP C 66 10.66 44.31 -25.46
C ASP C 66 10.17 43.48 -24.32
N LYS C 67 9.17 44.01 -23.63
CA LYS C 67 8.62 43.33 -22.49
C LYS C 67 7.40 42.51 -22.90
N ALA C 68 7.14 42.40 -24.19
CA ALA C 68 6.01 41.59 -24.64
C ALA C 68 6.21 40.98 -26.02
N THR C 69 5.61 39.82 -26.25
CA THR C 69 5.63 39.21 -27.58
C THR C 69 4.25 39.31 -28.19
N PHE C 70 4.16 39.63 -29.47
CA PHE C 70 2.87 39.90 -30.10
C PHE C 70 2.48 38.80 -31.07
N TYR C 71 1.45 38.03 -30.75
CA TYR C 71 1.02 37.02 -31.70
C TYR C 71 -0.08 37.61 -32.54
N VAL C 72 0.02 37.49 -33.85
CA VAL C 72 -1.00 38.02 -34.72
C VAL C 72 -1.70 36.89 -35.41
N ASP C 73 -3.02 36.99 -35.54
CA ASP C 73 -3.81 36.00 -36.29
C ASP C 73 -3.21 35.75 -37.66
N THR C 74 -2.87 34.50 -37.94
CA THR C 74 -2.26 34.16 -39.20
C THR C 74 -3.17 34.52 -40.36
N MET C 75 -4.47 34.35 -40.16
CA MET C 75 -5.46 34.62 -41.19
C MET C 75 -6.49 35.66 -40.77
N LYS C 76 -7.03 36.45 -41.71
CA LYS C 76 -8.10 37.39 -41.36
C LYS C 76 -9.31 36.64 -40.89
N SER C 77 -9.99 37.18 -39.88
CA SER C 77 -11.22 36.58 -39.35
C SER C 77 -12.54 37.15 -39.87
N SER C 78 -13.32 36.33 -40.57
CA SER C 78 -14.62 36.77 -41.07
C SER C 78 -15.56 37.12 -39.94
N HIS C 79 -15.35 36.49 -38.80
CA HIS C 79 -16.17 36.76 -37.64
C HIS C 79 -15.93 38.16 -37.21
N LEU C 80 -14.70 38.60 -37.37
CA LEU C 80 -14.32 39.92 -36.94
C LEU C 80 -14.28 40.93 -38.08
N ARG C 81 -15.04 40.63 -39.13
CA ARG C 81 -15.15 41.50 -40.28
C ARG C 81 -13.81 41.82 -40.87
N GLY C 82 -13.00 40.80 -41.09
CA GLY C 82 -11.76 40.96 -41.81
C GLY C 82 -10.57 41.48 -41.04
N ARG C 83 -10.65 41.37 -39.73
CA ARG C 83 -9.57 41.81 -38.90
C ARG C 83 -8.64 40.68 -38.57
N GLN C 84 -7.38 40.99 -38.30
CA GLN C 84 -6.47 40.04 -37.68
C GLN C 84 -6.25 40.50 -36.25
N SER C 85 -6.81 39.79 -35.29
CA SER C 85 -6.71 40.21 -33.91
C SER C 85 -5.27 40.05 -33.48
N ILE C 86 -4.86 40.85 -32.51
CA ILE C 86 -3.50 40.81 -31.95
C ILE C 86 -3.55 40.40 -30.49
N VAL C 87 -2.88 39.31 -30.14
CA VAL C 87 -2.80 38.88 -28.76
C VAL C 87 -1.39 38.97 -28.23
N PRO C 88 -1.12 39.98 -27.41
CA PRO C 88 0.19 40.16 -26.78
C PRO C 88 0.28 39.34 -25.53
N CYS C 89 1.44 38.77 -25.28
CA CYS C 89 1.66 38.09 -24.02
C CYS C 89 2.96 38.58 -23.40
N ALA C 90 3.17 38.26 -22.13
CA ALA C 90 4.32 38.77 -21.43
C ALA C 90 5.58 38.08 -21.90
N ASN C 91 6.68 38.81 -21.94
CA ASN C 91 8.00 38.31 -22.33
C ASN C 91 9.06 38.84 -21.39
N ILE C 92 8.90 38.53 -20.12
CA ILE C 92 9.77 39.08 -19.10
C ILE C 92 9.70 38.21 -17.85
N LEU C 93 10.73 38.24 -17.03
CA LEU C 93 10.71 37.47 -15.79
C LEU C 93 9.58 37.93 -14.89
N GLY C 94 8.85 36.97 -14.35
CA GLY C 94 7.68 37.27 -13.58
C GLY C 94 6.48 37.12 -14.50
N GLY C 95 6.76 37.07 -15.80
CA GLY C 95 5.70 36.92 -16.77
C GLY C 95 4.76 38.10 -16.69
N GLY C 96 3.50 37.86 -16.96
CA GLY C 96 2.51 38.93 -16.95
C GLY C 96 2.48 39.78 -15.71
N SER C 97 2.92 39.24 -14.57
CA SER C 97 2.83 39.99 -13.34
C SER C 97 3.80 41.16 -13.30
N SER C 98 4.76 41.21 -14.21
CA SER C 98 5.71 42.33 -14.16
C SER C 98 5.38 43.50 -15.06
N ILE C 99 4.46 43.35 -16.00
CA ILE C 99 4.25 44.42 -16.96
C ILE C 99 2.99 45.26 -16.75
N ASN C 100 2.46 45.30 -15.54
CA ASN C 100 1.34 46.19 -15.27
C ASN C 100 1.17 46.51 -13.81
N SER C 101 0.29 47.45 -13.54
CA SER C 101 -0.27 47.65 -12.22
C SER C 101 -1.42 46.65 -12.14
N GLN C 102 -1.32 45.67 -11.25
CA GLN C 102 -2.20 44.54 -11.36
C GLN C 102 -3.44 44.64 -10.48
N MET C 103 -4.55 44.08 -10.95
CA MET C 103 -5.83 44.02 -10.23
C MET C 103 -6.07 42.67 -9.54
N TYR C 104 -6.67 42.68 -8.36
CA TYR C 104 -6.91 41.43 -7.63
C TYR C 104 -8.30 40.86 -7.83
N THR C 105 -8.37 39.67 -8.42
CA THR C 105 -9.63 38.97 -8.64
C THR C 105 -9.52 37.46 -8.49
N ARG C 106 -10.58 36.82 -8.02
CA ARG C 106 -10.54 35.38 -7.89
C ARG C 106 -11.69 34.75 -8.65
N ALA C 107 -11.48 33.53 -9.15
CA ALA C 107 -12.53 32.85 -9.88
C ALA C 107 -13.53 32.46 -8.88
N SER C 108 -14.75 32.22 -9.32
CA SER C 108 -15.78 31.71 -8.44
C SER C 108 -15.54 30.22 -8.25
N ALA C 109 -16.01 29.64 -7.16
CA ALA C 109 -15.72 28.25 -6.84
C ALA C 109 -16.24 27.27 -7.87
N SER C 110 -17.34 27.61 -8.54
CA SER C 110 -17.86 26.70 -9.54
C SER C 110 -16.87 26.46 -10.65
N ASP C 111 -16.02 27.45 -10.88
CA ASP C 111 -15.01 27.42 -11.91
C ASP C 111 -14.03 26.28 -11.72
N TRP C 112 -13.59 26.10 -10.48
CA TRP C 112 -12.68 25.02 -10.13
C TRP C 112 -13.40 23.71 -9.99
N ASP C 113 -14.57 23.74 -9.36
CA ASP C 113 -15.30 22.51 -9.14
C ASP C 113 -15.51 21.85 -10.47
N ASP C 114 -15.65 22.68 -11.49
CA ASP C 114 -15.96 22.21 -12.83
C ASP C 114 -14.76 21.75 -13.61
N PHE C 115 -13.59 21.71 -12.98
CA PHE C 115 -12.46 21.07 -13.63
C PHE C 115 -12.67 19.57 -13.65
N LYS C 116 -13.49 19.09 -12.72
CA LYS C 116 -13.84 17.68 -12.60
C LYS C 116 -12.61 16.79 -12.53
N MET C 117 -11.58 17.36 -11.92
CA MET C 117 -10.29 16.71 -11.76
C MET C 117 -10.10 16.55 -10.29
N GLU C 118 -9.67 15.35 -9.90
CA GLU C 118 -9.53 15.03 -8.50
C GLU C 118 -8.59 15.99 -7.86
N GLY C 119 -9.01 16.60 -6.76
CA GLY C 119 -8.09 17.42 -6.01
C GLY C 119 -8.00 18.86 -6.40
N TRP C 120 -8.85 19.26 -7.34
CA TRP C 120 -8.85 20.61 -7.87
C TRP C 120 -10.18 21.25 -7.58
N THR C 121 -10.90 20.71 -6.61
CA THR C 121 -12.15 21.32 -6.23
C THR C 121 -11.86 22.63 -5.56
N ALA C 122 -12.89 23.40 -5.31
CA ALA C 122 -12.71 24.68 -4.67
C ALA C 122 -12.17 24.49 -3.28
N ASN C 123 -12.84 23.62 -2.53
CA ASN C 123 -12.46 23.38 -1.15
C ASN C 123 -11.13 22.68 -1.05
N ASP C 124 -10.77 21.95 -2.08
CA ASP C 124 -9.49 21.30 -2.13
C ASP C 124 -8.39 22.33 -2.19
N LEU C 125 -8.60 23.37 -2.98
CA LEU C 125 -7.54 24.33 -3.26
C LEU C 125 -7.53 25.50 -2.30
N LEU C 126 -8.61 25.69 -1.56
CA LEU C 126 -8.68 26.85 -0.68
C LEU C 126 -7.44 27.05 0.20
N PRO C 127 -6.94 25.99 0.85
CA PRO C 127 -5.74 26.23 1.63
C PRO C 127 -4.63 26.79 0.78
N LEU C 128 -4.55 26.36 -0.47
CA LEU C 128 -3.53 26.89 -1.34
C LEU C 128 -3.83 28.34 -1.66
N MET C 129 -5.10 28.65 -1.89
CA MET C 129 -5.47 30.02 -2.17
C MET C 129 -5.02 30.91 -1.04
N LYS C 130 -5.18 30.45 0.18
CA LYS C 130 -4.71 31.26 1.30
C LYS C 130 -3.21 31.25 1.41
N ARG C 131 -2.57 30.20 0.94
CA ARG C 131 -1.16 30.07 1.21
C ARG C 131 -0.39 31.15 0.51
N LEU C 132 -0.93 31.65 -0.59
CA LEU C 132 -0.22 32.62 -1.39
C LEU C 132 -0.65 34.06 -1.11
N GLU C 133 -1.68 34.27 -0.32
CA GLU C 133 -2.15 35.63 -0.18
C GLU C 133 -1.60 36.31 1.05
N ASN C 134 -1.24 37.58 0.86
CA ASN C 134 -0.90 38.47 1.95
C ASN C 134 -1.89 39.61 1.94
N TYR C 135 -3.13 39.28 2.27
CA TYR C 135 -4.25 40.21 2.20
C TYR C 135 -4.07 41.33 3.21
N GLN C 136 -3.94 42.56 2.75
CA GLN C 136 -3.69 43.66 3.67
C GLN C 136 -4.88 44.61 3.88
N LYS C 137 -6.02 44.33 3.25
CA LYS C 137 -7.26 45.04 3.58
C LYS C 137 -8.01 44.21 4.62
N PRO C 138 -8.89 44.85 5.40
CA PRO C 138 -9.71 44.05 6.30
C PRO C 138 -10.69 43.20 5.52
N ALA C 139 -10.84 41.95 5.92
CA ALA C 139 -11.63 41.02 5.13
C ALA C 139 -12.81 40.61 5.93
N ASN C 140 -13.99 40.84 5.38
CA ASN C 140 -15.16 40.50 6.15
C ASN C 140 -15.67 39.11 5.84
N ASN C 141 -14.73 38.20 5.61
CA ASN C 141 -15.02 36.80 5.39
C ASN C 141 -13.76 36.01 5.62
N ASP C 142 -13.81 34.71 5.36
CA ASP C 142 -12.73 33.82 5.77
C ASP C 142 -12.00 33.10 4.63
N THR C 143 -11.85 33.76 3.49
CA THR C 143 -11.26 33.14 2.31
C THR C 143 -9.92 33.73 1.89
N HIS C 144 -9.23 34.42 2.79
CA HIS C 144 -7.93 34.99 2.44
C HIS C 144 -6.77 34.47 3.30
N GLY C 145 -5.54 34.74 2.88
CA GLY C 145 -4.38 34.33 3.64
C GLY C 145 -3.63 35.54 4.15
N TYR C 146 -2.75 35.38 5.14
CA TYR C 146 -2.10 36.55 5.70
C TYR C 146 -0.60 36.40 5.85
N ASP C 147 -0.12 35.17 5.80
CA ASP C 147 1.32 34.93 5.87
C ASP C 147 1.80 34.45 4.52
N GLY C 148 1.25 35.04 3.46
CA GLY C 148 1.58 34.67 2.10
C GLY C 148 2.48 35.70 1.45
N PRO C 149 3.13 35.36 0.32
CA PRO C 149 4.08 36.23 -0.37
C PRO C 149 3.47 37.35 -1.18
N ILE C 150 2.38 37.07 -1.87
CA ILE C 150 1.82 38.05 -2.76
C ILE C 150 0.97 39.03 -1.99
N ALA C 151 1.43 40.27 -1.91
CA ALA C 151 0.78 41.30 -1.12
C ALA C 151 -0.35 41.96 -1.88
N ILE C 152 -1.52 42.02 -1.24
CA ILE C 152 -2.75 42.56 -1.83
C ILE C 152 -3.36 43.66 -0.99
N SER C 153 -3.72 44.79 -1.59
CA SER C 153 -4.37 45.86 -0.84
C SER C 153 -5.37 46.64 -1.67
N ASN C 154 -6.01 47.62 -1.04
CA ASN C 154 -7.08 48.42 -1.63
C ASN C 154 -6.65 49.77 -2.17
N GLY C 155 -5.36 50.05 -2.05
CA GLY C 155 -4.80 51.32 -2.47
C GLY C 155 -5.05 52.37 -1.41
N GLY C 156 -4.77 53.62 -1.74
CA GLY C 156 -4.91 54.71 -0.80
C GLY C 156 -6.33 55.22 -0.63
N GLN C 157 -6.75 56.01 -1.60
CA GLN C 157 -8.07 56.59 -1.63
C GLN C 157 -8.63 56.41 -3.02
N ILE C 158 -9.94 56.53 -3.11
CA ILE C 158 -10.69 56.30 -4.34
C ILE C 158 -10.98 57.58 -5.09
N LEU C 159 -10.88 57.54 -6.41
CA LEU C 159 -11.22 58.69 -7.23
C LEU C 159 -12.73 58.90 -7.19
N PRO C 160 -13.17 60.16 -7.17
CA PRO C 160 -14.59 60.47 -7.05
C PRO C 160 -15.50 59.86 -8.10
N VAL C 161 -15.03 59.77 -9.34
CA VAL C 161 -15.87 59.19 -10.38
C VAL C 161 -16.20 57.77 -10.06
N ALA C 162 -15.32 57.09 -9.33
CA ALA C 162 -15.58 55.72 -8.97
C ALA C 162 -16.78 55.64 -8.05
N GLN C 163 -16.85 56.52 -7.07
CA GLN C 163 -18.00 56.56 -6.19
C GLN C 163 -19.23 56.80 -7.03
N ASP C 164 -19.10 57.74 -7.95
CA ASP C 164 -20.17 58.02 -8.90
C ASP C 164 -20.67 56.77 -9.60
N PHE C 165 -19.76 56.06 -10.22
CA PHE C 165 -20.05 54.84 -10.94
C PHE C 165 -20.73 53.81 -10.08
N LEU C 166 -20.30 53.74 -8.83
CA LEU C 166 -20.88 52.78 -7.90
C LEU C 166 -22.32 53.14 -7.59
N ARG C 167 -22.56 54.44 -7.41
CA ARG C 167 -23.90 54.90 -7.15
C ARG C 167 -24.81 54.54 -8.33
N ALA C 168 -24.34 54.79 -9.54
CA ALA C 168 -25.11 54.46 -10.73
C ALA C 168 -25.39 52.98 -10.83
N SER C 169 -24.40 52.19 -10.48
CA SER C 169 -24.53 50.75 -10.56
C SER C 169 -25.63 50.28 -9.64
N HIS C 170 -25.61 50.78 -8.41
CA HIS C 170 -26.67 50.43 -7.49
C HIS C 170 -27.99 50.84 -8.10
N ALA C 171 -28.00 52.01 -8.73
CA ALA C 171 -29.23 52.54 -9.31
C ALA C 171 -29.84 51.60 -10.32
N ILE C 172 -29.01 50.86 -11.06
CA ILE C 172 -29.62 49.91 -11.99
C ILE C 172 -29.56 48.50 -11.47
N GLY C 173 -29.36 48.34 -10.16
CA GLY C 173 -29.58 47.04 -9.58
C GLY C 173 -28.36 46.19 -9.40
N ILE C 174 -27.19 46.82 -9.36
CA ILE C 174 -25.96 46.11 -9.08
C ILE C 174 -25.49 46.46 -7.68
N PRO C 175 -25.80 45.60 -6.71
CA PRO C 175 -25.60 45.84 -5.28
C PRO C 175 -24.16 46.01 -4.88
N TYR C 176 -23.91 46.84 -3.87
CA TYR C 176 -22.58 47.05 -3.36
C TYR C 176 -22.16 45.88 -2.50
N SER C 177 -20.89 45.50 -2.60
CA SER C 177 -20.32 44.44 -1.76
C SER C 177 -18.96 44.84 -1.22
N ASP C 178 -18.63 44.37 -0.03
CA ASP C 178 -17.33 44.71 0.53
C ASP C 178 -16.26 43.76 0.01
N ASP C 179 -16.71 42.66 -0.57
CA ASP C 179 -15.82 41.67 -1.18
C ASP C 179 -16.53 40.91 -2.30
N ILE C 180 -15.94 40.99 -3.49
CA ILE C 180 -16.48 40.38 -4.69
C ILE C 180 -15.60 39.16 -5.01
N GLN C 181 -14.52 39.05 -4.26
CA GLN C 181 -13.57 38.02 -4.56
C GLN C 181 -13.60 36.91 -3.55
N ASP C 182 -14.79 36.64 -3.03
CA ASP C 182 -14.93 35.62 -2.02
C ASP C 182 -15.43 34.32 -2.60
N LEU C 183 -15.26 34.15 -3.91
CA LEU C 183 -15.62 32.90 -4.59
C LEU C 183 -17.12 32.63 -4.61
N LYS C 184 -17.94 33.59 -4.23
CA LYS C 184 -19.36 33.30 -4.08
C LYS C 184 -20.32 34.28 -4.75
N THR C 185 -19.87 35.49 -5.08
CA THR C 185 -20.76 36.49 -5.67
C THR C 185 -20.71 36.44 -7.18
N SER C 186 -21.85 36.66 -7.84
CA SER C 186 -21.90 36.67 -9.29
C SER C 186 -22.58 37.93 -9.76
N HIS C 187 -23.18 38.66 -8.83
CA HIS C 187 -23.83 39.92 -9.15
C HIS C 187 -23.52 40.90 -8.03
N GLY C 188 -22.55 41.80 -8.24
CA GLY C 188 -22.22 42.78 -7.22
C GLY C 188 -21.11 43.69 -7.67
N ALA C 189 -20.91 44.81 -6.99
CA ALA C 189 -19.81 45.73 -7.30
C ALA C 189 -18.88 45.95 -6.12
N GLU C 190 -17.70 46.48 -6.37
CA GLU C 190 -16.76 46.75 -5.30
C GLU C 190 -15.66 47.74 -5.67
N ILE C 191 -15.06 48.29 -4.62
CA ILE C 191 -13.83 49.03 -4.69
C ILE C 191 -12.76 48.03 -4.96
N TRP C 192 -12.05 48.18 -6.06
CA TRP C 192 -11.18 47.10 -6.52
C TRP C 192 -9.80 47.08 -5.87
N ALA C 193 -9.42 45.97 -5.25
CA ALA C 193 -8.14 45.89 -4.56
C ALA C 193 -7.01 45.49 -5.51
N LYS C 194 -5.77 45.82 -5.19
CA LYS C 194 -4.70 45.62 -6.17
C LYS C 194 -3.50 44.87 -5.62
N TYR C 195 -2.66 44.37 -6.53
CA TYR C 195 -1.44 43.65 -6.18
C TYR C 195 -0.33 44.63 -5.85
N ILE C 196 -0.49 45.31 -4.72
CA ILE C 196 0.43 46.34 -4.24
C ILE C 196 0.58 46.29 -2.73
N ASN C 197 1.81 46.14 -2.23
CA ASN C 197 2.03 46.14 -0.78
C ASN C 197 1.68 47.47 -0.13
N ARG C 198 0.79 47.44 0.85
CA ARG C 198 0.29 48.67 1.47
C ARG C 198 1.37 49.41 2.23
N HIS C 199 2.33 48.68 2.80
CA HIS C 199 3.39 49.31 3.58
C HIS C 199 4.43 50.04 2.74
N THR C 200 4.86 49.43 1.65
CA THR C 200 5.96 49.96 0.85
C THR C 200 5.55 50.48 -0.51
N GLY C 201 4.29 50.27 -0.87
CA GLY C 201 3.75 50.78 -2.10
C GLY C 201 4.29 50.19 -3.39
N ARG C 202 4.89 49.01 -3.33
CA ARG C 202 5.46 48.39 -4.53
C ARG C 202 4.64 47.24 -5.09
N ARG C 203 4.53 47.18 -6.41
CA ARG C 203 3.77 46.13 -7.07
C ARG C 203 4.42 44.80 -6.75
N SER C 204 3.62 43.78 -6.43
CA SER C 204 4.15 42.48 -6.01
C SER C 204 4.11 41.45 -7.11
N ASP C 205 5.01 41.57 -8.08
CA ASP C 205 5.10 40.58 -9.15
C ASP C 205 5.52 39.23 -8.57
N ALA C 206 5.29 38.16 -9.30
CA ALA C 206 5.52 36.85 -8.72
C ALA C 206 6.98 36.45 -8.60
N ALA C 207 7.83 36.93 -9.50
CA ALA C 207 9.22 36.50 -9.48
C ALA C 207 9.96 37.12 -8.31
N THR C 208 9.80 38.41 -8.08
CA THR C 208 10.53 39.03 -6.98
C THR C 208 10.00 38.52 -5.65
N ALA C 209 8.74 38.08 -5.63
CA ALA C 209 8.16 37.56 -4.41
C ALA C 209 8.57 36.11 -4.13
N TYR C 210 8.61 35.28 -5.16
CA TYR C 210 8.88 33.86 -4.98
C TYR C 210 10.29 33.42 -5.34
N VAL C 211 10.87 33.99 -6.39
CA VAL C 211 12.20 33.56 -6.85
C VAL C 211 13.32 34.35 -6.22
N HIS C 212 13.32 35.65 -6.42
CA HIS C 212 14.41 36.46 -5.96
C HIS C 212 14.58 36.34 -4.45
N SER C 213 13.49 36.09 -3.74
CA SER C 213 13.59 35.94 -2.30
C SER C 213 14.49 34.78 -1.96
N VAL C 214 14.45 33.72 -2.75
CA VAL C 214 15.29 32.55 -2.47
C VAL C 214 16.74 32.73 -2.86
N MET C 215 16.99 33.34 -4.00
CA MET C 215 18.36 33.48 -4.48
C MET C 215 19.16 34.36 -3.55
N ASP C 216 18.47 35.20 -2.81
CA ASP C 216 19.13 36.11 -1.90
C ASP C 216 19.54 35.41 -0.66
N VAL C 217 19.01 34.22 -0.44
CA VAL C 217 19.31 33.55 0.80
C VAL C 217 19.84 32.14 0.59
N GLN C 218 19.76 31.65 -0.63
CA GLN C 218 20.26 30.32 -0.91
C GLN C 218 20.96 30.32 -2.25
N SER C 219 21.61 29.23 -2.63
CA SER C 219 22.36 29.25 -3.88
C SER C 219 22.07 28.06 -4.77
N ASN C 220 21.01 27.32 -4.45
CA ASN C 220 20.64 26.16 -5.24
C ASN C 220 19.54 26.42 -6.28
N LEU C 221 19.18 27.68 -6.48
CA LEU C 221 18.25 28.03 -7.54
C LEU C 221 18.96 28.85 -8.61
N TYR C 222 19.22 28.24 -9.75
CA TYR C 222 19.89 28.93 -10.84
C TYR C 222 18.90 29.61 -11.78
N LEU C 223 19.10 30.88 -12.09
CA LEU C 223 18.19 31.60 -12.97
C LEU C 223 18.82 31.99 -14.30
N ARG C 224 18.20 31.60 -15.41
CA ARG C 224 18.73 31.84 -16.75
C ARG C 224 17.83 32.64 -17.68
N CYS C 225 18.02 33.94 -17.74
CA CYS C 225 17.18 34.80 -18.54
C CYS C 225 17.57 34.82 -20.01
N ASN C 226 16.86 35.60 -20.82
CA ASN C 226 17.14 35.69 -22.26
C ASN C 226 17.41 34.37 -22.93
N ALA C 227 16.72 33.33 -22.53
CA ALA C 227 16.93 32.01 -23.11
C ALA C 227 15.60 31.36 -23.46
N ARG C 228 15.37 31.13 -24.74
CA ARG C 228 14.09 30.63 -25.20
C ARG C 228 14.09 29.12 -25.26
N VAL C 229 13.42 28.48 -24.32
CA VAL C 229 13.39 27.03 -24.28
C VAL C 229 12.74 26.51 -25.53
N SER C 230 13.52 25.82 -26.34
CA SER C 230 13.05 25.31 -27.60
C SER C 230 12.36 23.98 -27.46
N ARG C 231 12.97 23.02 -26.77
CA ARG C 231 12.27 21.74 -26.65
C ARG C 231 12.70 20.88 -25.48
N VAL C 232 11.97 19.80 -25.25
CA VAL C 232 12.28 18.83 -24.20
C VAL C 232 13.00 17.61 -24.79
N LEU C 233 14.06 17.14 -24.12
CA LEU C 233 14.82 16.00 -24.64
C LEU C 233 14.33 14.72 -24.01
N PHE C 234 13.87 13.77 -24.82
CA PHE C 234 13.30 12.56 -24.25
C PHE C 234 14.22 11.37 -24.47
N ASP C 235 14.08 10.34 -23.64
CA ASP C 235 14.87 9.14 -23.79
C ASP C 235 14.09 8.10 -24.57
N GLY C 236 14.46 6.83 -24.41
CA GLY C 236 13.76 5.76 -25.07
C GLY C 236 12.41 5.40 -24.50
N ASN C 237 12.23 5.56 -23.19
CA ASN C 237 10.93 5.31 -22.59
C ASN C 237 10.16 6.61 -22.39
N ASN C 238 10.55 7.61 -23.18
CA ASN C 238 9.89 8.89 -23.21
C ASN C 238 9.88 9.56 -21.86
N LYS C 239 10.97 9.40 -21.13
CA LYS C 239 11.18 10.14 -19.90
C LYS C 239 11.93 11.41 -20.25
N ALA C 240 11.47 12.52 -19.70
CA ALA C 240 12.15 13.78 -19.88
C ALA C 240 13.55 13.75 -19.26
N VAL C 241 14.60 13.92 -20.05
CA VAL C 241 15.94 13.94 -19.48
C VAL C 241 16.49 15.34 -19.39
N GLY C 242 15.96 16.25 -20.21
CA GLY C 242 16.46 17.60 -20.17
C GLY C 242 15.71 18.57 -21.05
N VAL C 243 16.39 19.66 -21.39
CA VAL C 243 15.80 20.77 -22.12
C VAL C 243 16.83 21.39 -23.05
N ALA C 244 16.42 21.71 -24.28
CA ALA C 244 17.30 22.40 -25.21
C ALA C 244 16.83 23.82 -25.43
N TYR C 245 17.68 24.81 -25.16
CA TYR C 245 17.29 26.20 -25.31
C TYR C 245 18.21 27.03 -26.19
N VAL C 246 17.66 28.07 -26.81
CA VAL C 246 18.43 28.93 -27.70
C VAL C 246 18.36 30.38 -27.22
N PRO C 247 19.30 31.24 -27.64
CA PRO C 247 19.16 32.62 -27.17
C PRO C 247 17.89 33.24 -27.72
N SER C 248 17.30 34.22 -27.06
CA SER C 248 16.02 34.72 -27.50
C SER C 248 16.07 35.83 -28.54
N ARG C 249 17.26 36.32 -28.85
CA ARG C 249 17.40 37.29 -29.92
C ARG C 249 18.09 36.58 -31.07
N ASN C 250 17.40 36.43 -32.20
CA ASN C 250 17.95 35.60 -33.27
C ASN C 250 18.98 36.37 -34.07
N ARG C 251 20.00 36.84 -33.37
CA ARG C 251 21.02 37.69 -33.95
C ARG C 251 22.02 36.82 -34.69
N ALA C 252 22.39 35.71 -34.07
CA ALA C 252 23.39 34.81 -34.65
C ALA C 252 22.95 34.24 -35.98
N SER C 253 23.92 33.97 -36.85
CA SER C 253 23.62 33.46 -38.17
C SER C 253 23.21 32.00 -38.10
N ASN C 254 23.73 31.31 -37.11
CA ASN C 254 23.40 29.92 -36.89
C ASN C 254 22.74 29.67 -35.56
N ILE C 255 21.95 28.61 -35.50
CA ILE C 255 21.22 28.28 -34.30
C ILE C 255 21.90 27.16 -33.53
N VAL C 256 22.47 27.51 -32.38
CA VAL C 256 23.18 26.53 -31.57
C VAL C 256 22.40 26.32 -30.29
N GLU C 257 22.05 25.08 -30.02
CA GLU C 257 21.24 24.79 -28.86
C GLU C 257 22.10 24.57 -27.66
N THR C 258 21.72 25.15 -26.53
CA THR C 258 22.36 24.83 -25.28
C THR C 258 21.50 23.81 -24.57
N VAL C 259 22.06 22.67 -24.17
CA VAL C 259 21.27 21.62 -23.55
C VAL C 259 21.58 21.48 -22.09
N VAL C 260 20.56 21.28 -21.26
CA VAL C 260 20.83 20.99 -19.86
C VAL C 260 19.97 19.84 -19.41
N LYS C 261 20.57 18.90 -18.72
CA LYS C 261 19.92 17.67 -18.31
C LYS C 261 19.15 17.82 -17.02
N ALA C 262 18.18 16.94 -16.79
CA ALA C 262 17.39 17.00 -15.57
C ALA C 262 17.25 15.67 -14.83
N ARG C 263 17.76 15.60 -13.61
CA ARG C 263 17.77 14.32 -12.90
C ARG C 263 16.38 13.93 -12.44
N LYS C 264 15.54 14.90 -12.15
CA LYS C 264 14.29 14.59 -11.45
C LYS C 264 13.06 14.89 -12.28
N MET C 265 12.97 16.13 -12.76
CA MET C 265 11.75 16.64 -13.37
C MET C 265 11.95 17.78 -14.38
N VAL C 266 11.23 17.71 -15.48
CA VAL C 266 11.15 18.84 -16.38
C VAL C 266 9.77 19.45 -16.27
N VAL C 267 9.72 20.77 -16.21
CA VAL C 267 8.48 21.45 -15.97
C VAL C 267 8.30 22.55 -17.01
N LEU C 268 7.15 22.57 -17.67
CA LEU C 268 6.87 23.56 -18.70
C LEU C 268 5.91 24.59 -18.16
N SER C 269 6.34 25.83 -18.05
CA SER C 269 5.50 26.90 -17.53
C SER C 269 5.57 28.15 -18.35
N SER C 270 5.71 28.01 -19.67
CA SER C 270 5.93 29.16 -20.52
C SER C 270 4.65 29.83 -21.00
N GLY C 271 3.57 29.65 -20.26
CA GLY C 271 2.36 30.40 -20.53
C GLY C 271 1.52 29.75 -21.61
N THR C 272 0.28 30.18 -21.74
CA THR C 272 -0.66 29.54 -22.65
C THR C 272 -0.22 29.57 -24.11
N LEU C 273 0.34 30.67 -24.55
CA LEU C 273 0.85 30.76 -25.91
C LEU C 273 2.24 30.15 -26.07
N GLY C 274 2.97 30.04 -24.97
CA GLY C 274 4.33 29.52 -25.06
C GLY C 274 4.52 28.01 -24.96
N THR C 275 3.90 27.38 -23.98
CA THR C 275 4.08 25.96 -23.70
C THR C 275 3.64 24.97 -24.78
N PRO C 276 2.47 25.15 -25.38
CA PRO C 276 2.07 24.19 -26.40
C PRO C 276 3.06 24.12 -27.55
N GLN C 277 3.80 25.19 -27.79
CA GLN C 277 4.83 25.19 -28.82
C GLN C 277 6.04 24.34 -28.45
N ILE C 278 6.54 24.49 -27.23
CA ILE C 278 7.60 23.63 -26.73
C ILE C 278 7.18 22.18 -26.87
N LEU C 279 5.98 21.87 -26.41
CA LEU C 279 5.44 20.54 -26.50
C LEU C 279 5.40 20.11 -27.94
N GLU C 280 4.98 20.98 -28.83
CA GLU C 280 4.88 20.57 -30.22
C GLU C 280 6.26 20.36 -30.85
N ARG C 281 7.28 21.10 -30.41
CA ARG C 281 8.58 20.90 -31.01
C ARG C 281 9.31 19.78 -30.31
N SER C 282 8.71 19.21 -29.28
CA SER C 282 9.32 18.07 -28.62
C SER C 282 8.81 16.74 -29.15
N GLY C 283 7.70 16.78 -29.87
CA GLY C 283 7.14 15.56 -30.40
C GLY C 283 5.84 15.26 -29.71
N VAL C 284 5.40 16.11 -28.81
CA VAL C 284 4.13 15.90 -28.17
C VAL C 284 3.10 16.83 -28.76
N GLY C 285 2.19 16.28 -29.57
CA GLY C 285 1.16 17.07 -30.22
C GLY C 285 0.47 16.32 -31.34
N ASN C 286 -0.23 17.04 -32.20
CA ASN C 286 -0.96 16.43 -33.29
C ASN C 286 0.00 15.69 -34.17
N ALA C 287 -0.10 14.37 -34.22
CA ALA C 287 0.88 13.55 -34.94
C ALA C 287 0.95 13.84 -36.43
N GLU C 288 -0.18 14.12 -37.06
CA GLU C 288 -0.19 14.41 -38.48
C GLU C 288 0.57 15.68 -38.74
N LEU C 289 0.37 16.64 -37.85
CA LEU C 289 1.09 17.90 -37.91
C LEU C 289 2.60 17.68 -37.84
N LEU C 290 3.06 17.00 -36.79
CA LEU C 290 4.49 16.84 -36.59
C LEU C 290 5.11 16.06 -37.72
N LYS C 291 4.41 15.05 -38.19
CA LYS C 291 4.94 14.25 -39.27
C LYS C 291 5.07 15.15 -40.48
N LYS C 292 4.15 16.11 -40.61
CA LYS C 292 4.28 17.08 -41.70
C LYS C 292 5.48 17.99 -41.50
N LEU C 293 5.92 18.12 -40.24
CA LEU C 293 6.99 19.06 -39.91
C LEU C 293 8.25 18.29 -39.62
N ASP C 294 8.23 17.03 -40.01
CA ASP C 294 9.40 16.16 -39.88
C ASP C 294 9.89 16.09 -38.44
N ILE C 295 8.99 16.28 -37.49
CA ILE C 295 9.33 16.11 -36.09
C ILE C 295 8.91 14.73 -35.62
N PRO C 296 9.87 13.94 -35.13
CA PRO C 296 9.58 12.62 -34.57
C PRO C 296 8.56 12.70 -33.45
N VAL C 297 7.51 11.90 -33.52
CA VAL C 297 6.44 11.94 -32.54
C VAL C 297 6.72 11.12 -31.28
N VAL C 298 6.57 11.75 -30.12
CA VAL C 298 6.76 11.08 -28.83
C VAL C 298 5.44 10.58 -28.29
N SER C 299 4.39 11.38 -28.41
CA SER C 299 3.04 10.97 -28.05
C SER C 299 2.01 11.80 -28.82
N ASP C 300 1.03 11.13 -29.40
CA ASP C 300 0.02 11.80 -30.20
C ASP C 300 -1.03 12.38 -29.27
N LEU C 301 -0.98 13.69 -29.07
CA LEU C 301 -1.95 14.41 -28.22
C LEU C 301 -2.56 15.58 -28.95
N PRO C 302 -3.60 15.35 -29.74
CA PRO C 302 -4.12 16.37 -30.63
C PRO C 302 -4.64 17.61 -29.93
N GLY C 303 -4.79 17.53 -28.62
CA GLY C 303 -5.32 18.64 -27.86
C GLY C 303 -4.30 19.73 -27.65
N VAL C 304 -3.03 19.42 -27.95
CA VAL C 304 -1.94 20.36 -27.73
C VAL C 304 -2.02 21.55 -28.66
N GLY C 305 -2.21 22.73 -28.09
CA GLY C 305 -2.25 23.94 -28.88
C GLY C 305 -3.68 24.29 -29.24
N GLU C 306 -4.59 23.38 -28.92
CA GLU C 306 -5.99 23.60 -29.23
C GLU C 306 -6.75 24.23 -28.07
N GLU C 307 -7.98 24.65 -28.36
CA GLU C 307 -8.91 25.15 -27.38
C GLU C 307 -8.42 26.41 -26.65
N TYR C 308 -7.85 27.35 -27.38
CA TYR C 308 -7.35 28.58 -26.78
C TYR C 308 -8.44 29.47 -26.29
N GLN C 309 -8.37 29.86 -25.02
CA GLN C 309 -9.40 30.69 -24.41
C GLN C 309 -8.88 31.97 -23.80
N ASP C 310 -9.77 32.93 -23.59
CA ASP C 310 -9.37 34.27 -23.19
C ASP C 310 -10.53 34.93 -22.52
N HIS C 311 -10.41 36.21 -22.21
CA HIS C 311 -11.58 37.01 -21.87
C HIS C 311 -11.68 38.13 -22.87
N TYR C 312 -12.82 38.26 -23.51
CA TYR C 312 -12.93 39.19 -24.62
C TYR C 312 -13.36 40.57 -24.09
N THR C 313 -12.55 41.59 -24.33
CA THR C 313 -12.79 42.92 -23.78
C THR C 313 -13.33 43.89 -24.81
N THR C 314 -14.33 44.65 -24.43
CA THR C 314 -14.75 45.78 -25.22
C THR C 314 -14.71 47.01 -24.33
N LEU C 315 -14.48 48.17 -24.95
CA LEU C 315 -14.36 49.44 -24.26
C LEU C 315 -15.37 50.49 -24.71
N SER C 316 -16.17 50.96 -23.78
CA SER C 316 -17.09 52.05 -24.08
C SER C 316 -16.57 53.37 -23.55
N ILE C 317 -16.25 54.31 -24.41
CA ILE C 317 -15.77 55.62 -23.94
C ILE C 317 -16.86 56.65 -23.80
N TYR C 318 -17.00 57.26 -22.63
CA TYR C 318 -17.99 58.33 -22.47
C TYR C 318 -17.30 59.60 -22.05
N ARG C 319 -17.83 60.75 -22.46
CA ARG C 319 -17.22 62.03 -22.17
C ARG C 319 -17.77 62.59 -20.89
N VAL C 320 -16.90 63.20 -20.11
CA VAL C 320 -17.30 63.66 -18.80
C VAL C 320 -17.02 65.17 -18.58
N SER C 321 -17.62 65.78 -17.57
CA SER C 321 -17.46 67.20 -17.27
C SER C 321 -16.04 67.55 -16.91
N ASN C 322 -15.64 68.76 -17.26
CA ASN C 322 -14.28 69.21 -17.01
C ASN C 322 -13.90 69.38 -15.56
N GLU C 323 -14.86 69.50 -14.65
CA GLU C 323 -14.48 69.64 -13.24
C GLU C 323 -13.96 68.30 -12.72
N THR C 324 -14.24 67.24 -13.45
CA THR C 324 -13.89 65.90 -13.02
C THR C 324 -12.40 65.63 -13.00
N GLU C 325 -11.97 64.89 -12.00
CA GLU C 325 -10.59 64.47 -11.91
C GLU C 325 -10.40 63.15 -12.61
N THR C 326 -9.74 63.17 -13.76
CA THR C 326 -9.44 61.94 -14.50
C THR C 326 -7.97 61.84 -14.77
N LEU C 327 -7.58 60.78 -15.48
CA LEU C 327 -6.17 60.52 -15.71
C LEU C 327 -5.70 61.06 -17.05
N ASP C 328 -6.55 61.79 -17.75
CA ASP C 328 -6.28 62.11 -19.14
C ASP C 328 -5.14 63.08 -19.40
N GLU C 329 -5.08 64.14 -18.63
CA GLU C 329 -4.07 65.14 -18.85
C GLU C 329 -2.73 64.47 -18.69
N PHE C 330 -2.72 63.44 -17.86
CA PHE C 330 -1.55 62.64 -17.63
C PHE C 330 -1.13 61.89 -18.88
N LEU C 331 -2.07 61.24 -19.55
CA LEU C 331 -1.73 60.47 -20.73
C LEU C 331 -1.35 61.39 -21.89
N ARG C 332 -1.85 62.61 -21.82
CA ARG C 332 -1.53 63.64 -22.79
C ARG C 332 -0.12 64.21 -22.48
N GLY C 333 0.25 64.17 -21.20
CA GLY C 333 1.55 64.61 -20.74
C GLY C 333 1.66 66.08 -20.33
N ASP C 334 0.62 66.85 -20.64
CA ASP C 334 0.58 68.28 -20.39
C ASP C 334 0.72 68.74 -18.94
N LYS C 335 1.15 69.99 -18.79
CA LYS C 335 1.27 70.69 -17.50
C LYS C 335 2.25 70.14 -16.47
N ASP C 336 3.34 69.52 -16.93
CA ASP C 336 4.33 68.94 -16.01
C ASP C 336 3.71 68.06 -14.95
N THR C 337 2.66 67.34 -15.34
CA THR C 337 1.94 66.51 -14.40
C THR C 337 2.47 65.09 -14.45
N GLN C 338 3.01 64.71 -15.60
CA GLN C 338 3.63 63.40 -15.75
C GLN C 338 4.80 63.24 -14.78
N ARG C 339 5.52 64.34 -14.56
CA ARG C 339 6.62 64.35 -13.61
C ARG C 339 6.17 64.33 -12.13
N GLU C 340 5.09 65.05 -11.82
CA GLU C 340 4.61 65.11 -10.44
C GLU C 340 4.14 63.74 -10.00
N LEU C 341 3.26 63.13 -10.79
CA LEU C 341 2.73 61.80 -10.49
C LEU C 341 3.81 60.74 -10.62
N SER C 356 -2.48 53.45 -7.25
CA SER C 356 -3.63 52.98 -8.01
C SER C 356 -3.33 52.95 -9.50
N ASN C 357 -4.11 52.18 -10.23
CA ASN C 357 -4.06 52.19 -11.69
C ASN C 357 -5.22 52.97 -12.32
N ALA C 358 -5.90 53.76 -11.51
CA ALA C 358 -7.06 54.55 -11.93
C ALA C 358 -8.22 53.68 -12.43
N ILE C 359 -8.20 52.40 -12.11
CA ILE C 359 -9.39 51.57 -12.25
C ILE C 359 -9.78 51.13 -10.86
N ASP C 360 -10.54 51.95 -10.15
CA ASP C 360 -10.71 51.73 -8.72
C ASP C 360 -12.00 51.04 -8.37
N ALA C 361 -12.89 50.83 -9.34
CA ALA C 361 -14.16 50.21 -9.01
C ALA C 361 -14.82 49.50 -10.19
N GLY C 362 -15.53 48.42 -9.88
CA GLY C 362 -16.20 47.67 -10.94
C GLY C 362 -17.21 46.68 -10.41
N PHE C 363 -17.73 45.82 -11.28
CA PHE C 363 -18.70 44.83 -10.87
C PHE C 363 -18.65 43.54 -11.67
N LYS C 364 -19.21 42.49 -11.08
CA LYS C 364 -19.55 41.26 -11.76
C LYS C 364 -21.06 41.25 -11.95
N ILE C 365 -21.53 40.98 -13.16
CA ILE C 365 -22.96 40.98 -13.33
C ILE C 365 -23.45 39.73 -14.01
N ARG C 366 -24.71 39.43 -13.73
CA ARG C 366 -25.44 38.29 -14.25
C ARG C 366 -26.80 38.73 -14.77
N PRO C 367 -27.24 38.18 -15.91
CA PRO C 367 -28.52 38.59 -16.49
C PRO C 367 -29.72 38.02 -15.76
N THR C 368 -30.81 38.80 -15.72
CA THR C 368 -32.04 38.37 -15.08
C THR C 368 -32.88 37.57 -16.04
N GLU C 369 -33.71 36.66 -15.53
CA GLU C 369 -34.46 35.76 -16.42
C GLU C 369 -35.26 36.48 -17.47
N GLU C 370 -35.66 37.71 -17.18
CA GLU C 370 -36.39 38.52 -18.13
C GLU C 370 -35.46 38.92 -19.27
N GLU C 371 -34.21 39.24 -18.94
CA GLU C 371 -33.23 39.66 -19.92
C GLU C 371 -32.79 38.49 -20.77
N LEU C 372 -32.82 37.29 -20.22
CA LEU C 372 -32.44 36.13 -21.01
C LEU C 372 -33.31 36.02 -22.24
N LYS C 373 -34.55 36.47 -22.14
CA LYS C 373 -35.51 36.30 -23.22
C LYS C 373 -35.17 37.13 -24.44
N GLU C 374 -34.25 38.07 -24.30
CA GLU C 374 -33.96 38.93 -25.43
C GLU C 374 -32.56 38.65 -25.92
N MET C 375 -31.98 37.52 -25.49
CA MET C 375 -30.60 37.25 -25.83
C MET C 375 -30.45 36.13 -26.84
N GLY C 376 -31.55 35.59 -27.32
CA GLY C 376 -31.45 34.72 -28.47
C GLY C 376 -31.16 33.26 -28.23
N PRO C 377 -31.31 32.46 -29.28
CA PRO C 377 -31.18 31.01 -29.21
C PRO C 377 -29.83 30.56 -28.71
N GLU C 378 -28.78 30.97 -29.39
CA GLU C 378 -27.43 30.51 -29.11
C GLU C 378 -27.07 30.68 -27.67
N PHE C 379 -27.16 31.91 -27.20
CA PHE C 379 -26.79 32.18 -25.84
C PHE C 379 -27.77 31.56 -24.87
N ASN C 380 -29.03 31.38 -25.25
CA ASN C 380 -29.93 30.80 -24.27
C ASN C 380 -29.64 29.33 -24.08
N GLU C 381 -29.21 28.68 -25.15
CA GLU C 381 -28.74 27.31 -25.08
C GLU C 381 -27.54 27.27 -24.16
N LEU C 382 -26.57 28.14 -24.43
CA LEU C 382 -25.39 28.24 -23.58
C LEU C 382 -25.74 28.51 -22.14
N TRP C 383 -26.79 29.27 -21.91
CA TRP C 383 -27.16 29.60 -20.56
C TRP C 383 -27.69 28.37 -19.85
N ASP C 384 -28.59 27.65 -20.52
CA ASP C 384 -29.16 26.42 -19.97
C ASP C 384 -28.13 25.37 -19.65
N ARG C 385 -27.08 25.31 -20.46
CA ARG C 385 -26.06 24.29 -20.29
C ARG C 385 -24.96 24.69 -19.31
N TYR C 386 -24.66 25.98 -19.23
CA TYR C 386 -23.46 26.42 -18.53
C TYR C 386 -23.76 27.19 -17.25
N PHE C 387 -24.71 28.11 -17.29
CA PHE C 387 -24.88 29.01 -16.17
C PHE C 387 -26.06 28.68 -15.29
N LYS C 388 -27.07 28.02 -15.86
CA LYS C 388 -28.36 27.89 -15.20
C LYS C 388 -28.27 27.29 -13.82
N ASP C 389 -27.52 26.22 -13.70
CA ASP C 389 -27.46 25.50 -12.44
C ASP C 389 -26.27 25.91 -11.59
N LYS C 390 -25.46 26.83 -12.09
CA LYS C 390 -24.31 27.32 -11.34
C LYS C 390 -24.43 28.81 -11.14
N PRO C 391 -25.05 29.22 -10.03
CA PRO C 391 -25.46 30.58 -9.69
C PRO C 391 -24.33 31.54 -9.33
N ASP C 392 -23.11 31.05 -9.23
CA ASP C 392 -22.03 31.90 -8.78
C ASP C 392 -21.15 32.42 -9.90
N LYS C 393 -21.44 31.99 -11.12
CA LYS C 393 -20.65 32.42 -12.25
C LYS C 393 -21.18 33.70 -12.85
N PRO C 394 -20.38 34.77 -12.84
CA PRO C 394 -20.85 35.99 -13.46
C PRO C 394 -20.73 35.89 -14.97
N VAL C 395 -21.60 36.56 -15.70
CA VAL C 395 -21.54 36.53 -17.15
C VAL C 395 -20.66 37.65 -17.67
N MET C 396 -20.76 38.84 -17.09
CA MET C 396 -19.92 39.94 -17.56
C MET C 396 -19.12 40.62 -16.44
N PHE C 397 -17.99 41.21 -16.78
CA PHE C 397 -17.24 42.07 -15.87
C PHE C 397 -17.29 43.48 -16.40
N GLY C 398 -17.48 44.46 -15.53
CA GLY C 398 -17.39 45.84 -15.97
C GLY C 398 -16.66 46.66 -14.94
N SER C 399 -16.03 47.75 -15.34
CA SER C 399 -15.37 48.57 -14.36
C SER C 399 -15.06 49.88 -14.99
N ILE C 400 -14.82 50.89 -14.20
CA ILE C 400 -14.69 52.20 -14.79
C ILE C 400 -13.27 52.68 -14.72
N VAL C 401 -12.74 53.11 -15.85
CA VAL C 401 -11.39 53.63 -15.91
C VAL C 401 -11.51 55.14 -15.93
N ALA C 402 -10.92 55.80 -14.94
CA ALA C 402 -11.03 57.24 -14.85
C ALA C 402 -10.11 57.93 -15.84
N GLY C 403 -10.41 57.77 -17.11
CA GLY C 403 -9.63 58.39 -18.16
C GLY C 403 -10.04 57.60 -19.36
N ALA C 404 -9.57 57.94 -20.54
CA ALA C 404 -10.00 57.22 -21.71
C ALA C 404 -8.97 56.22 -22.13
N TYR C 405 -9.31 54.94 -22.03
CA TYR C 405 -8.36 53.92 -22.44
C TYR C 405 -8.33 53.83 -23.95
N ALA C 406 -7.81 54.87 -24.60
CA ALA C 406 -7.75 54.86 -26.06
C ALA C 406 -6.72 55.84 -26.57
N ASP C 407 -6.37 55.73 -27.85
CA ASP C 407 -5.35 56.58 -28.44
C ASP C 407 -5.79 58.03 -28.45
N HIS C 408 -5.15 58.85 -27.64
CA HIS C 408 -5.57 60.24 -27.49
C HIS C 408 -5.29 61.13 -28.69
N THR C 409 -4.58 60.63 -29.68
CA THR C 409 -4.40 61.41 -30.89
C THR C 409 -5.62 61.23 -31.79
N LEU C 410 -6.58 60.46 -31.29
CA LEU C 410 -7.84 60.27 -31.98
C LEU C 410 -9.03 60.67 -31.11
N LEU C 411 -8.76 61.24 -29.95
CA LEU C 411 -9.83 61.66 -29.08
C LEU C 411 -9.97 63.16 -29.05
N PRO C 412 -11.20 63.65 -29.21
CA PRO C 412 -11.48 65.08 -29.10
C PRO C 412 -10.98 65.59 -27.76
N PRO C 413 -10.69 66.87 -27.67
CA PRO C 413 -10.16 67.39 -26.42
C PRO C 413 -11.16 67.22 -25.32
N GLY C 414 -10.70 67.20 -24.08
CA GLY C 414 -11.63 67.08 -22.97
C GLY C 414 -11.29 65.92 -22.09
N LYS C 415 -12.21 65.57 -21.20
CA LYS C 415 -12.00 64.49 -20.28
C LYS C 415 -13.03 63.38 -20.52
N TYR C 416 -12.63 62.15 -20.22
CA TYR C 416 -13.44 60.97 -20.49
C TYR C 416 -13.37 59.99 -19.33
N VAL C 417 -14.32 59.08 -19.27
CA VAL C 417 -14.18 57.87 -18.48
C VAL C 417 -14.46 56.74 -19.43
N THR C 418 -13.99 55.53 -19.12
CA THR C 418 -14.38 54.42 -19.98
C THR C 418 -14.83 53.18 -19.24
N MET C 419 -15.94 52.63 -19.70
CA MET C 419 -16.43 51.36 -19.23
C MET C 419 -15.61 50.25 -19.84
N PHE C 420 -14.72 49.69 -19.03
CA PHE C 420 -13.89 48.58 -19.43
C PHE C 420 -14.69 47.35 -19.09
N GLN C 421 -15.10 46.59 -20.10
CA GLN C 421 -15.96 45.44 -19.84
C GLN C 421 -15.42 44.22 -20.53
N TYR C 422 -15.47 43.06 -19.89
CA TYR C 422 -15.08 41.84 -20.59
C TYR C 422 -16.02 40.68 -20.28
N LEU C 423 -16.10 39.74 -21.22
CA LEU C 423 -16.92 38.55 -21.09
C LEU C 423 -16.26 37.48 -20.26
N GLU C 424 -16.93 37.03 -19.21
CA GLU C 424 -16.28 36.15 -18.27
C GLU C 424 -16.04 34.72 -18.77
N TYR C 425 -17.01 34.07 -19.39
CA TYR C 425 -16.81 32.69 -19.84
C TYR C 425 -17.21 32.47 -21.28
N PRO C 426 -16.40 32.94 -22.23
CA PRO C 426 -16.69 32.94 -23.66
C PRO C 426 -16.87 31.58 -24.29
N ALA C 427 -17.65 31.49 -25.36
CA ALA C 427 -17.89 30.22 -26.03
C ALA C 427 -16.93 29.95 -27.14
N SER C 428 -16.30 31.00 -27.64
CA SER C 428 -15.42 30.82 -28.78
C SER C 428 -14.12 30.17 -28.34
N ARG C 429 -13.52 29.43 -29.26
CA ARG C 429 -12.24 28.80 -29.00
C ARG C 429 -11.28 29.03 -30.14
N GLY C 430 -10.01 29.27 -29.82
CA GLY C 430 -9.02 29.44 -30.86
C GLY C 430 -7.93 28.41 -30.73
N LYS C 431 -6.85 28.55 -31.46
CA LYS C 431 -5.79 27.56 -31.39
C LYS C 431 -4.48 28.14 -31.82
N ILE C 432 -3.40 27.45 -31.47
CA ILE C 432 -2.06 27.83 -31.91
C ILE C 432 -1.22 26.60 -32.23
N HIS C 433 -0.56 26.61 -33.38
CA HIS C 433 0.26 25.48 -33.78
C HIS C 433 1.57 25.94 -34.40
N ILE C 434 2.67 25.29 -34.05
CA ILE C 434 3.98 25.67 -34.58
C ILE C 434 3.99 25.51 -36.08
N LYS C 435 4.78 26.30 -36.79
CA LYS C 435 4.79 26.09 -38.22
C LYS C 435 6.08 25.43 -38.68
N SER C 436 7.03 25.28 -37.78
CA SER C 436 8.29 24.60 -38.08
C SER C 436 8.98 24.19 -36.80
N ALA C 437 9.89 23.23 -36.91
CA ALA C 437 10.62 22.80 -35.74
C ALA C 437 11.51 23.94 -35.26
N ASN C 438 11.71 24.94 -36.13
CA ASN C 438 12.49 26.13 -35.78
C ASN C 438 11.83 26.94 -34.69
N PRO C 439 12.57 27.25 -33.63
CA PRO C 439 12.01 27.99 -32.50
C PRO C 439 11.79 29.48 -32.79
N TYR C 440 12.26 29.94 -33.92
CA TYR C 440 12.23 31.36 -34.20
C TYR C 440 11.19 31.70 -35.24
N VAL C 441 10.41 30.73 -35.66
CA VAL C 441 9.36 31.04 -36.61
C VAL C 441 8.03 31.21 -35.92
N ASP C 442 7.30 32.23 -36.34
CA ASP C 442 6.01 32.53 -35.79
C ASP C 442 5.10 31.37 -36.04
N PRO C 443 4.33 30.98 -35.04
CA PRO C 443 3.39 29.89 -35.22
C PRO C 443 2.06 30.34 -35.86
N PHE C 444 1.34 29.40 -36.45
CA PHE C 444 -0.02 29.65 -36.85
C PHE C 444 -0.83 29.95 -35.63
N PHE C 445 -1.66 30.97 -35.72
CA PHE C 445 -2.46 31.41 -34.59
C PHE C 445 -3.83 31.90 -34.99
N ASP C 446 -4.86 31.42 -34.29
CA ASP C 446 -6.21 31.95 -34.46
C ASP C 446 -6.78 32.25 -33.11
N SER C 447 -7.01 33.53 -32.86
CA SER C 447 -7.54 34.04 -31.61
C SER C 447 -8.84 33.33 -31.26
N GLY C 448 -9.66 33.12 -32.28
CA GLY C 448 -10.92 32.45 -32.13
C GLY C 448 -12.02 33.37 -31.72
N PHE C 449 -11.69 34.63 -31.49
CA PHE C 449 -12.66 35.63 -31.04
C PHE C 449 -13.91 35.60 -31.88
N MET C 450 -15.05 35.35 -31.23
CA MET C 450 -16.36 35.48 -31.84
C MET C 450 -16.69 34.43 -32.89
N ASN C 451 -16.05 33.28 -32.84
CA ASN C 451 -16.41 32.24 -33.79
C ASN C 451 -17.48 31.36 -33.21
N ASN C 452 -18.01 31.77 -32.07
CA ASN C 452 -19.19 31.11 -31.56
C ASN C 452 -20.20 32.19 -31.26
N LYS C 453 -21.28 32.22 -32.04
CA LYS C 453 -22.20 33.34 -32.06
C LYS C 453 -22.74 33.66 -30.68
N ALA C 454 -22.78 32.66 -29.82
CA ALA C 454 -23.26 32.81 -28.46
C ALA C 454 -22.41 33.77 -27.62
N ASP C 455 -21.41 34.36 -28.25
CA ASP C 455 -20.52 35.31 -27.60
C ASP C 455 -20.91 36.74 -27.89
N PHE C 456 -21.74 36.94 -28.90
CA PHE C 456 -22.15 38.30 -29.18
C PHE C 456 -23.17 38.76 -28.18
N ALA C 457 -24.17 37.91 -27.93
CA ALA C 457 -25.31 38.29 -27.13
C ALA C 457 -24.94 38.88 -25.78
N PRO C 458 -24.07 38.24 -25.01
CA PRO C 458 -23.83 38.89 -23.71
C PRO C 458 -23.10 40.22 -23.82
N ILE C 459 -22.05 40.30 -24.63
CA ILE C 459 -21.28 41.54 -24.77
C ILE C 459 -22.16 42.70 -25.15
N ARG C 460 -23.01 42.49 -26.14
CA ARG C 460 -24.02 43.46 -26.53
C ARG C 460 -24.85 43.86 -25.33
N TRP C 461 -25.37 42.89 -24.60
CA TRP C 461 -26.11 43.16 -23.38
C TRP C 461 -25.29 44.09 -22.51
N SER C 462 -24.03 43.76 -22.32
CA SER C 462 -23.17 44.55 -21.46
C SER C 462 -23.09 45.95 -21.97
N TYR C 463 -22.91 46.08 -23.27
CA TYR C 463 -22.80 47.38 -23.87
C TYR C 463 -23.95 48.25 -23.43
N LYS C 464 -25.13 47.64 -23.39
CA LYS C 464 -26.32 48.35 -23.00
C LYS C 464 -26.22 48.71 -21.54
N VAL C 465 -25.97 47.72 -20.68
CA VAL C 465 -25.97 47.96 -19.24
C VAL C 465 -25.08 49.13 -18.82
N THR C 466 -23.79 49.01 -19.11
CA THR C 466 -22.84 50.08 -18.85
C THR C 466 -23.32 51.43 -19.35
N ARG C 467 -23.89 51.45 -20.55
CA ARG C 467 -24.35 52.72 -21.10
C ARG C 467 -25.34 53.35 -20.14
N GLU C 468 -26.29 52.56 -19.67
CA GLU C 468 -27.27 53.02 -18.70
C GLU C 468 -26.53 53.53 -17.49
N VAL C 469 -25.57 52.75 -17.02
CA VAL C 469 -24.76 53.17 -15.87
C VAL C 469 -24.16 54.51 -16.18
N ALA C 470 -23.61 54.60 -17.38
CA ALA C 470 -22.94 55.82 -17.80
C ALA C 470 -23.89 56.99 -17.80
N ARG C 471 -25.12 56.77 -18.23
CA ARG C 471 -26.08 57.86 -18.35
C ARG C 471 -26.54 58.35 -16.99
N ARG C 472 -26.22 57.61 -15.95
CA ARG C 472 -26.75 57.95 -14.64
C ARG C 472 -25.73 58.53 -13.72
N MET C 473 -24.56 58.87 -14.27
CA MET C 473 -23.51 59.42 -13.43
C MET C 473 -23.56 60.92 -13.38
N ASP C 474 -23.17 61.48 -12.24
CA ASP C 474 -23.25 62.92 -12.03
C ASP C 474 -22.19 63.64 -12.86
N ALA C 475 -21.29 62.87 -13.45
CA ALA C 475 -20.18 63.46 -14.16
C ALA C 475 -20.35 63.27 -15.65
N PHE C 476 -21.23 62.34 -16.02
CA PHE C 476 -21.48 62.03 -17.42
C PHE C 476 -21.89 63.25 -18.21
N ARG C 477 -21.14 63.61 -19.23
CA ARG C 477 -21.54 64.76 -20.01
C ARG C 477 -21.68 64.47 -21.50
N GLY C 478 -21.62 63.20 -21.88
CA GLY C 478 -21.97 62.86 -23.25
C GLY C 478 -21.38 61.56 -23.69
N GLU C 479 -21.74 61.09 -24.87
CA GLU C 479 -21.18 59.85 -25.35
C GLU C 479 -20.24 60.14 -26.48
N LEU C 480 -19.15 59.40 -26.59
CA LEU C 480 -18.23 59.65 -27.69
C LEU C 480 -18.70 58.91 -28.90
N ALA C 481 -19.32 59.67 -29.80
CA ALA C 481 -20.02 59.09 -30.92
C ALA C 481 -19.11 58.21 -31.76
N SER C 482 -17.90 58.69 -32.04
CA SER C 482 -17.03 58.02 -33.01
C SER C 482 -16.75 56.59 -32.63
N HIS C 483 -16.62 56.36 -31.34
CA HIS C 483 -16.18 55.08 -30.85
C HIS C 483 -17.30 54.22 -30.35
N HIS C 484 -18.50 54.51 -30.82
CA HIS C 484 -19.67 53.74 -30.43
C HIS C 484 -20.26 53.12 -31.68
N PRO C 485 -21.19 52.16 -31.52
CA PRO C 485 -21.71 51.48 -32.69
C PRO C 485 -22.23 52.46 -33.69
N HIS C 486 -22.39 52.02 -34.93
CA HIS C 486 -22.87 52.94 -35.93
C HIS C 486 -24.37 52.85 -36.02
N PHE C 487 -25.06 53.37 -35.00
CA PHE C 487 -26.51 53.39 -35.02
C PHE C 487 -27.01 54.30 -36.10
N HIS C 488 -28.17 53.97 -36.65
CA HIS C 488 -28.80 54.83 -37.64
C HIS C 488 -29.02 56.16 -36.96
N PRO C 489 -28.64 57.26 -37.62
CA PRO C 489 -28.69 58.59 -37.00
C PRO C 489 -30.07 58.86 -36.48
N ASN C 490 -31.07 58.33 -37.17
CA ASN C 490 -32.43 58.61 -36.78
C ASN C 490 -32.96 57.69 -35.70
N SER C 491 -32.24 56.63 -35.38
CA SER C 491 -32.73 55.72 -34.36
C SER C 491 -32.72 56.43 -33.01
N PRO C 492 -33.66 56.07 -32.11
CA PRO C 492 -33.73 56.66 -30.78
C PRO C 492 -32.50 56.33 -29.98
N ALA C 493 -31.82 55.28 -30.39
CA ALA C 493 -30.68 54.81 -29.65
C ALA C 493 -29.36 55.41 -30.11
N ALA C 494 -29.41 56.34 -31.06
CA ALA C 494 -28.20 56.97 -31.57
C ALA C 494 -27.47 57.66 -30.43
N THR C 495 -26.20 57.95 -30.62
CA THR C 495 -25.43 58.51 -29.54
C THR C 495 -25.48 60.00 -29.62
N ARG C 496 -25.64 60.65 -28.48
CA ARG C 496 -25.56 62.10 -28.45
C ARG C 496 -24.28 62.56 -27.80
N ASP C 497 -23.51 63.35 -28.52
CA ASP C 497 -22.18 63.72 -28.08
C ASP C 497 -22.22 64.87 -27.11
N ILE C 498 -21.09 65.54 -26.90
CA ILE C 498 -20.95 66.48 -25.80
C ILE C 498 -22.01 67.57 -25.87
N ASP C 499 -22.50 68.02 -24.71
CA ASP C 499 -23.46 69.12 -24.63
C ASP C 499 -22.75 70.42 -24.89
N ILE C 500 -23.48 71.44 -25.33
CA ILE C 500 -22.84 72.67 -25.75
C ILE C 500 -22.19 73.38 -24.58
N LYS C 501 -22.75 73.22 -23.39
CA LYS C 501 -22.26 73.96 -22.24
C LYS C 501 -20.81 73.60 -21.86
N THR C 502 -20.47 72.32 -21.90
CA THR C 502 -19.11 71.84 -21.62
C THR C 502 -18.13 72.17 -22.71
N ALA C 503 -18.59 72.00 -23.95
CA ALA C 503 -17.79 72.29 -25.12
C ALA C 503 -17.40 73.75 -25.09
N LYS C 504 -18.23 74.58 -24.48
CA LYS C 504 -17.88 75.97 -24.32
C LYS C 504 -16.73 76.13 -23.35
N GLU C 505 -16.74 75.37 -22.27
CA GLU C 505 -15.67 75.51 -21.30
C GLU C 505 -14.37 75.01 -21.92
N ILE C 506 -14.44 74.11 -22.89
CA ILE C 506 -13.19 73.63 -23.48
C ILE C 506 -12.50 74.69 -24.32
N TYR C 507 -13.28 75.54 -24.97
CA TYR C 507 -12.74 76.59 -25.82
C TYR C 507 -13.50 77.89 -25.69
N PRO C 508 -13.27 78.64 -24.61
CA PRO C 508 -14.14 79.77 -24.26
C PRO C 508 -14.36 80.75 -25.40
N ASN C 509 -13.28 81.10 -26.12
CA ASN C 509 -13.39 82.00 -27.26
C ASN C 509 -13.20 81.24 -28.53
N GLY C 510 -13.64 79.99 -28.57
CA GLY C 510 -13.43 79.20 -29.77
C GLY C 510 -14.55 79.47 -30.74
N LEU C 511 -14.17 79.84 -31.95
CA LEU C 511 -15.11 80.26 -32.97
C LEU C 511 -15.87 79.12 -33.61
N THR C 512 -15.62 77.90 -33.19
CA THR C 512 -16.24 76.78 -33.87
C THR C 512 -17.12 75.94 -33.00
N VAL C 513 -16.99 76.06 -31.69
CA VAL C 513 -17.84 75.30 -30.82
C VAL C 513 -19.31 75.60 -31.09
N GLY C 514 -20.11 74.54 -31.20
CA GLY C 514 -21.52 74.67 -31.46
C GLY C 514 -21.90 74.95 -32.89
N ILE C 515 -20.97 74.80 -33.81
CA ILE C 515 -21.32 74.97 -35.20
C ILE C 515 -22.16 73.77 -35.62
N HIS C 516 -23.31 74.02 -36.23
CA HIS C 516 -24.14 72.90 -36.61
C HIS C 516 -23.75 72.40 -38.00
N MET C 517 -22.89 73.14 -38.70
CA MET C 517 -22.62 72.88 -40.13
C MET C 517 -21.97 71.55 -40.38
N GLY C 518 -22.71 70.65 -41.02
CA GLY C 518 -22.24 69.30 -41.25
C GLY C 518 -23.08 68.19 -40.60
N THR C 519 -23.72 68.49 -39.48
CA THR C 519 -24.51 67.50 -38.74
C THR C 519 -23.68 66.26 -38.46
N TRP C 520 -22.44 66.47 -38.03
CA TRP C 520 -21.57 65.34 -37.66
C TRP C 520 -21.94 64.84 -36.29
N HIS C 521 -22.79 65.59 -35.61
CA HIS C 521 -23.23 65.20 -34.28
C HIS C 521 -24.62 65.68 -33.92
N ARG C 522 -25.10 65.11 -32.82
CA ARG C 522 -26.31 65.51 -32.15
C ARG C 522 -25.94 65.76 -30.70
N PRO C 523 -26.01 67.01 -30.23
CA PRO C 523 -25.58 67.30 -28.85
C PRO C 523 -26.53 66.77 -27.77
N SER C 524 -26.00 66.39 -26.60
CA SER C 524 -26.83 65.90 -25.50
C SER C 524 -27.44 67.07 -24.77
N GLU C 525 -28.60 66.88 -24.16
CA GLU C 525 -29.15 67.95 -23.32
C GLU C 525 -28.24 68.14 -22.12
N PRO C 526 -27.94 69.41 -21.78
CA PRO C 526 -27.06 69.71 -20.64
C PRO C 526 -27.55 69.17 -19.30
N PHE C 527 -26.65 69.15 -18.33
CA PHE C 527 -26.89 68.56 -17.01
C PHE C 527 -27.84 69.26 -16.03
N ASP C 528 -28.99 68.68 -15.75
CA ASP C 528 -29.82 69.15 -14.64
C ASP C 528 -29.91 67.98 -13.66
N PRO C 529 -29.45 68.20 -12.41
CA PRO C 529 -29.41 67.10 -11.45
C PRO C 529 -30.78 66.52 -11.19
N SER C 530 -31.80 67.37 -11.29
CA SER C 530 -33.19 66.94 -11.14
C SER C 530 -33.72 66.39 -12.44
N LYS C 531 -33.15 65.27 -12.88
CA LYS C 531 -33.59 64.62 -14.11
C LYS C 531 -33.96 63.20 -13.81
N VAL C 532 -35.05 62.73 -14.41
CA VAL C 532 -35.50 61.38 -14.19
C VAL C 532 -35.20 60.57 -15.43
N HIS C 533 -34.77 59.34 -15.22
CA HIS C 533 -34.17 58.56 -16.28
C HIS C 533 -34.97 57.37 -16.81
N GLU C 534 -34.93 57.23 -18.13
CA GLU C 534 -35.60 56.14 -18.84
C GLU C 534 -34.64 55.31 -19.70
N ASP C 535 -34.75 53.99 -19.62
CA ASP C 535 -33.87 53.10 -20.34
C ASP C 535 -33.94 53.31 -21.85
N ILE C 536 -32.80 53.25 -22.51
CA ILE C 536 -32.76 53.36 -23.96
C ILE C 536 -33.32 52.12 -24.63
N LYS C 537 -34.13 52.32 -25.66
CA LYS C 537 -34.70 51.21 -26.39
C LYS C 537 -33.93 50.94 -27.68
N TYR C 538 -33.65 49.67 -27.93
CA TYR C 538 -32.87 49.30 -29.10
C TYR C 538 -33.69 48.40 -30.03
N THR C 539 -33.49 48.58 -31.33
CA THR C 539 -34.12 47.74 -32.34
C THR C 539 -33.28 46.55 -32.74
N LYS C 540 -33.72 45.82 -33.74
CA LYS C 540 -32.90 44.74 -34.24
C LYS C 540 -31.76 45.29 -35.09
N GLU C 541 -31.99 46.37 -35.83
CA GLU C 541 -30.90 46.97 -36.57
C GLU C 541 -29.93 47.66 -35.62
N ASP C 542 -30.44 48.22 -34.53
CA ASP C 542 -29.55 48.78 -33.52
C ASP C 542 -28.73 47.68 -32.85
N ASP C 543 -29.36 46.54 -32.61
CA ASP C 543 -28.66 45.38 -32.09
C ASP C 543 -27.57 44.96 -33.06
N GLN C 544 -27.85 45.02 -34.35
CA GLN C 544 -26.84 44.67 -35.35
C GLN C 544 -25.70 45.67 -35.39
N ALA C 545 -26.01 46.93 -35.20
CA ALA C 545 -24.99 47.96 -35.12
C ALA C 545 -24.04 47.63 -34.01
N ILE C 546 -24.59 47.20 -32.87
CA ILE C 546 -23.75 46.81 -31.76
C ILE C 546 -22.99 45.52 -32.04
N ASP C 547 -23.59 44.56 -32.73
CA ASP C 547 -22.87 43.33 -33.05
C ASP C 547 -21.67 43.66 -33.90
N ASP C 548 -21.85 44.54 -34.87
CA ASP C 548 -20.74 44.97 -35.70
C ASP C 548 -19.69 45.74 -34.92
N TRP C 549 -20.11 46.59 -33.99
CA TRP C 549 -19.17 47.33 -33.17
C TRP C 549 -18.33 46.40 -32.34
N ILE C 550 -19.01 45.44 -31.73
CA ILE C 550 -18.34 44.42 -30.94
C ILE C 550 -17.34 43.68 -31.80
N ALA C 551 -17.76 43.25 -32.97
CA ALA C 551 -16.90 42.51 -33.87
C ALA C 551 -15.70 43.34 -34.24
N ASP C 552 -15.90 44.64 -34.38
CA ASP C 552 -14.85 45.54 -34.83
C ASP C 552 -13.83 45.89 -33.76
N HIS C 553 -14.27 45.98 -32.52
CA HIS C 553 -13.43 46.54 -31.46
C HIS C 553 -13.19 45.65 -30.28
N VAL C 554 -13.42 44.35 -30.42
CA VAL C 554 -13.17 43.42 -29.33
C VAL C 554 -11.69 43.08 -29.28
N GLU C 555 -11.13 42.97 -28.09
CA GLU C 555 -9.70 42.74 -27.94
C GLU C 555 -9.44 41.73 -26.81
N THR C 556 -8.25 41.16 -26.74
CA THR C 556 -7.95 40.26 -25.63
C THR C 556 -7.86 41.01 -24.33
N THR C 557 -7.82 40.28 -23.22
CA THR C 557 -7.59 40.90 -21.93
C THR C 557 -6.29 40.39 -21.34
N TRP C 558 -5.56 39.63 -22.15
CA TRP C 558 -4.31 38.99 -21.77
C TRP C 558 -4.50 37.95 -20.69
N HIS C 559 -5.69 37.35 -20.66
CA HIS C 559 -5.97 36.27 -19.73
C HIS C 559 -6.05 34.96 -20.45
N SER C 560 -5.06 34.68 -21.29
CA SER C 560 -5.06 33.51 -22.15
C SER C 560 -5.00 32.28 -21.30
N LEU C 561 -5.69 31.23 -21.72
CA LEU C 561 -5.66 29.96 -20.99
C LEU C 561 -6.16 28.77 -21.81
N GLY C 562 -5.72 27.57 -21.46
CA GLY C 562 -6.39 26.38 -21.93
C GLY C 562 -5.80 25.63 -23.10
N THR C 563 -4.62 26.00 -23.56
CA THR C 563 -4.07 25.34 -24.73
C THR C 563 -3.58 23.92 -24.46
N CYS C 564 -3.34 23.59 -23.21
CA CYS C 564 -2.89 22.24 -22.84
C CYS C 564 -3.81 21.64 -21.82
N ALA C 565 -5.04 21.35 -22.24
CA ALA C 565 -6.11 21.02 -21.32
C ALA C 565 -5.83 19.88 -20.35
N MET C 566 -6.37 20.01 -19.16
CA MET C 566 -6.33 18.97 -18.16
C MET C 566 -7.62 18.19 -18.18
N LYS C 567 -7.63 17.10 -18.92
CA LYS C 567 -8.78 16.25 -18.99
C LYS C 567 -8.37 14.92 -19.57
N PRO C 568 -9.22 13.88 -19.47
CA PRO C 568 -8.89 12.59 -20.04
C PRO C 568 -8.34 12.69 -21.45
N ARG C 569 -7.39 11.84 -21.79
CA ARG C 569 -6.74 11.93 -23.09
C ARG C 569 -7.71 11.76 -24.23
N GLU C 570 -8.71 10.92 -24.03
CA GLU C 570 -9.63 10.59 -25.09
C GLU C 570 -10.57 11.74 -25.42
N GLN C 571 -10.56 12.77 -24.59
CA GLN C 571 -11.43 13.92 -24.82
C GLN C 571 -10.64 15.06 -25.40
N GLY C 572 -9.34 14.87 -25.49
CA GLY C 572 -8.48 15.85 -26.11
C GLY C 572 -7.61 16.52 -25.08
N GLY C 573 -7.40 15.84 -23.96
CA GLY C 573 -6.60 16.38 -22.88
C GLY C 573 -5.13 16.24 -23.17
N VAL C 574 -4.32 16.96 -22.44
CA VAL C 574 -2.88 16.89 -22.59
C VAL C 574 -2.22 16.46 -21.29
N VAL C 575 -2.82 16.79 -20.16
CA VAL C 575 -2.18 16.44 -18.90
C VAL C 575 -3.04 15.66 -17.93
N ASP C 576 -2.32 15.09 -16.99
CA ASP C 576 -2.82 14.28 -15.91
C ASP C 576 -3.70 15.11 -15.01
N ALA C 577 -4.22 14.50 -13.97
CA ALA C 577 -4.82 15.22 -12.86
C ALA C 577 -3.71 15.71 -11.97
N ARG C 578 -2.50 15.31 -12.30
CA ARG C 578 -1.31 15.77 -11.61
C ARG C 578 -0.36 16.49 -12.56
N LEU C 579 -0.89 16.93 -13.68
CA LEU C 579 -0.21 17.78 -14.63
C LEU C 579 0.93 17.11 -15.39
N ASN C 580 0.91 15.79 -15.49
CA ASN C 580 1.91 15.10 -16.30
C ASN C 580 1.53 15.00 -17.76
N VAL C 581 2.39 15.39 -18.68
CA VAL C 581 2.05 15.24 -20.09
C VAL C 581 1.88 13.78 -20.44
N TYR C 582 0.75 13.45 -21.06
CA TYR C 582 0.39 12.09 -21.42
C TYR C 582 1.40 11.43 -22.36
N GLY C 583 1.77 10.20 -22.06
CA GLY C 583 2.65 9.48 -22.95
C GLY C 583 4.10 9.75 -22.65
N THR C 584 4.37 10.47 -21.58
CA THR C 584 5.73 10.69 -21.14
C THR C 584 5.75 10.61 -19.64
N GLU C 585 6.94 10.56 -19.05
CA GLU C 585 7.09 10.66 -17.60
C GLU C 585 8.16 11.68 -17.25
N ASN C 586 8.11 12.19 -16.02
CA ASN C 586 9.00 13.26 -15.56
C ASN C 586 8.85 14.55 -16.36
N LEU C 587 7.68 14.76 -16.94
CA LEU C 587 7.36 15.99 -17.65
C LEU C 587 6.02 16.53 -17.19
N LYS C 588 6.01 17.79 -16.78
CA LYS C 588 4.78 18.41 -16.31
C LYS C 588 4.51 19.79 -16.93
N CYS C 589 3.24 20.14 -17.11
CA CYS C 589 2.87 21.50 -17.48
C CYS C 589 2.26 22.22 -16.30
N VAL C 590 2.91 23.26 -15.82
CA VAL C 590 2.37 24.01 -14.72
C VAL C 590 2.32 25.49 -15.10
N ASP C 591 1.24 25.88 -15.76
CA ASP C 591 0.93 27.27 -16.04
C ASP C 591 -0.57 27.36 -16.27
N LEU C 592 -1.04 28.41 -16.94
CA LEU C 592 -2.48 28.54 -17.16
C LEU C 592 -2.96 27.68 -18.31
N SER C 593 -2.05 27.08 -19.07
CA SER C 593 -2.47 26.35 -20.24
C SER C 593 -3.25 25.10 -19.87
N ILE C 594 -3.17 24.66 -18.63
CA ILE C 594 -3.86 23.44 -18.24
C ILE C 594 -5.34 23.60 -17.92
N CYS C 595 -5.86 24.82 -17.87
CA CYS C 595 -7.24 25.01 -17.51
C CYS C 595 -8.17 24.40 -18.55
N PRO C 596 -9.07 23.52 -18.13
CA PRO C 596 -10.03 22.92 -19.05
C PRO C 596 -11.14 23.86 -19.47
N ASP C 597 -11.57 24.76 -18.59
CA ASP C 597 -12.60 25.73 -18.95
C ASP C 597 -12.20 27.04 -18.31
N ASN C 598 -12.87 28.13 -18.65
CA ASN C 598 -12.47 29.45 -18.22
C ASN C 598 -12.76 29.73 -16.76
N LEU C 599 -12.21 30.84 -16.29
CA LEU C 599 -12.35 31.33 -14.91
C LEU C 599 -12.86 32.76 -14.89
N GLY C 600 -13.87 33.02 -14.07
CA GLY C 600 -14.51 34.32 -14.05
C GLY C 600 -13.71 35.36 -13.28
N THR C 601 -12.49 35.61 -13.74
CA THR C 601 -11.55 36.43 -12.98
C THR C 601 -10.35 36.90 -13.78
N HIS C 602 -9.76 38.02 -13.38
CA HIS C 602 -8.42 38.37 -13.84
C HIS C 602 -7.51 37.24 -13.40
N THR C 603 -6.68 36.72 -14.28
CA THR C 603 -6.14 35.40 -14.03
C THR C 603 -4.81 35.29 -13.32
N TYR C 604 -4.29 36.37 -12.77
CA TYR C 604 -3.04 36.26 -12.04
C TYR C 604 -3.22 35.41 -10.80
N SER C 605 -4.23 35.70 -9.97
CA SER C 605 -4.48 34.89 -8.78
C SER C 605 -4.72 33.46 -9.17
N SER C 606 -5.30 33.27 -10.34
CA SER C 606 -5.53 31.93 -10.84
C SER C 606 -4.22 31.26 -11.21
N ALA C 607 -3.33 31.99 -11.88
CA ALA C 607 -2.03 31.48 -12.26
C ALA C 607 -1.18 31.15 -11.06
N LEU C 608 -1.21 32.01 -10.06
CA LEU C 608 -0.52 31.70 -8.83
C LEU C 608 -1.07 30.43 -8.23
N LEU C 609 -2.38 30.27 -8.24
CA LEU C 609 -2.95 29.07 -7.67
C LEU C 609 -2.53 27.81 -8.40
N VAL C 610 -2.55 27.85 -9.73
CA VAL C 610 -2.11 26.69 -10.49
C VAL C 610 -0.70 26.38 -10.11
N GLY C 611 0.12 27.40 -9.98
CA GLY C 611 1.49 27.18 -9.58
C GLY C 611 1.64 26.51 -8.23
N GLU C 612 0.89 26.97 -7.24
CA GLU C 612 0.98 26.42 -5.92
C GLU C 612 0.56 24.96 -5.94
N LYS C 613 -0.54 24.65 -6.62
CA LYS C 613 -0.97 23.27 -6.65
C LYS C 613 0.10 22.42 -7.29
N GLY C 614 0.67 22.91 -8.38
CA GLY C 614 1.72 22.18 -9.06
C GLY C 614 2.91 21.97 -8.17
N ALA C 615 3.30 22.99 -7.42
CA ALA C 615 4.42 22.87 -6.51
C ALA C 615 4.10 21.83 -5.49
N ASP C 616 2.86 21.78 -5.05
CA ASP C 616 2.46 20.79 -4.08
C ASP C 616 2.61 19.40 -4.66
N LEU C 617 2.14 19.23 -5.89
CA LEU C 617 2.18 17.94 -6.54
C LEU C 617 3.59 17.46 -6.74
N ILE C 618 4.45 18.35 -7.21
CA ILE C 618 5.85 18.05 -7.42
C ILE C 618 6.55 17.77 -6.09
N ALA C 619 6.08 18.44 -5.05
CA ALA C 619 6.59 18.17 -3.73
C ALA C 619 6.29 16.76 -3.34
N GLU C 620 5.05 16.29 -3.52
CA GLU C 620 4.77 14.91 -3.14
C GLU C 620 5.45 13.95 -4.06
N ASP C 621 5.47 14.26 -5.36
CA ASP C 621 6.00 13.35 -6.36
C ASP C 621 7.47 13.05 -6.10
N LEU C 622 8.19 13.99 -5.49
CA LEU C 622 9.62 13.84 -5.21
C LEU C 622 9.95 13.60 -3.74
N GLY C 623 8.94 13.45 -2.91
CA GLY C 623 9.15 13.23 -1.48
C GLY C 623 9.78 14.42 -0.79
N LEU C 624 9.18 15.59 -0.96
CA LEU C 624 9.71 16.84 -0.45
C LEU C 624 8.73 17.48 0.49
N LYS C 625 9.24 18.29 1.41
CA LYS C 625 8.36 19.06 2.29
C LYS C 625 8.52 20.55 2.05
N LEU C 626 7.45 21.21 1.61
CA LEU C 626 7.56 22.64 1.38
C LEU C 626 7.82 23.36 2.68
N ARG C 627 8.69 24.36 2.63
CA ARG C 627 9.00 25.13 3.81
C ARG C 627 8.12 26.35 3.83
N LEU C 628 7.31 26.47 4.87
CA LEU C 628 6.43 27.61 5.00
C LEU C 628 6.68 28.21 6.38
N PRO C 629 6.66 29.55 6.49
CA PRO C 629 6.38 30.54 5.45
C PRO C 629 7.53 30.60 4.50
N HIS C 630 7.35 31.26 3.36
CA HIS C 630 8.36 31.31 2.32
C HIS C 630 9.50 32.24 2.70
N ALA C 631 10.52 32.28 1.86
CA ALA C 631 11.64 33.19 2.09
C ALA C 631 11.14 34.61 2.12
N GLN C 632 11.65 35.41 3.05
CA GLN C 632 11.18 36.77 3.23
C GLN C 632 11.42 37.58 1.97
N VAL C 633 10.38 38.19 1.45
CA VAL C 633 10.47 38.97 0.22
C VAL C 633 11.27 40.23 0.46
N PRO C 634 12.15 40.57 -0.50
CA PRO C 634 12.98 41.78 -0.43
C PRO C 634 12.10 43.02 -0.31
N HIS C 635 12.57 44.02 0.43
CA HIS C 635 11.83 45.27 0.65
C HIS C 635 10.58 45.15 1.56
N ALA C 636 10.45 44.08 2.35
CA ALA C 636 9.32 44.01 3.26
C ALA C 636 9.73 43.91 4.72
N PRO C 637 8.88 44.45 5.62
CA PRO C 637 9.07 44.22 7.06
C PRO C 637 8.58 42.81 7.35
N VAL C 638 8.62 42.36 8.60
CA VAL C 638 8.02 41.09 8.94
C VAL C 638 6.53 41.14 8.59
N PRO C 639 6.00 40.09 7.93
CA PRO C 639 4.56 40.03 7.62
C PRO C 639 3.70 39.99 8.88
N ALA C 640 2.53 40.61 8.84
CA ALA C 640 1.67 40.71 10.01
C ALA C 640 1.33 39.34 10.57
N GLY C 641 0.70 38.51 9.76
CA GLY C 641 0.31 37.18 10.17
C GLY C 641 -1.04 37.14 10.87
N LYS C 642 -1.81 38.23 10.74
CA LYS C 642 -3.15 38.34 11.30
C LYS C 642 -3.82 39.64 10.79
N PRO C 643 -5.15 39.63 10.61
CA PRO C 643 -5.89 40.83 10.22
C PRO C 643 -5.61 42.05 11.12
N HIS D 3 78.08 -15.17 21.32
CA HIS D 3 77.27 -14.07 20.80
C HIS D 3 78.12 -12.86 20.56
N PRO D 4 78.28 -12.50 19.28
CA PRO D 4 79.34 -11.66 18.74
C PRO D 4 79.58 -10.43 19.60
N GLU D 5 80.61 -10.46 20.43
CA GLU D 5 80.97 -9.35 21.30
C GLU D 5 80.80 -7.97 20.67
N GLU D 6 80.72 -7.88 19.34
CA GLU D 6 80.54 -6.58 18.72
C GLU D 6 79.73 -6.71 17.43
N VAL D 7 78.70 -5.88 17.28
CA VAL D 7 77.95 -5.82 16.03
C VAL D 7 77.72 -4.36 15.70
N ASP D 8 77.15 -4.09 14.53
CA ASP D 8 76.97 -2.70 14.12
C ASP D 8 75.83 -2.02 14.86
N VAL D 9 74.66 -2.65 14.82
CA VAL D 9 73.46 -2.09 15.42
C VAL D 9 72.76 -3.08 16.36
N ILE D 10 72.49 -2.68 17.58
CA ILE D 10 71.71 -3.52 18.49
C ILE D 10 70.29 -3.01 18.58
N VAL D 11 69.28 -3.85 18.38
CA VAL D 11 67.91 -3.40 18.54
C VAL D 11 67.30 -4.16 19.70
N CYS D 12 66.83 -3.45 20.71
CA CYS D 12 66.35 -4.12 21.91
C CYS D 12 64.84 -4.29 21.92
N GLY D 13 64.39 -5.49 21.60
CA GLY D 13 62.97 -5.80 21.58
C GLY D 13 62.54 -6.11 20.16
N GLY D 14 61.84 -7.22 19.97
CA GLY D 14 61.47 -7.64 18.63
C GLY D 14 60.05 -7.35 18.24
N GLY D 15 59.47 -6.28 18.79
CA GLY D 15 58.12 -5.86 18.43
C GLY D 15 58.06 -5.43 16.97
N PRO D 16 56.90 -4.96 16.50
CA PRO D 16 56.73 -4.49 15.12
C PRO D 16 57.69 -3.39 14.69
N ALA D 17 57.88 -2.40 15.53
CA ALA D 17 58.81 -1.33 15.17
C ALA D 17 60.21 -1.92 15.01
N GLY D 18 60.68 -2.60 16.05
CA GLY D 18 62.00 -3.20 16.06
C GLY D 18 62.20 -4.20 14.94
N SER D 19 61.17 -4.96 14.63
CA SER D 19 61.26 -5.90 13.54
C SER D 19 61.46 -5.16 12.23
N VAL D 20 60.74 -4.06 12.04
CA VAL D 20 60.90 -3.28 10.82
C VAL D 20 62.28 -2.65 10.69
N VAL D 21 62.76 -2.07 11.78
CA VAL D 21 64.08 -1.45 11.79
C VAL D 21 65.15 -2.46 11.48
N ALA D 22 65.18 -3.52 12.28
CA ALA D 22 66.18 -4.56 12.13
C ALA D 22 66.15 -5.12 10.73
N GLY D 23 64.98 -5.52 10.27
CA GLY D 23 64.87 -6.15 8.97
C GLY D 23 65.34 -5.24 7.87
N ARG D 24 64.83 -4.03 7.84
CA ARG D 24 65.18 -3.08 6.80
C ARG D 24 66.67 -2.78 6.79
N LEU D 25 67.26 -2.54 7.96
CA LEU D 25 68.69 -2.21 8.03
C LEU D 25 69.59 -3.37 7.63
N ALA D 26 69.33 -4.54 8.20
CA ALA D 26 70.14 -5.70 7.88
C ALA D 26 70.05 -5.99 6.40
N TYR D 27 68.88 -5.79 5.80
CA TYR D 27 68.69 -6.05 4.38
C TYR D 27 69.31 -4.97 3.52
N ALA D 28 69.55 -3.80 4.09
CA ALA D 28 70.13 -2.70 3.32
C ALA D 28 71.53 -2.98 2.82
N ASP D 29 72.40 -3.49 3.69
CA ASP D 29 73.78 -3.80 3.32
C ASP D 29 74.26 -5.02 4.09
N PRO D 30 74.48 -6.14 3.40
CA PRO D 30 74.90 -7.40 4.03
C PRO D 30 76.18 -7.25 4.85
N ASN D 31 76.92 -6.17 4.62
CA ASN D 31 78.12 -5.92 5.39
C ASN D 31 77.71 -5.48 6.80
N LEU D 32 76.55 -4.86 6.91
CA LEU D 32 76.08 -4.37 8.20
C LEU D 32 75.58 -5.50 9.07
N LYS D 33 76.27 -5.78 10.17
CA LYS D 33 75.85 -6.83 11.08
C LYS D 33 75.02 -6.27 12.23
N VAL D 34 73.74 -6.62 12.25
CA VAL D 34 72.84 -6.14 13.31
C VAL D 34 72.30 -7.28 14.17
N MET D 35 72.10 -7.00 15.45
CA MET D 35 71.61 -8.00 16.39
C MET D 35 70.38 -7.52 17.10
N LEU D 36 69.35 -8.35 17.12
CA LEU D 36 68.06 -8.03 17.73
C LEU D 36 67.81 -8.86 18.97
N ILE D 37 67.77 -8.21 20.12
CA ILE D 37 67.61 -8.94 21.37
C ILE D 37 66.18 -8.86 21.82
N GLU D 38 65.54 -10.00 22.01
CA GLU D 38 64.14 -10.05 22.42
C GLU D 38 64.00 -10.78 23.73
N GLY D 39 63.15 -10.28 24.61
CA GLY D 39 62.97 -10.90 25.92
C GLY D 39 61.96 -12.03 25.94
N GLY D 40 61.24 -12.21 24.85
CA GLY D 40 60.25 -13.25 24.78
C GLY D 40 60.71 -14.37 23.89
N ALA D 41 59.85 -15.36 23.65
CA ALA D 41 60.21 -16.50 22.82
C ALA D 41 60.15 -16.21 21.34
N ASN D 42 60.81 -17.04 20.55
CA ASN D 42 60.67 -17.02 19.10
C ASN D 42 59.25 -17.40 18.74
N ASN D 43 58.72 -16.77 17.69
CA ASN D 43 57.36 -17.07 17.27
C ASN D 43 57.31 -17.96 16.04
N ARG D 44 58.48 -18.34 15.55
CA ARG D 44 58.60 -19.15 14.35
C ARG D 44 58.16 -20.61 14.56
N ASP D 45 57.01 -20.96 13.98
CA ASP D 45 56.43 -22.31 13.98
C ASP D 45 55.71 -22.70 15.27
N ASP D 46 55.61 -21.77 16.21
CA ASP D 46 54.76 -21.93 17.38
C ASP D 46 53.47 -22.61 16.96
N PRO D 47 53.15 -23.76 17.56
CA PRO D 47 51.90 -24.46 17.21
C PRO D 47 50.66 -23.85 17.88
N ASP D 66 51.52 -16.77 29.17
CA ASP D 66 52.94 -16.51 29.45
C ASP D 66 53.59 -15.73 28.33
N LYS D 67 52.81 -15.45 27.30
CA LYS D 67 53.27 -14.78 26.09
C LYS D 67 53.01 -13.30 26.21
N ALA D 68 52.72 -12.88 27.44
CA ALA D 68 52.53 -11.48 27.75
C ALA D 68 53.04 -11.19 29.14
N THR D 69 53.46 -9.97 29.38
CA THR D 69 53.83 -9.57 30.72
C THR D 69 52.78 -8.63 31.26
N PHE D 70 52.40 -8.81 32.51
CA PHE D 70 51.26 -8.13 33.10
C PHE D 70 51.67 -7.10 34.12
N TYR D 71 51.43 -5.84 33.80
CA TYR D 71 51.72 -4.75 34.72
C TYR D 71 50.50 -4.33 35.53
N VAL D 72 50.62 -4.24 36.84
CA VAL D 72 49.49 -3.84 37.67
C VAL D 72 49.70 -2.51 38.38
N ASP D 73 48.63 -1.74 38.53
CA ASP D 73 48.67 -0.51 39.30
C ASP D 73 49.29 -0.78 40.66
N THR D 74 50.35 -0.07 40.98
CA THR D 74 51.01 -0.25 42.26
C THR D 74 50.08 0.00 43.43
N MET D 75 49.25 1.03 43.29
CA MET D 75 48.27 1.39 44.31
C MET D 75 46.87 1.46 43.73
N LYS D 76 45.84 1.17 44.52
CA LYS D 76 44.50 1.29 44.00
C LYS D 76 44.21 2.72 43.55
N SER D 77 43.57 2.86 42.40
CA SER D 77 43.17 4.17 41.92
C SER D 77 41.72 4.42 42.27
N SER D 78 41.47 5.47 43.03
CA SER D 78 40.10 5.84 43.41
C SER D 78 39.21 6.19 42.23
N HIS D 79 39.82 6.64 41.14
CA HIS D 79 39.09 7.01 39.95
C HIS D 79 38.34 5.81 39.45
N LEU D 80 38.92 4.64 39.65
CA LEU D 80 38.30 3.40 39.22
C LEU D 80 37.65 2.69 40.38
N ARG D 81 37.22 3.45 41.39
CA ARG D 81 36.56 2.85 42.54
C ARG D 81 37.39 1.81 43.26
N GLY D 82 38.66 2.13 43.50
CA GLY D 82 39.51 1.29 44.30
C GLY D 82 40.06 0.12 43.52
N ARG D 83 40.03 0.24 42.21
CA ARG D 83 40.48 -0.87 41.40
C ARG D 83 41.96 -0.79 41.15
N GLN D 84 42.59 -1.93 40.89
CA GLN D 84 43.94 -1.92 40.33
C GLN D 84 43.83 -2.40 38.90
N SER D 85 44.04 -1.51 37.94
CA SER D 85 43.95 -1.87 36.54
C SER D 85 45.10 -2.76 36.16
N ILE D 86 44.87 -3.69 35.23
CA ILE D 86 45.93 -4.59 34.76
C ILE D 86 46.21 -4.38 33.28
N VAL D 87 47.43 -3.97 32.97
CA VAL D 87 47.83 -3.71 31.60
C VAL D 87 48.85 -4.71 31.10
N PRO D 88 48.42 -5.60 30.21
CA PRO D 88 49.27 -6.61 29.59
C PRO D 88 50.03 -6.06 28.40
N CYS D 89 51.29 -6.43 28.23
CA CYS D 89 51.99 -6.07 27.01
C CYS D 89 52.56 -7.36 26.46
N ALA D 90 52.98 -7.31 25.21
CA ALA D 90 53.44 -8.50 24.51
C ALA D 90 54.78 -8.91 25.05
N ASN D 91 55.01 -10.22 25.10
CA ASN D 91 56.29 -10.75 25.53
C ASN D 91 56.71 -11.89 24.62
N ILE D 92 56.80 -11.58 23.33
CA ILE D 92 57.07 -12.59 22.34
C ILE D 92 57.71 -11.92 21.14
N LEU D 93 58.48 -12.67 20.38
CA LEU D 93 59.09 -12.10 19.20
C LEU D 93 57.96 -11.70 18.28
N GLY D 94 58.05 -10.52 17.69
CA GLY D 94 57.00 -10.03 16.84
C GLY D 94 56.08 -9.11 17.60
N GLY D 95 56.18 -9.18 18.93
CA GLY D 95 55.38 -8.33 19.79
C GLY D 95 53.89 -8.53 19.64
N GLY D 96 53.14 -7.46 19.85
CA GLY D 96 51.70 -7.50 19.79
C GLY D 96 51.16 -8.13 18.53
N SER D 97 51.92 -8.09 17.44
CA SER D 97 51.44 -8.62 16.18
C SER D 97 51.33 -10.14 16.16
N SER D 98 51.89 -10.79 17.15
CA SER D 98 51.89 -12.25 17.19
C SER D 98 50.77 -12.87 18.04
N ILE D 99 50.04 -12.05 18.79
CA ILE D 99 49.14 -12.56 19.81
C ILE D 99 47.63 -12.65 19.43
N ASN D 100 47.25 -12.18 18.26
CA ASN D 100 45.85 -12.34 17.86
C ASN D 100 45.69 -12.23 16.38
N SER D 101 44.50 -12.54 15.87
CA SER D 101 44.17 -12.16 14.49
C SER D 101 43.75 -10.71 14.59
N GLN D 102 44.60 -9.82 14.09
CA GLN D 102 44.51 -8.41 14.43
C GLN D 102 43.73 -7.56 13.43
N MET D 103 43.16 -6.46 13.89
CA MET D 103 42.39 -5.59 13.01
C MET D 103 43.24 -4.48 12.43
N TYR D 104 42.94 -4.09 11.19
CA TYR D 104 43.64 -3.02 10.50
C TYR D 104 42.96 -1.66 10.62
N THR D 105 43.64 -0.73 11.28
CA THR D 105 43.14 0.63 11.42
C THR D 105 44.28 1.62 11.33
N ARG D 106 44.01 2.79 10.75
CA ARG D 106 45.03 3.79 10.59
C ARG D 106 44.61 5.09 11.24
N ALA D 107 45.60 5.84 11.71
CA ALA D 107 45.37 7.10 12.37
C ALA D 107 44.87 8.10 11.37
N SER D 108 44.24 9.15 11.87
CA SER D 108 43.86 10.24 11.01
C SER D 108 45.12 11.07 10.77
N ALA D 109 45.19 11.77 9.66
CA ALA D 109 46.41 12.48 9.32
C ALA D 109 46.77 13.56 10.32
N SER D 110 45.76 14.23 10.87
CA SER D 110 46.01 15.26 11.85
C SER D 110 46.72 14.67 13.05
N ASP D 111 46.56 13.37 13.26
CA ASP D 111 47.21 12.68 14.37
C ASP D 111 48.70 12.85 14.22
N TRP D 112 49.17 12.67 12.99
CA TRP D 112 50.60 12.82 12.75
C TRP D 112 50.99 14.27 12.68
N ASP D 113 50.19 15.09 12.01
CA ASP D 113 50.52 16.50 11.87
C ASP D 113 50.72 17.16 13.22
N ASP D 114 50.00 16.63 14.22
CA ASP D 114 50.00 17.17 15.57
C ASP D 114 51.19 16.67 16.39
N PHE D 115 52.05 15.88 15.76
CA PHE D 115 53.29 15.50 16.40
C PHE D 115 54.18 16.72 16.47
N LYS D 116 53.90 17.68 15.61
CA LYS D 116 54.63 18.94 15.54
C LYS D 116 56.11 18.71 15.38
N MET D 117 56.49 17.62 14.75
CA MET D 117 57.90 17.33 14.52
C MET D 117 58.15 17.26 13.03
N GLU D 118 59.18 17.97 12.59
CA GLU D 118 59.51 18.03 11.17
C GLU D 118 59.80 16.66 10.65
N GLY D 119 59.18 16.32 9.53
CA GLY D 119 59.40 15.02 8.94
C GLY D 119 58.35 14.03 9.40
N TRP D 120 57.38 14.51 10.17
CA TRP D 120 56.35 13.63 10.68
C TRP D 120 54.96 14.09 10.27
N THR D 121 54.86 14.92 9.24
CA THR D 121 53.56 15.32 8.74
C THR D 121 52.94 14.16 8.00
N ALA D 122 51.68 14.32 7.63
CA ALA D 122 50.98 13.30 6.89
C ALA D 122 51.66 13.05 5.55
N ASN D 123 51.95 14.11 4.80
CA ASN D 123 52.59 13.94 3.49
C ASN D 123 54.00 13.42 3.60
N ASP D 124 54.59 13.65 4.76
CA ASP D 124 55.90 13.10 4.99
C ASP D 124 55.81 11.59 5.07
N LEU D 125 54.80 11.08 5.78
CA LEU D 125 54.73 9.66 6.11
C LEU D 125 53.90 8.82 5.14
N LEU D 126 53.08 9.46 4.33
CA LEU D 126 52.21 8.75 3.38
C LEU D 126 52.97 7.72 2.54
N PRO D 127 54.13 8.09 1.96
CA PRO D 127 54.87 7.08 1.24
C PRO D 127 55.24 5.88 2.12
N LEU D 128 55.56 6.12 3.39
CA LEU D 128 55.96 5.02 4.25
C LEU D 128 54.77 4.12 4.50
N MET D 129 53.61 4.74 4.71
CA MET D 129 52.37 3.98 4.89
C MET D 129 52.10 3.10 3.70
N LYS D 130 52.42 3.58 2.50
CA LYS D 130 52.24 2.75 1.32
C LYS D 130 53.33 1.67 1.24
N ARG D 131 54.51 1.96 1.78
CA ARG D 131 55.65 1.07 1.65
C ARG D 131 55.51 -0.21 2.43
N LEU D 132 54.78 -0.14 3.53
CA LEU D 132 54.69 -1.27 4.44
C LEU D 132 53.41 -2.08 4.25
N GLU D 133 52.51 -1.59 3.43
CA GLU D 133 51.21 -2.24 3.31
C GLU D 133 51.18 -3.13 2.09
N ASN D 134 50.48 -4.25 2.21
CA ASN D 134 50.14 -5.02 1.03
C ASN D 134 48.64 -5.11 0.90
N TYR D 135 48.03 -3.99 0.54
CA TYR D 135 46.57 -3.90 0.49
C TYR D 135 45.96 -4.86 -0.53
N GLN D 136 45.21 -5.85 -0.05
CA GLN D 136 44.65 -6.89 -0.92
C GLN D 136 43.15 -6.70 -1.16
N LYS D 137 42.59 -5.62 -0.63
CA LYS D 137 41.20 -5.29 -0.90
C LYS D 137 41.11 -4.42 -2.14
N PRO D 138 39.98 -4.48 -2.84
CA PRO D 138 39.78 -3.45 -3.86
C PRO D 138 39.50 -2.14 -3.16
N ALA D 139 40.14 -1.06 -3.55
CA ALA D 139 39.94 0.19 -2.83
C ALA D 139 39.89 1.36 -3.77
N ASN D 140 38.81 2.14 -3.72
CA ASN D 140 38.72 3.32 -4.56
C ASN D 140 39.29 4.45 -3.74
N ASN D 141 40.60 4.35 -3.59
CA ASN D 141 41.40 5.28 -2.83
C ASN D 141 42.82 5.01 -3.32
N ASP D 142 43.81 5.72 -2.81
CA ASP D 142 45.17 5.55 -3.31
C ASP D 142 46.14 5.84 -2.19
N THR D 143 45.71 5.52 -0.98
CA THR D 143 46.51 5.75 0.22
C THR D 143 46.90 4.41 0.82
N HIS D 144 46.88 3.38 -0.01
CA HIS D 144 47.33 2.08 0.40
C HIS D 144 48.53 1.72 -0.44
N GLY D 145 49.24 0.66 -0.04
CA GLY D 145 50.38 0.18 -0.78
C GLY D 145 50.11 -1.20 -1.32
N TYR D 146 50.89 -1.62 -2.29
CA TYR D 146 50.69 -2.92 -2.91
C TYR D 146 52.02 -3.66 -2.95
N ASP D 147 53.09 -2.89 -2.77
CA ASP D 147 54.44 -3.43 -2.75
C ASP D 147 54.97 -3.36 -1.32
N GLY D 148 54.48 -4.23 -0.46
CA GLY D 148 54.89 -4.22 0.93
C GLY D 148 54.77 -5.58 1.59
N PRO D 149 55.41 -5.76 2.75
CA PRO D 149 55.43 -7.03 3.47
C PRO D 149 54.16 -7.36 4.23
N ILE D 150 53.49 -6.37 4.82
CA ILE D 150 52.32 -6.61 5.66
C ILE D 150 51.05 -6.84 4.87
N ALA D 151 50.54 -8.06 4.92
CA ALA D 151 49.39 -8.43 4.14
C ALA D 151 48.10 -8.02 4.83
N ILE D 152 47.26 -7.28 4.12
CA ILE D 152 46.00 -6.79 4.67
C ILE D 152 44.82 -7.19 3.79
N SER D 153 43.81 -7.81 4.39
CA SER D 153 42.59 -8.13 3.67
C SER D 153 41.44 -8.16 4.65
N ASN D 154 40.23 -8.50 4.18
CA ASN D 154 39.07 -8.47 5.06
C ASN D 154 38.68 -9.82 5.66
N GLN D 157 34.81 -14.64 5.46
CA GLN D 157 33.46 -14.16 5.23
C GLN D 157 32.92 -13.33 6.40
N ILE D 158 31.91 -12.51 6.11
CA ILE D 158 31.29 -11.64 7.10
C ILE D 158 30.02 -12.25 7.66
N LEU D 159 29.85 -12.24 8.98
CA LEU D 159 28.62 -12.75 9.57
C LEU D 159 27.45 -11.82 9.33
N PRO D 160 26.27 -12.40 9.09
CA PRO D 160 25.09 -11.59 8.84
C PRO D 160 24.83 -10.61 9.98
N VAL D 161 25.21 -11.00 11.20
CA VAL D 161 24.99 -10.16 12.36
C VAL D 161 25.69 -8.83 12.21
N ALA D 162 26.85 -8.86 11.56
CA ALA D 162 27.60 -7.65 11.34
C ALA D 162 26.82 -6.77 10.36
N GLN D 163 26.22 -7.39 9.35
CA GLN D 163 25.41 -6.68 8.37
C GLN D 163 24.29 -5.94 9.09
N ASP D 164 23.66 -6.68 9.99
CA ASP D 164 22.62 -6.16 10.87
C ASP D 164 23.14 -4.90 11.54
N PHE D 165 24.31 -5.03 12.13
CA PHE D 165 24.93 -3.92 12.81
C PHE D 165 25.14 -2.69 11.93
N LEU D 166 25.56 -2.89 10.67
CA LEU D 166 25.74 -1.72 9.80
C LEU D 166 24.41 -1.07 9.52
N ARG D 167 23.38 -1.87 9.29
CA ARG D 167 22.08 -1.29 9.03
C ARG D 167 21.67 -0.41 10.21
N ALA D 168 21.83 -0.91 11.42
CA ALA D 168 21.50 -0.07 12.58
C ALA D 168 22.37 1.19 12.63
N SER D 169 23.63 1.02 12.27
CA SER D 169 24.54 2.12 12.31
C SER D 169 24.10 3.23 11.38
N HIS D 170 23.70 2.87 10.16
CA HIS D 170 23.18 3.85 9.21
C HIS D 170 21.93 4.48 9.78
N ALA D 171 21.12 3.64 10.43
CA ALA D 171 19.84 4.08 10.94
C ALA D 171 19.99 5.21 11.93
N ILE D 172 21.06 5.24 12.71
CA ILE D 172 21.18 6.38 13.61
C ILE D 172 22.17 7.42 13.15
N GLY D 173 22.47 7.44 11.86
CA GLY D 173 23.19 8.58 11.31
C GLY D 173 24.66 8.34 11.24
N ILE D 174 25.03 7.07 11.26
CA ILE D 174 26.41 6.70 11.09
C ILE D 174 26.56 6.10 9.71
N PRO D 175 27.00 6.93 8.77
CA PRO D 175 27.04 6.69 7.32
C PRO D 175 27.95 5.55 6.92
N TYR D 176 27.60 4.84 5.86
CA TYR D 176 28.43 3.78 5.36
C TYR D 176 29.62 4.31 4.58
N SER D 177 30.78 3.68 4.75
CA SER D 177 31.98 4.02 4.00
C SER D 177 32.73 2.79 3.53
N ASP D 178 33.40 2.91 2.39
CA ASP D 178 34.19 1.83 1.83
C ASP D 178 35.61 1.81 2.41
N ASP D 179 35.96 2.91 3.08
CA ASP D 179 37.24 3.02 3.76
C ASP D 179 37.15 4.05 4.88
N ILE D 180 37.50 3.64 6.08
CA ILE D 180 37.42 4.50 7.24
C ILE D 180 38.84 4.88 7.64
N GLN D 181 39.78 4.24 6.97
CA GLN D 181 41.18 4.40 7.23
C GLN D 181 41.84 5.22 6.13
N ASP D 182 41.13 6.21 5.62
CA ASP D 182 41.69 6.98 4.52
C ASP D 182 42.37 8.22 5.06
N LEU D 183 42.67 8.20 6.35
CA LEU D 183 43.37 9.28 7.03
C LEU D 183 42.51 10.52 7.10
N LYS D 184 41.25 10.40 6.70
CA LYS D 184 40.39 11.57 6.58
C LYS D 184 39.05 11.37 7.24
N THR D 185 38.72 10.14 7.61
CA THR D 185 37.43 9.85 8.23
C THR D 185 37.40 9.92 9.74
N SER D 186 36.33 10.52 10.24
CA SER D 186 36.11 10.63 11.67
C SER D 186 34.70 10.20 11.99
N HIS D 187 33.85 10.12 10.99
CA HIS D 187 32.48 9.67 11.20
C HIS D 187 32.05 8.76 10.09
N GLY D 188 32.08 7.45 10.32
CA GLY D 188 31.65 6.52 9.30
C GLY D 188 31.75 5.10 9.80
N ALA D 189 31.11 4.17 9.10
CA ALA D 189 31.20 2.75 9.47
C ALA D 189 31.79 1.95 8.32
N GLU D 190 32.32 0.78 8.62
CA GLU D 190 32.87 -0.07 7.57
C GLU D 190 33.02 -1.54 7.93
N ILE D 191 33.18 -2.33 6.87
CA ILE D 191 33.61 -3.71 6.97
C ILE D 191 35.08 -3.74 7.31
N TRP D 192 35.38 -4.28 8.47
CA TRP D 192 36.68 -4.11 9.07
C TRP D 192 37.70 -5.12 8.53
N ALA D 193 38.80 -4.64 7.96
CA ALA D 193 39.82 -5.50 7.38
C ALA D 193 40.83 -5.92 8.43
N LYS D 194 41.57 -7.00 8.16
CA LYS D 194 42.45 -7.61 9.15
C LYS D 194 43.86 -7.76 8.62
N TYR D 195 44.82 -7.98 9.51
CA TYR D 195 46.16 -8.27 9.05
C TYR D 195 46.24 -9.74 8.73
N ILE D 196 45.53 -10.16 7.68
CA ILE D 196 45.50 -11.57 7.27
C ILE D 196 45.54 -11.71 5.77
N ASN D 197 46.58 -12.36 5.25
CA ASN D 197 46.67 -12.58 3.83
C ASN D 197 45.52 -13.44 3.36
N ARG D 198 44.74 -12.94 2.40
CA ARG D 198 43.54 -13.64 1.97
C ARG D 198 43.89 -14.95 1.27
N HIS D 199 45.07 -15.01 0.66
CA HIS D 199 45.44 -16.21 -0.06
C HIS D 199 45.76 -17.36 0.88
N THR D 200 46.51 -17.08 1.93
CA THR D 200 47.02 -18.13 2.80
C THR D 200 46.35 -18.17 4.16
N GLY D 201 45.55 -17.15 4.45
CA GLY D 201 44.81 -17.11 5.69
C GLY D 201 45.71 -17.02 6.89
N ARG D 202 46.95 -16.59 6.67
CA ARG D 202 47.92 -16.51 7.76
C ARG D 202 48.10 -15.07 8.24
N ARG D 203 48.19 -14.91 9.55
CA ARG D 203 48.31 -13.60 10.18
C ARG D 203 49.57 -12.86 9.71
N SER D 204 49.47 -11.55 9.55
CA SER D 204 50.57 -10.78 8.99
C SER D 204 51.44 -10.23 10.11
N ASP D 205 52.13 -11.12 10.79
CA ASP D 205 53.03 -10.73 11.87
C ASP D 205 54.27 -9.96 11.36
N ALA D 206 54.89 -9.16 12.22
CA ALA D 206 56.02 -8.34 11.81
C ALA D 206 57.33 -9.12 11.76
N ALA D 207 57.45 -10.14 12.59
CA ALA D 207 58.68 -10.90 12.68
C ALA D 207 58.90 -11.78 11.45
N THR D 208 57.87 -12.49 11.04
CA THR D 208 57.96 -13.36 9.88
C THR D 208 58.06 -12.53 8.60
N ALA D 209 57.50 -11.33 8.62
CA ALA D 209 57.48 -10.44 7.46
C ALA D 209 58.75 -9.63 7.27
N TYR D 210 59.29 -9.13 8.37
CA TYR D 210 60.44 -8.25 8.32
C TYR D 210 61.75 -8.87 8.70
N VAL D 211 61.75 -9.71 9.74
CA VAL D 211 63.00 -10.30 10.21
C VAL D 211 63.28 -11.64 9.57
N HIS D 212 62.40 -12.60 9.78
CA HIS D 212 62.64 -13.94 9.29
C HIS D 212 62.79 -13.97 7.79
N SER D 213 62.17 -13.05 7.09
CA SER D 213 62.31 -12.98 5.65
C SER D 213 63.76 -12.73 5.27
N VAL D 214 64.44 -11.94 6.08
CA VAL D 214 65.84 -11.63 5.86
C VAL D 214 66.76 -12.78 6.28
N MET D 215 66.44 -13.42 7.40
CA MET D 215 67.27 -14.49 7.93
C MET D 215 67.31 -15.67 6.99
N ASP D 216 66.31 -15.77 6.13
CA ASP D 216 66.23 -16.89 5.21
C ASP D 216 67.20 -16.74 4.06
N VAL D 217 67.73 -15.55 3.82
CA VAL D 217 68.63 -15.37 2.70
C VAL D 217 69.91 -14.71 3.12
N GLN D 218 70.01 -14.25 4.35
CA GLN D 218 71.23 -13.59 4.75
C GLN D 218 71.67 -14.04 6.13
N SER D 219 72.88 -13.64 6.51
CA SER D 219 73.48 -14.11 7.75
C SER D 219 74.04 -12.99 8.61
N ASN D 220 73.69 -11.76 8.26
CA ASN D 220 74.14 -10.60 9.00
C ASN D 220 73.12 -10.07 9.99
N LEU D 221 71.99 -10.76 10.14
CA LEU D 221 70.99 -10.40 11.14
C LEU D 221 70.92 -11.46 12.21
N TYR D 222 71.51 -11.18 13.36
CA TYR D 222 71.56 -12.12 14.46
C TYR D 222 70.39 -11.92 15.41
N LEU D 223 69.69 -13.01 15.73
CA LEU D 223 68.54 -12.93 16.61
C LEU D 223 68.73 -13.62 17.97
N ARG D 224 68.45 -12.92 19.06
CA ARG D 224 68.59 -13.50 20.40
C ARG D 224 67.34 -13.47 21.29
N CYS D 225 66.55 -14.53 21.28
CA CYS D 225 65.34 -14.52 22.10
C CYS D 225 65.64 -14.82 23.55
N ASN D 226 64.60 -14.84 24.38
CA ASN D 226 64.70 -15.11 25.81
C ASN D 226 65.84 -14.41 26.52
N ALA D 227 66.08 -13.18 26.10
CA ALA D 227 67.10 -12.32 26.66
C ALA D 227 66.50 -10.94 26.92
N ARG D 228 66.44 -10.56 28.18
CA ARG D 228 65.84 -9.31 28.57
C ARG D 228 66.87 -8.19 28.65
N VAL D 229 66.80 -7.25 27.72
CA VAL D 229 67.77 -6.15 27.67
C VAL D 229 67.71 -5.34 28.93
N SER D 230 68.80 -5.33 29.67
CA SER D 230 68.82 -4.64 30.93
C SER D 230 69.12 -3.18 30.80
N ARG D 231 70.24 -2.84 30.16
CA ARG D 231 70.61 -1.43 30.11
C ARG D 231 71.52 -1.08 28.97
N VAL D 232 71.69 0.21 28.73
CA VAL D 232 72.56 0.69 27.67
C VAL D 232 73.91 1.15 28.19
N LEU D 233 74.96 0.71 27.52
CA LEU D 233 76.31 1.01 27.95
C LEU D 233 76.88 2.22 27.23
N PHE D 234 77.31 3.21 28.01
CA PHE D 234 77.75 4.49 27.48
C PHE D 234 79.26 4.77 27.53
N ASP D 235 79.66 5.74 26.72
CA ASP D 235 81.05 6.14 26.62
C ASP D 235 81.31 7.26 27.59
N GLY D 236 82.46 7.90 27.46
CA GLY D 236 82.82 9.07 28.23
C GLY D 236 82.10 10.27 27.64
N ASN D 237 81.86 10.19 26.34
CA ASN D 237 81.13 11.23 25.64
C ASN D 237 79.67 10.86 25.48
N ASN D 238 79.23 9.92 26.32
CA ASN D 238 77.84 9.46 26.32
C ASN D 238 77.46 8.88 24.96
N LYS D 239 78.42 8.21 24.35
CA LYS D 239 78.14 7.48 23.14
C LYS D 239 77.70 6.10 23.59
N ALA D 240 76.59 5.64 23.04
CA ALA D 240 76.12 4.30 23.31
C ALA D 240 77.19 3.35 22.83
N VAL D 241 77.77 2.59 23.75
CA VAL D 241 78.82 1.65 23.38
C VAL D 241 78.25 0.24 23.30
N GLY D 242 77.17 0.00 24.03
CA GLY D 242 76.63 -1.34 23.99
C GLY D 242 75.36 -1.63 24.74
N VAL D 243 75.17 -2.90 25.04
CA VAL D 243 73.94 -3.33 25.65
C VAL D 243 74.22 -4.43 26.63
N ALA D 244 73.61 -4.35 27.80
CA ALA D 244 73.74 -5.40 28.77
C ALA D 244 72.41 -6.09 28.91
N TYR D 245 72.38 -7.39 28.66
CA TYR D 245 71.13 -8.14 28.75
C TYR D 245 71.25 -9.35 29.67
N VAL D 246 70.13 -9.73 30.25
CA VAL D 246 70.05 -10.87 31.16
C VAL D 246 68.97 -11.88 30.76
N PRO D 247 69.12 -13.15 31.19
CA PRO D 247 68.14 -14.21 30.90
C PRO D 247 66.78 -14.00 31.56
N SER D 248 65.75 -14.69 31.08
CA SER D 248 64.42 -14.59 31.69
C SER D 248 63.99 -16.02 32.11
N ARG D 249 63.70 -16.24 33.40
CA ARG D 249 63.78 -15.24 34.47
C ARG D 249 64.92 -15.54 35.42
N ASN D 250 64.80 -15.07 36.66
CA ASN D 250 65.88 -15.20 37.62
C ASN D 250 65.84 -16.55 38.29
N ARG D 251 65.95 -17.61 37.50
CA ARG D 251 65.76 -18.96 38.01
C ARG D 251 67.03 -19.42 38.72
N ALA D 252 68.08 -18.63 38.60
CA ALA D 252 69.38 -18.90 39.21
C ALA D 252 69.56 -17.97 40.41
N SER D 253 70.42 -18.36 41.36
CA SER D 253 70.59 -17.60 42.59
C SER D 253 71.29 -16.26 42.45
N ASN D 254 72.19 -16.15 41.48
CA ASN D 254 72.87 -14.89 41.22
C ASN D 254 72.56 -14.40 39.81
N ILE D 255 72.69 -13.09 39.62
CA ILE D 255 72.36 -12.45 38.35
C ILE D 255 73.56 -12.06 37.49
N VAL D 256 73.73 -12.70 36.34
CA VAL D 256 74.92 -12.48 35.51
C VAL D 256 74.60 -11.74 34.21
N GLU D 257 75.28 -10.63 33.98
CA GLU D 257 75.02 -9.81 32.80
C GLU D 257 75.86 -10.21 31.59
N THR D 258 75.22 -10.36 30.42
CA THR D 258 75.97 -10.52 29.18
C THR D 258 76.01 -9.22 28.38
N VAL D 259 77.20 -8.80 27.99
CA VAL D 259 77.40 -7.52 27.32
C VAL D 259 77.75 -7.68 25.86
N VAL D 260 77.13 -6.89 24.99
CA VAL D 260 77.55 -6.90 23.60
C VAL D 260 77.67 -5.49 23.06
N LYS D 261 78.76 -5.23 22.35
CA LYS D 261 79.14 -3.92 21.87
C LYS D 261 78.46 -3.55 20.57
N ALA D 262 78.30 -2.26 20.32
CA ALA D 262 77.73 -1.77 19.08
C ALA D 262 78.59 -0.66 18.52
N ARG D 263 79.22 -0.86 17.37
CA ARG D 263 80.13 0.17 16.87
C ARG D 263 79.36 1.36 16.30
N LYS D 264 78.15 1.15 15.79
CA LYS D 264 77.45 2.24 15.11
C LYS D 264 76.20 2.71 15.85
N MET D 265 75.33 1.81 16.26
CA MET D 265 74.04 2.25 16.79
C MET D 265 73.40 1.32 17.82
N VAL D 266 72.88 1.90 18.90
CA VAL D 266 72.04 1.19 19.84
C VAL D 266 70.64 1.71 19.66
N VAL D 267 69.67 0.81 19.63
CA VAL D 267 68.29 1.14 19.34
C VAL D 267 67.38 0.51 20.37
N LEU D 268 66.47 1.31 20.91
CA LEU D 268 65.53 0.83 21.90
C LEU D 268 64.16 0.67 21.28
N SER D 269 63.69 -0.55 21.23
CA SER D 269 62.37 -0.83 20.69
C SER D 269 61.62 -1.76 21.60
N SER D 270 61.83 -1.61 22.89
CA SER D 270 61.28 -2.54 23.86
C SER D 270 59.84 -2.19 24.23
N GLY D 271 59.14 -1.43 23.39
CA GLY D 271 57.73 -1.19 23.57
C GLY D 271 57.47 -0.09 24.57
N THR D 272 56.23 0.42 24.62
CA THR D 272 55.89 1.58 25.43
C THR D 272 56.16 1.38 26.91
N LEU D 273 55.85 0.18 27.38
CA LEU D 273 56.06 -0.14 28.77
C LEU D 273 57.49 -0.62 29.01
N GLY D 274 58.17 -1.06 27.96
CA GLY D 274 59.50 -1.61 28.09
C GLY D 274 60.69 -0.68 28.00
N THR D 275 60.68 0.20 27.00
CA THR D 275 61.82 1.08 26.74
C THR D 275 62.16 2.04 27.89
N PRO D 276 61.16 2.73 28.45
CA PRO D 276 61.50 3.67 29.53
C PRO D 276 62.23 3.07 30.71
N GLN D 277 62.02 1.79 31.00
CA GLN D 277 62.72 1.12 32.09
C GLN D 277 64.20 0.91 31.77
N ILE D 278 64.47 0.43 30.56
CA ILE D 278 65.83 0.26 30.07
C ILE D 278 66.54 1.59 30.20
N LEU D 279 65.89 2.63 29.69
CA LEU D 279 66.48 3.96 29.74
C LEU D 279 66.75 4.32 31.19
N GLU D 280 65.76 4.09 32.05
CA GLU D 280 65.88 4.51 33.44
C GLU D 280 66.98 3.82 34.20
N ARG D 281 67.19 2.54 33.95
CA ARG D 281 68.24 1.82 34.67
C ARG D 281 69.56 1.92 33.93
N SER D 282 69.56 2.63 32.81
CA SER D 282 70.81 2.94 32.13
C SER D 282 71.36 4.31 32.58
N GLY D 283 70.52 5.10 33.24
CA GLY D 283 70.98 6.39 33.70
C GLY D 283 70.27 7.53 32.99
N VAL D 284 69.34 7.18 32.13
CA VAL D 284 68.53 8.18 31.44
C VAL D 284 67.16 8.24 32.09
N GLY D 285 66.89 9.32 32.79
CA GLY D 285 65.59 9.48 33.43
C GLY D 285 65.48 10.54 34.49
N ASN D 286 64.44 10.40 35.29
CA ASN D 286 64.22 11.31 36.39
C ASN D 286 65.39 11.28 37.36
N ALA D 287 66.08 12.41 37.48
CA ALA D 287 67.30 12.46 38.27
C ALA D 287 67.06 12.14 39.75
N GLU D 288 65.94 12.58 40.29
CA GLU D 288 65.65 12.31 41.68
C GLU D 288 65.45 10.83 41.88
N LEU D 289 64.76 10.21 40.93
CA LEU D 289 64.57 8.77 40.96
C LEU D 289 65.91 8.04 40.97
N LEU D 290 66.75 8.35 40.00
CA LEU D 290 68.00 7.65 39.87
C LEU D 290 68.89 7.89 41.09
N LYS D 291 68.85 9.09 41.62
CA LYS D 291 69.58 9.39 42.84
C LYS D 291 69.06 8.55 43.99
N LYS D 292 67.76 8.28 44.02
CA LYS D 292 67.21 7.41 45.05
C LYS D 292 67.75 6.01 44.84
N LEU D 293 68.10 5.71 43.60
CA LEU D 293 68.43 4.33 43.22
C LEU D 293 69.90 4.03 42.92
N ASP D 294 70.81 4.91 43.32
CA ASP D 294 72.23 4.68 43.11
C ASP D 294 72.59 4.42 41.65
N ILE D 295 71.81 5.00 40.75
CA ILE D 295 72.12 4.91 39.33
C ILE D 295 72.92 6.11 38.92
N PRO D 296 74.13 5.88 38.39
CA PRO D 296 74.91 7.02 37.91
C PRO D 296 74.06 7.75 36.90
N VAL D 297 73.88 9.06 37.07
CA VAL D 297 73.01 9.77 36.16
C VAL D 297 73.78 10.12 34.90
N VAL D 298 73.27 9.72 33.74
CA VAL D 298 73.92 10.02 32.47
C VAL D 298 73.28 11.21 31.79
N SER D 299 71.96 11.27 31.85
CA SER D 299 71.22 12.38 31.26
C SER D 299 69.93 12.57 32.00
N ASP D 300 69.64 13.80 32.37
CA ASP D 300 68.42 14.10 33.12
C ASP D 300 67.20 14.36 32.24
N LEU D 301 66.32 13.37 32.14
CA LEU D 301 65.09 13.52 31.36
C LEU D 301 63.88 13.10 32.17
N PRO D 302 63.33 14.03 32.97
CA PRO D 302 62.25 13.68 33.89
C PRO D 302 60.99 13.22 33.17
N GLY D 303 60.95 13.40 31.85
CA GLY D 303 59.80 13.02 31.05
C GLY D 303 59.74 11.53 30.72
N VAL D 304 60.84 10.83 30.96
CA VAL D 304 60.92 9.41 30.65
C VAL D 304 60.02 8.57 31.54
N GLY D 305 59.04 7.93 30.93
CA GLY D 305 58.13 7.07 31.67
C GLY D 305 56.85 7.77 32.06
N GLU D 306 56.81 9.06 31.83
CA GLU D 306 55.64 9.86 32.16
C GLU D 306 54.69 9.85 31.01
N GLU D 307 53.53 10.44 31.23
CA GLU D 307 52.60 10.69 30.17
C GLU D 307 52.12 9.43 29.42
N TYR D 308 51.89 8.34 30.15
CA TYR D 308 51.41 7.06 29.57
C TYR D 308 50.00 7.10 29.06
N GLN D 309 49.81 6.72 27.81
CA GLN D 309 48.51 6.78 27.15
C GLN D 309 48.05 5.45 26.57
N ASP D 310 46.77 5.35 26.27
CA ASP D 310 46.23 4.07 25.83
C ASP D 310 44.94 4.31 25.06
N HIS D 311 44.21 3.26 24.75
CA HIS D 311 42.85 3.40 24.30
C HIS D 311 41.96 2.68 25.28
N TYR D 312 41.00 3.38 25.86
CA TYR D 312 40.23 2.86 26.96
C TYR D 312 39.02 2.12 26.45
N THR D 313 38.92 0.83 26.79
CA THR D 313 37.87 -0.03 26.26
C THR D 313 36.75 -0.37 27.23
N THR D 314 35.51 -0.27 26.76
CA THR D 314 34.36 -0.81 27.46
C THR D 314 33.59 -1.73 26.53
N LEU D 315 32.92 -2.72 27.12
CA LEU D 315 32.17 -3.74 26.38
C LEU D 315 30.70 -3.80 26.79
N SER D 316 29.81 -3.58 25.84
CA SER D 316 28.40 -3.72 26.12
C SER D 316 27.89 -5.06 25.58
N ILE D 317 27.51 -5.97 26.45
CA ILE D 317 27.05 -7.27 25.99
C ILE D 317 25.54 -7.32 25.80
N TYR D 318 25.08 -7.72 24.63
CA TYR D 318 23.64 -7.85 24.39
C TYR D 318 23.26 -9.25 23.97
N ARG D 319 22.06 -9.67 24.30
CA ARG D 319 21.59 -10.99 23.92
C ARG D 319 20.88 -10.89 22.60
N VAL D 320 21.13 -11.84 21.71
CA VAL D 320 20.53 -11.80 20.39
C VAL D 320 19.77 -13.07 20.14
N SER D 321 19.06 -13.12 19.03
CA SER D 321 18.21 -14.25 18.70
C SER D 321 18.98 -15.52 18.65
N ASN D 322 18.35 -16.61 19.09
CA ASN D 322 19.05 -17.85 19.12
C ASN D 322 19.36 -18.36 17.70
N GLU D 323 18.61 -17.88 16.72
CA GLU D 323 18.83 -18.23 15.32
C GLU D 323 20.10 -17.59 14.81
N THR D 324 20.60 -16.63 15.57
CA THR D 324 21.79 -15.90 15.18
C THR D 324 23.03 -16.80 15.23
N GLU D 325 23.93 -16.63 14.28
CA GLU D 325 25.19 -17.36 14.32
C GLU D 325 26.25 -16.54 15.05
N THR D 326 26.63 -16.98 16.24
CA THR D 326 27.69 -16.29 16.96
C THR D 326 28.82 -17.26 17.27
N LEU D 327 29.84 -16.77 17.95
CA LEU D 327 31.05 -17.52 18.20
C LEU D 327 30.94 -18.22 19.52
N ASP D 328 29.77 -18.14 20.12
CA ASP D 328 29.64 -18.52 21.49
C ASP D 328 29.80 -20.00 21.70
N GLU D 329 29.19 -20.83 20.86
CA GLU D 329 29.34 -22.27 21.02
C GLU D 329 30.79 -22.61 20.87
N PHE D 330 31.49 -21.83 20.07
CA PHE D 330 32.90 -22.04 19.87
C PHE D 330 33.57 -21.82 21.20
N LEU D 331 33.20 -20.74 21.86
CA LEU D 331 33.85 -20.34 23.09
C LEU D 331 33.53 -21.24 24.29
N ARG D 332 32.39 -21.91 24.26
CA ARG D 332 32.06 -22.80 25.33
C ARG D 332 32.76 -24.15 25.19
N LYS D 335 34.41 -29.04 22.13
CA LYS D 335 35.25 -29.13 20.95
C LYS D 335 34.41 -29.36 19.69
N ASP D 336 33.11 -29.60 19.88
CA ASP D 336 32.14 -29.90 18.81
C ASP D 336 32.38 -29.10 17.54
N THR D 337 32.46 -27.79 17.72
CA THR D 337 32.67 -26.82 16.65
C THR D 337 34.14 -26.36 16.51
N GLN D 338 34.90 -26.41 17.60
CA GLN D 338 36.33 -26.07 17.62
C GLN D 338 37.17 -26.93 16.66
N ARG D 339 36.75 -28.16 16.49
CA ARG D 339 37.42 -29.11 15.60
C ARG D 339 37.26 -28.76 14.12
N GLU D 340 36.04 -28.37 13.78
CA GLU D 340 35.59 -28.05 12.45
C GLU D 340 36.28 -26.81 11.88
N LEU D 341 36.27 -25.74 12.67
CA LEU D 341 36.88 -24.47 12.30
C LEU D 341 38.39 -24.60 12.16
N PHE D 342 39.00 -25.36 13.05
CA PHE D 342 40.44 -25.61 13.04
C PHE D 342 40.84 -26.51 11.87
N SER D 348 41.24 -25.46 3.20
CA SER D 348 40.98 -24.16 2.57
C SER D 348 40.94 -23.04 3.61
N PRO D 349 42.11 -22.72 4.19
CA PRO D 349 42.19 -21.70 5.26
C PRO D 349 41.88 -20.31 4.76
N ASN D 350 42.00 -20.12 3.45
CA ASN D 350 41.75 -18.84 2.79
C ASN D 350 40.39 -18.24 3.18
N LYS D 351 39.34 -19.03 3.02
CA LYS D 351 38.00 -18.55 3.31
C LYS D 351 37.37 -19.33 4.46
N ALA D 352 37.93 -19.14 5.65
CA ALA D 352 37.42 -19.77 6.85
C ALA D 352 36.88 -18.72 7.85
N ARG D 353 35.84 -19.08 8.60
CA ARG D 353 35.21 -18.18 9.56
C ARG D 353 36.16 -17.85 10.71
N LEU D 354 37.08 -18.78 10.94
CA LEU D 354 38.12 -18.67 11.98
C LEU D 354 39.23 -17.71 11.55
N SER D 355 39.24 -17.35 10.27
CA SER D 355 40.18 -16.36 9.78
C SER D 355 39.78 -15.01 10.36
N SER D 356 38.51 -14.64 10.20
CA SER D 356 38.02 -13.40 10.79
C SER D 356 38.15 -13.55 12.30
N ASN D 357 38.20 -12.43 13.01
CA ASN D 357 38.20 -12.48 14.46
C ASN D 357 36.80 -12.24 15.00
N ALA D 358 35.82 -12.47 14.12
CA ALA D 358 34.40 -12.30 14.44
C ALA D 358 34.11 -10.87 14.79
N ILE D 359 35.03 -9.98 14.45
CA ILE D 359 34.76 -8.56 14.50
C ILE D 359 34.85 -8.04 13.07
N ASP D 360 33.75 -8.12 12.34
CA ASP D 360 33.80 -7.87 10.91
C ASP D 360 33.35 -6.47 10.55
N ALA D 361 32.84 -5.71 11.51
CA ALA D 361 32.34 -4.39 11.21
C ALA D 361 32.32 -3.47 12.40
N GLY D 362 32.55 -2.19 12.13
CA GLY D 362 32.54 -1.22 13.20
C GLY D 362 32.47 0.18 12.66
N PHE D 363 32.62 1.16 13.51
CA PHE D 363 32.61 2.55 13.08
C PHE D 363 33.48 3.47 13.92
N LYS D 364 33.86 4.60 13.33
CA LYS D 364 34.44 5.71 14.04
C LYS D 364 33.40 6.80 14.17
N ILE D 365 33.18 7.32 15.38
CA ILE D 365 32.15 8.31 15.55
C ILE D 365 32.59 9.58 16.23
N ARG D 366 31.84 10.63 15.92
CA ARG D 366 32.04 11.98 16.42
C ARG D 366 30.70 12.54 16.89
N PRO D 367 30.70 13.26 18.02
CA PRO D 367 29.45 13.82 18.53
C PRO D 367 28.95 15.01 17.74
N THR D 368 27.65 15.17 17.64
CA THR D 368 27.05 16.31 16.95
C THR D 368 26.95 17.49 17.86
N GLU D 369 26.96 18.68 17.28
CA GLU D 369 26.96 19.92 18.06
C GLU D 369 25.83 19.95 19.08
N GLU D 370 24.77 19.21 18.79
CA GLU D 370 23.64 19.08 19.71
C GLU D 370 23.98 18.23 20.94
N GLU D 371 24.70 17.14 20.72
CA GLU D 371 25.06 16.20 21.79
C GLU D 371 26.11 16.83 22.71
N LEU D 372 26.93 17.67 22.09
CA LEU D 372 27.98 18.38 22.81
C LEU D 372 27.46 19.14 23.99
N LYS D 373 26.22 19.61 23.89
CA LYS D 373 25.68 20.49 24.90
C LYS D 373 25.46 19.79 26.24
N GLU D 374 25.48 18.47 26.25
CA GLU D 374 25.24 17.75 27.51
C GLU D 374 26.39 16.84 27.98
N MET D 375 27.61 17.13 27.52
CA MET D 375 28.78 16.33 27.87
C MET D 375 29.68 17.05 28.86
N GLY D 376 29.25 18.20 29.34
CA GLY D 376 29.88 18.83 30.48
C GLY D 376 31.03 19.78 30.23
N PRO D 377 31.44 20.50 31.28
CA PRO D 377 32.47 21.54 31.26
C PRO D 377 33.82 21.04 30.77
N GLU D 378 34.35 20.03 31.45
CA GLU D 378 35.68 19.47 31.18
C GLU D 378 35.82 19.01 29.74
N PHE D 379 34.88 18.18 29.30
CA PHE D 379 34.94 17.69 27.93
C PHE D 379 34.64 18.75 26.90
N ASN D 380 33.81 19.74 27.21
CA ASN D 380 33.56 20.74 26.19
C ASN D 380 34.78 21.63 26.04
N GLU D 381 35.49 21.85 27.13
CA GLU D 381 36.73 22.58 27.07
C GLU D 381 37.72 21.78 26.25
N LEU D 382 37.84 20.51 26.59
CA LEU D 382 38.73 19.62 25.86
C LEU D 382 38.41 19.61 24.38
N TRP D 383 37.13 19.68 24.05
CA TRP D 383 36.70 19.69 22.66
C TRP D 383 37.14 20.99 22.03
N ASP D 384 36.93 22.07 22.76
CA ASP D 384 37.27 23.40 22.30
C ASP D 384 38.70 23.46 21.88
N ARG D 385 39.55 22.76 22.63
CA ARG D 385 40.98 22.79 22.31
C ARG D 385 41.43 21.70 21.34
N TYR D 386 40.73 20.56 21.31
CA TYR D 386 41.31 19.39 20.67
C TYR D 386 40.59 18.96 19.38
N PHE D 387 39.27 18.95 19.37
CA PHE D 387 38.59 18.37 18.22
C PHE D 387 37.98 19.42 17.29
N LYS D 388 37.65 20.58 17.82
CA LYS D 388 36.91 21.58 17.05
C LYS D 388 37.63 21.97 15.76
N ASP D 389 38.95 22.14 15.84
CA ASP D 389 39.71 22.65 14.72
C ASP D 389 40.21 21.51 13.86
N LYS D 390 40.00 20.30 14.33
CA LYS D 390 40.47 19.13 13.62
C LYS D 390 39.33 18.18 13.30
N PRO D 391 38.72 18.38 12.14
CA PRO D 391 37.51 17.67 11.73
C PRO D 391 37.71 16.19 11.39
N ASP D 392 38.94 15.72 11.36
CA ASP D 392 39.22 14.36 10.91
C ASP D 392 39.47 13.34 12.03
N LYS D 393 39.45 13.80 13.27
CA LYS D 393 39.68 12.94 14.42
C LYS D 393 38.39 12.35 14.95
N PRO D 394 38.30 11.01 15.01
CA PRO D 394 37.10 10.44 15.60
C PRO D 394 37.18 10.55 17.11
N VAL D 395 36.05 10.66 17.81
CA VAL D 395 36.07 10.71 19.27
C VAL D 395 35.97 9.32 19.85
N MET D 396 35.10 8.49 19.28
CA MET D 396 34.96 7.13 19.77
C MET D 396 35.13 6.11 18.65
N PHE D 397 35.55 4.91 19.02
CA PHE D 397 35.51 3.78 18.11
C PHE D 397 34.49 2.84 18.69
N GLY D 398 33.65 2.23 17.86
CA GLY D 398 32.77 1.18 18.33
C GLY D 398 32.75 0.10 17.30
N SER D 399 32.51 -1.14 17.67
CA SER D 399 32.47 -2.22 16.69
C SER D 399 31.83 -3.45 17.28
N ILE D 400 31.40 -4.38 16.42
CA ILE D 400 30.59 -5.48 16.92
C ILE D 400 31.24 -6.85 16.90
N VAL D 401 31.21 -7.52 18.04
CA VAL D 401 31.73 -8.87 18.17
C VAL D 401 30.61 -9.90 18.15
N ALA D 402 30.64 -10.83 17.21
CA ALA D 402 29.60 -11.83 17.11
C ALA D 402 29.81 -12.93 18.13
N GLY D 403 29.65 -12.59 19.39
CA GLY D 403 29.86 -13.54 20.47
C GLY D 403 30.02 -12.72 21.72
N ALA D 404 30.17 -13.35 22.87
CA ALA D 404 30.25 -12.56 24.07
C ALA D 404 31.67 -12.43 24.54
N TYR D 405 32.21 -11.24 24.55
CA TYR D 405 33.57 -11.09 25.03
C TYR D 405 33.64 -11.08 26.54
N ALA D 406 33.34 -12.21 27.16
CA ALA D 406 33.45 -12.36 28.61
C ALA D 406 33.44 -13.83 28.99
N ASP D 407 33.86 -14.16 30.20
CA ASP D 407 33.93 -15.57 30.59
C ASP D 407 32.57 -16.17 30.62
N HIS D 408 32.34 -17.11 29.72
CA HIS D 408 31.04 -17.70 29.50
C HIS D 408 30.60 -18.52 30.71
N THR D 409 31.51 -18.62 31.68
CA THR D 409 31.29 -19.28 32.93
C THR D 409 30.52 -18.35 33.87
N LEU D 410 30.30 -17.13 33.42
CA LEU D 410 29.52 -16.17 34.20
C LEU D 410 28.37 -15.62 33.36
N LEU D 411 28.22 -16.18 32.16
CA LEU D 411 27.16 -15.78 31.23
C LEU D 411 26.07 -16.82 31.12
N PRO D 412 24.80 -16.39 31.23
CA PRO D 412 23.60 -17.21 31.09
C PRO D 412 23.61 -17.94 29.77
N PRO D 413 22.92 -19.07 29.67
CA PRO D 413 22.97 -19.79 28.40
C PRO D 413 22.44 -18.97 27.26
N GLY D 414 22.84 -19.27 26.03
CA GLY D 414 22.31 -18.53 24.90
C GLY D 414 23.37 -17.87 24.02
N LYS D 415 22.93 -16.98 23.15
CA LYS D 415 23.84 -16.26 22.28
C LYS D 415 23.84 -14.77 22.57
N TYR D 416 24.98 -14.15 22.27
CA TYR D 416 25.24 -12.77 22.58
C TYR D 416 25.97 -12.11 21.42
N VAL D 417 25.95 -10.79 21.38
CA VAL D 417 26.90 -10.01 20.60
C VAL D 417 27.45 -9.02 21.59
N THR D 418 28.61 -8.45 21.33
CA THR D 418 29.07 -7.42 22.23
C THR D 418 29.59 -6.19 21.49
N MET D 419 29.16 -5.03 21.94
CA MET D 419 29.65 -3.73 21.49
C MET D 419 30.97 -3.38 22.10
N PHE D 420 32.02 -3.53 21.32
CA PHE D 420 33.34 -3.21 21.77
C PHE D 420 33.61 -1.76 21.44
N GLN D 421 33.81 -0.92 22.44
CA GLN D 421 34.01 0.49 22.16
C GLN D 421 35.24 1.04 22.87
N TYR D 422 36.02 1.90 22.23
CA TYR D 422 37.13 2.53 22.95
C TYR D 422 37.24 4.01 22.66
N LEU D 423 37.77 4.74 23.64
CA LEU D 423 37.95 6.18 23.57
C LEU D 423 39.23 6.51 22.84
N GLU D 424 39.12 7.28 21.77
CA GLU D 424 40.20 7.50 20.84
C GLU D 424 41.36 8.38 21.35
N TYR D 425 41.07 9.52 21.98
CA TYR D 425 42.16 10.39 22.45
C TYR D 425 42.01 10.85 23.91
N PRO D 426 42.15 9.94 24.86
CA PRO D 426 41.84 10.28 26.24
C PRO D 426 42.72 11.37 26.82
N ALA D 427 42.19 12.10 27.80
CA ALA D 427 42.87 13.19 28.47
C ALA D 427 43.67 12.69 29.66
N SER D 428 43.38 11.46 30.07
CA SER D 428 44.04 10.90 31.23
C SER D 428 45.47 10.48 30.88
N ARG D 429 46.36 10.56 31.84
CA ARG D 429 47.76 10.19 31.65
C ARG D 429 48.21 9.33 32.81
N GLY D 430 49.07 8.36 32.51
CA GLY D 430 49.63 7.50 33.53
C GLY D 430 51.15 7.56 33.54
N LYS D 431 51.80 6.67 34.27
CA LYS D 431 53.27 6.66 34.28
C LYS D 431 53.88 5.34 34.72
N ILE D 432 55.15 5.13 34.41
CA ILE D 432 55.87 3.95 34.87
C ILE D 432 57.33 4.24 35.25
N HIS D 433 57.72 3.80 36.43
CA HIS D 433 59.06 4.11 36.94
C HIS D 433 59.69 2.89 37.61
N ILE D 434 60.96 2.61 37.33
CA ILE D 434 61.62 1.46 37.95
C ILE D 434 61.69 1.65 39.45
N LYS D 435 61.67 0.57 40.20
CA LYS D 435 61.77 0.69 41.65
C LYS D 435 63.12 0.23 42.13
N SER D 436 63.90 -0.33 41.22
CA SER D 436 65.25 -0.81 41.54
C SER D 436 66.06 -0.93 40.25
N ALA D 437 67.37 -0.88 40.35
CA ALA D 437 68.18 -1.03 39.16
C ALA D 437 68.08 -2.44 38.62
N ASN D 438 67.63 -3.35 39.48
CA ASN D 438 67.50 -4.74 39.12
C ASN D 438 66.52 -4.93 37.99
N PRO D 439 66.94 -5.62 36.94
CA PRO D 439 66.08 -5.76 35.76
C PRO D 439 64.92 -6.69 36.03
N TYR D 440 64.92 -7.34 37.20
CA TYR D 440 63.91 -8.35 37.53
C TYR D 440 62.88 -7.90 38.54
N VAL D 441 62.92 -6.63 38.94
CA VAL D 441 61.95 -6.12 39.89
C VAL D 441 60.77 -5.47 39.22
N ASP D 442 59.59 -5.73 39.79
CA ASP D 442 58.38 -5.11 39.31
C ASP D 442 58.50 -3.61 39.50
N PRO D 443 58.12 -2.84 38.46
CA PRO D 443 58.14 -1.38 38.46
C PRO D 443 56.91 -0.73 39.08
N PHE D 444 57.06 0.51 39.51
CA PHE D 444 55.89 1.32 39.82
C PHE D 444 55.15 1.56 38.54
N PHE D 445 53.83 1.37 38.56
CA PHE D 445 52.98 1.54 37.38
C PHE D 445 51.66 2.14 37.77
N ASP D 446 51.24 3.18 37.07
CA ASP D 446 49.93 3.77 37.27
C ASP D 446 49.23 4.02 35.95
N SER D 447 48.17 3.28 35.73
CA SER D 447 47.44 3.33 34.47
C SER D 447 46.98 4.71 34.11
N GLY D 448 46.55 5.45 35.11
CA GLY D 448 46.13 6.80 34.89
C GLY D 448 44.72 6.84 34.38
N PHE D 449 44.17 5.66 34.13
CA PHE D 449 42.84 5.54 33.60
C PHE D 449 41.92 6.42 34.41
N MET D 450 41.33 7.39 33.72
CA MET D 450 40.25 8.18 34.27
C MET D 450 40.68 9.14 35.36
N ASN D 451 41.93 9.59 35.34
CA ASN D 451 42.38 10.58 36.31
C ASN D 451 42.09 12.00 35.82
N ASN D 452 41.39 12.08 34.70
CA ASN D 452 40.89 13.33 34.20
C ASN D 452 39.43 13.18 33.85
N LYS D 453 38.55 13.85 34.58
CA LYS D 453 37.10 13.63 34.45
C LYS D 453 36.64 13.80 33.02
N ALA D 454 37.38 14.56 32.25
CA ALA D 454 37.03 14.80 30.86
C ALA D 454 37.01 13.51 30.03
N ASP D 455 37.27 12.39 30.68
CA ASP D 455 37.22 11.09 30.00
C ASP D 455 35.95 10.30 30.28
N PHE D 456 35.20 10.69 31.29
CA PHE D 456 33.98 9.94 31.56
C PHE D 456 32.92 10.29 30.54
N ALA D 457 32.77 11.57 30.25
CA ALA D 457 31.69 12.04 29.38
C ALA D 457 31.61 11.36 28.00
N PRO D 458 32.73 11.30 27.27
CA PRO D 458 32.56 10.74 25.92
C PRO D 458 32.21 9.27 25.92
N ILE D 459 32.92 8.47 26.72
CA ILE D 459 32.66 7.04 26.79
C ILE D 459 31.21 6.76 27.14
N ARG D 460 30.72 7.52 28.12
CA ARG D 460 29.33 7.44 28.51
C ARG D 460 28.46 7.60 27.29
N TRP D 461 28.71 8.64 26.52
CA TRP D 461 27.97 8.88 25.29
C TRP D 461 27.95 7.63 24.42
N SER D 462 29.11 7.01 24.26
CA SER D 462 29.22 5.83 23.42
C SER D 462 28.32 4.72 23.93
N TYR D 463 28.33 4.53 25.25
CA TYR D 463 27.48 3.51 25.84
C TYR D 463 26.08 3.69 25.38
N LYS D 464 25.65 4.94 25.33
CA LYS D 464 24.30 5.25 24.91
C LYS D 464 24.15 4.95 23.42
N VAL D 465 25.07 5.51 22.63
CA VAL D 465 24.97 5.37 21.19
C VAL D 465 24.86 3.93 20.78
N THR D 466 25.89 3.18 21.12
CA THR D 466 25.93 1.74 20.89
C THR D 466 24.64 1.05 21.30
N ARG D 467 24.13 1.44 22.47
CA ARG D 467 22.92 0.81 22.99
C ARG D 467 21.79 0.92 22.00
N GLU D 468 21.59 2.14 21.51
CA GLU D 468 20.54 2.39 20.56
C GLU D 468 20.74 1.50 19.35
N VAL D 469 21.97 1.46 18.85
CA VAL D 469 22.29 0.62 17.70
C VAL D 469 21.86 -0.80 17.97
N ALA D 470 22.21 -1.26 19.17
CA ALA D 470 21.95 -2.62 19.57
C ALA D 470 20.47 -2.90 19.58
N ARG D 471 19.68 -1.91 20.00
CA ARG D 471 18.26 -2.15 20.14
C ARG D 471 17.57 -2.23 18.78
N ARG D 472 18.29 -1.84 17.73
CA ARG D 472 17.67 -1.75 16.42
C ARG D 472 18.13 -2.82 15.49
N MET D 473 18.77 -3.85 16.02
CA MET D 473 19.18 -4.95 15.17
C MET D 473 18.10 -6.02 15.08
N ASP D 474 18.07 -6.71 13.95
CA ASP D 474 17.06 -7.71 13.70
C ASP D 474 17.30 -8.92 14.56
N ALA D 475 18.42 -8.93 15.24
CA ALA D 475 18.80 -10.08 16.03
C ALA D 475 18.65 -9.80 17.50
N PHE D 476 18.57 -8.53 17.87
CA PHE D 476 18.51 -8.11 19.26
C PHE D 476 17.38 -8.80 20.00
N ARG D 477 17.68 -9.53 21.07
CA ARG D 477 16.61 -10.14 21.83
C ARG D 477 16.66 -9.73 23.28
N GLY D 478 17.57 -8.84 23.62
CA GLY D 478 17.53 -8.28 24.95
C GLY D 478 18.86 -7.77 25.40
N GLU D 479 18.89 -7.16 26.57
CA GLU D 479 20.11 -6.65 27.13
C GLU D 479 20.51 -7.53 28.28
N LEU D 480 21.81 -7.72 28.48
CA LEU D 480 22.29 -8.51 29.60
C LEU D 480 22.41 -7.65 30.83
N ALA D 481 21.42 -7.78 31.71
CA ALA D 481 21.25 -6.86 32.82
C ALA D 481 22.47 -6.71 33.70
N SER D 482 23.08 -7.84 34.06
CA SER D 482 24.17 -7.84 35.03
C SER D 482 25.36 -7.03 34.60
N HIS D 483 25.66 -7.08 33.31
CA HIS D 483 26.87 -6.48 32.75
C HIS D 483 26.63 -5.11 32.21
N HIS D 484 25.58 -4.48 32.69
CA HIS D 484 25.24 -3.14 32.29
C HIS D 484 25.22 -2.30 33.54
N PRO D 485 25.17 -0.95 33.41
CA PRO D 485 25.19 -0.11 34.61
C PRO D 485 24.10 -0.49 35.57
N HIS D 486 24.22 -0.09 36.82
CA HIS D 486 23.21 -0.44 37.80
C HIS D 486 22.15 0.62 37.91
N PHE D 487 21.29 0.71 36.91
CA PHE D 487 20.20 1.67 36.92
C PHE D 487 19.19 1.31 37.99
N HIS D 488 18.56 2.33 38.55
CA HIS D 488 17.48 2.13 39.48
C HIS D 488 16.43 1.33 38.76
N PRO D 489 15.89 0.30 39.40
CA PRO D 489 14.97 -0.61 38.73
C PRO D 489 13.80 0.11 38.07
N ASN D 490 13.34 1.17 38.72
CA ASN D 490 12.18 1.91 38.27
C ASN D 490 12.52 2.98 37.24
N SER D 491 13.79 3.23 37.01
CA SER D 491 14.18 4.28 36.06
C SER D 491 13.78 3.89 34.65
N PRO D 492 13.42 4.88 33.82
CA PRO D 492 13.05 4.62 32.42
C PRO D 492 14.21 4.08 31.60
N ALA D 493 15.42 4.32 32.08
CA ALA D 493 16.60 3.89 31.36
C ALA D 493 17.08 2.53 31.85
N ALA D 494 16.30 1.88 32.73
CA ALA D 494 16.68 0.58 33.26
C ALA D 494 16.78 -0.43 32.14
N THR D 495 17.46 -1.54 32.38
CA THR D 495 17.68 -2.52 31.34
C THR D 495 16.63 -3.60 31.31
N ARG D 496 16.20 -3.97 30.11
CA ARG D 496 15.26 -5.06 29.94
C ARG D 496 15.92 -6.30 29.37
N ASP D 497 15.83 -7.41 30.09
CA ASP D 497 16.55 -8.63 29.72
C ASP D 497 15.83 -9.46 28.68
N ILE D 498 16.23 -10.73 28.60
CA ILE D 498 15.89 -11.57 27.47
C ILE D 498 14.40 -11.59 27.23
N ASP D 499 14.02 -11.71 25.97
CA ASP D 499 12.64 -11.80 25.60
C ASP D 499 12.13 -13.15 26.06
N ILE D 500 10.84 -13.23 26.36
CA ILE D 500 10.32 -14.45 26.91
C ILE D 500 10.27 -15.56 25.86
N LYS D 501 10.04 -15.21 24.60
CA LYS D 501 9.92 -16.22 23.54
C LYS D 501 11.25 -16.92 23.38
N THR D 502 12.32 -16.13 23.44
CA THR D 502 13.67 -16.64 23.30
C THR D 502 14.03 -17.52 24.48
N ALA D 503 13.69 -17.05 25.67
CA ALA D 503 13.97 -17.80 26.87
C ALA D 503 13.22 -19.12 26.85
N LYS D 504 12.05 -19.15 26.26
CA LYS D 504 11.31 -20.40 26.18
C LYS D 504 11.99 -21.34 25.21
N GLU D 505 12.44 -20.84 24.08
CA GLU D 505 13.07 -21.76 23.13
C GLU D 505 14.42 -22.26 23.65
N ILE D 506 15.03 -21.51 24.56
CA ILE D 506 16.33 -21.88 25.11
C ILE D 506 16.26 -23.11 26.03
N TYR D 507 15.12 -23.32 26.68
CA TYR D 507 14.90 -24.50 27.53
C TYR D 507 13.50 -24.99 27.34
N PRO D 508 13.20 -25.58 26.19
CA PRO D 508 11.84 -25.91 25.77
C PRO D 508 11.09 -26.76 26.78
N ASN D 509 11.75 -27.76 27.34
CA ASN D 509 11.12 -28.62 28.31
C ASN D 509 11.60 -28.20 29.70
N GLY D 510 11.90 -26.92 29.86
CA GLY D 510 12.41 -26.42 31.12
C GLY D 510 11.34 -25.92 32.06
N LEU D 511 11.34 -26.44 33.28
CA LEU D 511 10.34 -26.11 34.29
C LEU D 511 10.54 -24.77 35.02
N THR D 512 11.55 -23.99 34.66
CA THR D 512 11.83 -22.82 35.48
C THR D 512 11.80 -21.48 34.75
N VAL D 513 11.97 -21.52 33.44
CA VAL D 513 11.99 -20.33 32.60
C VAL D 513 10.71 -19.52 32.67
N GLY D 514 10.85 -18.21 32.75
CA GLY D 514 9.71 -17.33 32.83
C GLY D 514 9.13 -17.21 34.22
N ILE D 515 9.89 -17.68 35.19
CA ILE D 515 9.52 -17.54 36.58
C ILE D 515 9.72 -16.09 36.99
N HIS D 516 8.73 -15.57 37.70
CA HIS D 516 8.83 -14.20 38.17
C HIS D 516 9.45 -14.16 39.57
N MET D 517 9.62 -15.33 40.20
CA MET D 517 9.95 -15.36 41.64
C MET D 517 11.29 -14.76 41.94
N GLY D 518 11.26 -13.58 42.56
CA GLY D 518 12.43 -12.75 42.77
C GLY D 518 12.31 -11.38 42.11
N THR D 519 11.55 -11.29 41.03
CA THR D 519 11.44 -10.05 40.26
C THR D 519 12.87 -9.63 39.96
N TRP D 520 13.66 -10.60 39.49
CA TRP D 520 15.09 -10.42 39.26
C TRP D 520 15.43 -9.64 37.99
N HIS D 521 14.50 -9.54 37.05
CA HIS D 521 14.74 -8.85 35.79
C HIS D 521 13.45 -8.32 35.20
N ARG D 522 13.56 -7.55 34.13
CA ARG D 522 12.39 -7.15 33.37
C ARG D 522 12.52 -7.58 31.91
N PRO D 523 11.69 -8.54 31.46
CA PRO D 523 11.82 -9.06 30.09
C PRO D 523 11.37 -8.10 28.99
N SER D 524 12.06 -8.14 27.86
CA SER D 524 11.68 -7.34 26.71
C SER D 524 10.63 -8.04 25.86
N GLU D 525 9.85 -7.24 25.14
CA GLU D 525 8.91 -7.69 24.11
C GLU D 525 9.61 -8.36 22.93
N PRO D 526 8.99 -9.39 22.35
CA PRO D 526 9.53 -10.16 21.21
C PRO D 526 9.92 -9.32 19.98
N PHE D 527 10.65 -9.91 19.02
CA PHE D 527 11.12 -9.14 17.86
C PHE D 527 9.91 -8.74 17.04
N ASP D 528 9.57 -7.47 17.03
CA ASP D 528 8.50 -7.07 16.12
C ASP D 528 9.04 -6.10 15.10
N PRO D 529 9.07 -6.53 13.83
CA PRO D 529 9.55 -5.70 12.74
C PRO D 529 8.63 -4.50 12.61
N SER D 530 7.37 -4.70 12.95
CA SER D 530 6.42 -3.58 12.93
C SER D 530 6.53 -2.76 14.20
N LYS D 531 7.75 -2.32 14.50
CA LYS D 531 8.04 -1.46 15.65
C LYS D 531 8.88 -0.26 15.26
N VAL D 532 8.56 0.89 15.83
CA VAL D 532 9.33 2.09 15.62
C VAL D 532 10.05 2.38 16.92
N HIS D 533 11.30 2.82 16.82
CA HIS D 533 12.19 2.87 17.96
C HIS D 533 12.38 4.31 18.41
N GLU D 534 12.37 4.51 19.72
CA GLU D 534 12.58 5.82 20.31
C GLU D 534 13.81 5.82 21.22
N ASP D 535 14.65 6.85 21.11
CA ASP D 535 15.89 6.92 21.89
C ASP D 535 15.58 6.83 23.38
N ILE D 536 16.40 6.11 24.13
CA ILE D 536 16.21 5.98 25.58
C ILE D 536 16.50 7.28 26.29
N LYS D 537 15.69 7.63 27.27
CA LYS D 537 15.85 8.87 28.01
C LYS D 537 16.63 8.67 29.30
N TYR D 538 17.61 9.53 29.55
CA TYR D 538 18.44 9.36 30.72
C TYR D 538 18.35 10.53 31.67
N THR D 539 18.33 10.25 32.96
CA THR D 539 18.31 11.30 33.95
C THR D 539 19.74 11.61 34.27
N LYS D 540 19.97 12.44 35.28
CA LYS D 540 21.33 12.69 35.74
C LYS D 540 21.86 11.53 36.59
N GLU D 541 20.98 10.92 37.36
CA GLU D 541 21.36 9.78 38.18
C GLU D 541 21.64 8.55 37.32
N ASP D 542 20.91 8.41 36.23
CA ASP D 542 21.20 7.33 35.31
C ASP D 542 22.57 7.55 34.70
N ASP D 543 22.87 8.82 34.40
CA ASP D 543 24.18 9.16 33.88
C ASP D 543 25.24 8.75 34.90
N GLN D 544 24.98 8.97 36.19
CA GLN D 544 25.93 8.57 37.22
C GLN D 544 26.10 7.08 37.33
N ALA D 545 25.01 6.35 37.13
CA ALA D 545 25.09 4.91 37.11
C ALA D 545 26.06 4.49 36.02
N ILE D 546 25.95 5.11 34.86
CA ILE D 546 26.86 4.75 33.79
C ILE D 546 28.29 5.20 34.10
N ASP D 547 28.47 6.34 34.74
CA ASP D 547 29.83 6.77 35.08
C ASP D 547 30.50 5.73 35.96
N ASP D 548 29.75 5.22 36.93
CA ASP D 548 30.25 4.18 37.80
C ASP D 548 30.54 2.89 37.05
N TRP D 549 29.71 2.57 36.08
CA TRP D 549 29.92 1.38 35.26
C TRP D 549 31.22 1.50 34.46
N ILE D 550 31.43 2.67 33.89
CA ILE D 550 32.66 2.98 33.17
C ILE D 550 33.85 2.78 34.06
N ALA D 551 33.79 3.37 35.24
CA ALA D 551 34.88 3.28 36.18
C ALA D 551 35.16 1.84 36.60
N ASP D 552 34.12 1.04 36.72
CA ASP D 552 34.25 -0.36 37.15
C ASP D 552 34.74 -1.32 36.09
N HIS D 553 34.44 -1.06 34.83
CA HIS D 553 34.74 -2.04 33.78
C HIS D 553 35.61 -1.58 32.64
N VAL D 554 36.28 -0.45 32.78
CA VAL D 554 37.12 0.01 31.68
C VAL D 554 38.49 -0.68 31.73
N GLU D 555 38.99 -1.12 30.58
CA GLU D 555 40.27 -1.82 30.54
C GLU D 555 41.03 -1.30 29.32
N THR D 556 42.31 -1.64 29.22
CA THR D 556 43.11 -1.22 28.07
C THR D 556 42.70 -1.89 26.79
N THR D 557 43.24 -1.41 25.69
CA THR D 557 43.02 -2.05 24.42
C THR D 557 44.35 -2.56 23.92
N TRP D 558 45.34 -2.43 24.81
CA TRP D 558 46.75 -2.75 24.57
C TRP D 558 47.39 -1.85 23.52
N HIS D 559 46.91 -0.62 23.43
CA HIS D 559 47.50 0.33 22.50
C HIS D 559 48.37 1.33 23.25
N SER D 560 49.31 0.85 24.06
CA SER D 560 50.11 1.74 24.91
C SER D 560 50.97 2.72 24.12
N LEU D 561 51.19 3.90 24.68
CA LEU D 561 51.90 4.98 23.99
C LEU D 561 52.56 6.01 24.87
N GLY D 562 53.60 6.64 24.36
CA GLY D 562 53.99 7.96 24.84
C GLY D 562 54.97 8.14 25.97
N THR D 563 55.56 7.06 26.46
CA THR D 563 56.37 7.17 27.66
C THR D 563 57.72 7.85 27.38
N CYS D 564 58.13 7.87 26.12
CA CYS D 564 59.36 8.54 25.75
C CYS D 564 59.11 9.55 24.64
N ALA D 565 58.30 10.54 24.97
CA ALA D 565 57.70 11.45 24.00
C ALA D 565 58.71 12.17 23.10
N MET D 566 58.27 12.41 21.86
CA MET D 566 59.01 13.19 20.90
C MET D 566 58.54 14.65 20.89
N LYS D 567 59.24 15.46 21.67
CA LYS D 567 58.97 16.89 21.73
C LYS D 567 60.19 17.52 22.37
N PRO D 568 60.34 18.84 22.25
CA PRO D 568 61.46 19.55 22.88
C PRO D 568 61.71 19.14 24.32
N ARG D 569 62.97 19.10 24.71
CA ARG D 569 63.36 18.67 26.03
C ARG D 569 62.77 19.57 27.08
N GLU D 570 62.69 20.85 26.73
CA GLU D 570 62.27 21.90 27.64
C GLU D 570 60.78 21.82 27.97
N GLN D 571 60.06 20.97 27.24
CA GLN D 571 58.66 20.74 27.49
C GLN D 571 58.53 19.41 28.20
N GLY D 572 59.64 18.68 28.27
CA GLY D 572 59.66 17.40 28.93
C GLY D 572 59.80 16.27 27.95
N GLY D 573 60.37 16.55 26.78
CA GLY D 573 60.48 15.57 25.73
C GLY D 573 61.56 14.58 26.08
N VAL D 574 61.64 13.49 25.32
CA VAL D 574 62.68 12.49 25.56
C VAL D 574 63.58 12.29 24.34
N VAL D 575 63.03 12.48 23.14
CA VAL D 575 63.81 12.28 21.93
C VAL D 575 63.81 13.42 20.91
N ASP D 576 64.74 13.29 19.99
CA ASP D 576 64.96 14.17 18.87
C ASP D 576 63.75 14.17 17.95
N ALA D 577 63.83 14.92 16.86
CA ALA D 577 62.90 14.73 15.76
C ALA D 577 63.41 13.56 14.92
N ARG D 578 64.61 13.11 15.26
CA ARG D 578 65.24 11.99 14.60
C ARG D 578 65.39 10.87 15.61
N LEU D 579 64.61 10.97 16.67
CA LEU D 579 64.45 9.91 17.65
C LEU D 579 65.68 9.63 18.48
N ASN D 580 66.56 10.61 18.62
CA ASN D 580 67.74 10.47 19.47
C ASN D 580 67.47 10.84 20.90
N VAL D 581 67.81 9.97 21.85
CA VAL D 581 67.63 10.30 23.25
C VAL D 581 68.49 11.48 23.63
N TYR D 582 67.88 12.46 24.29
CA TYR D 582 68.57 13.70 24.65
C TYR D 582 69.73 13.47 25.62
N GLY D 583 70.87 14.05 25.30
CA GLY D 583 72.02 13.96 26.18
C GLY D 583 72.89 12.76 25.90
N THR D 584 72.59 12.02 24.85
CA THR D 584 73.44 10.91 24.40
C THR D 584 73.56 10.87 22.88
N GLU D 585 74.46 10.06 22.35
CA GLU D 585 74.52 9.85 20.91
C GLU D 585 74.60 8.35 20.57
N ASN D 586 74.28 8.02 19.33
CA ASN D 586 74.17 6.63 18.87
C ASN D 586 73.06 5.85 19.58
N LEU D 587 72.10 6.56 20.15
CA LEU D 587 70.98 5.94 20.86
C LEU D 587 69.67 6.46 20.36
N LYS D 588 68.80 5.57 19.92
CA LYS D 588 67.50 5.95 19.38
C LYS D 588 66.33 5.15 19.95
N CYS D 589 65.16 5.76 20.00
CA CYS D 589 63.93 5.03 20.30
C CYS D 589 63.07 4.87 19.07
N VAL D 590 62.82 3.64 18.62
CA VAL D 590 61.86 3.47 17.56
C VAL D 590 60.87 2.40 17.96
N ASP D 591 59.85 2.85 18.68
CA ASP D 591 58.70 2.04 19.00
C ASP D 591 57.58 3.03 19.27
N LEU D 592 56.52 2.60 19.92
CA LEU D 592 55.38 3.49 20.12
C LEU D 592 55.60 4.49 21.25
N SER D 593 56.64 4.31 22.03
CA SER D 593 56.88 5.17 23.18
C SER D 593 57.28 6.59 22.82
N ILE D 594 57.62 6.83 21.55
CA ILE D 594 58.05 8.17 21.15
C ILE D 594 56.91 9.14 20.89
N CYS D 595 55.69 8.63 20.85
CA CYS D 595 54.54 9.46 20.51
C CYS D 595 54.24 10.52 21.54
N PRO D 596 54.17 11.78 21.10
CA PRO D 596 53.86 12.90 21.97
C PRO D 596 52.38 12.95 22.37
N ASP D 597 51.51 12.54 21.45
CA ASP D 597 50.07 12.56 21.68
C ASP D 597 49.42 11.30 21.11
N ASN D 598 48.17 11.04 21.45
CA ASN D 598 47.56 9.79 21.05
C ASN D 598 47.15 9.70 19.60
N LEU D 599 46.82 8.50 19.16
CA LEU D 599 46.43 8.25 17.78
C LEU D 599 45.08 7.56 17.66
N GLY D 600 44.22 8.06 16.78
CA GLY D 600 42.88 7.52 16.65
C GLY D 600 42.79 6.22 15.88
N THR D 601 43.48 5.19 16.36
CA THR D 601 43.60 3.96 15.60
C THR D 601 44.11 2.77 16.40
N HIS D 602 43.75 1.57 15.95
CA HIS D 602 44.45 0.39 16.39
C HIS D 602 45.88 0.62 15.98
N THR D 603 46.83 0.43 16.89
CA THR D 603 48.15 1.01 16.72
C THR D 603 49.20 0.13 16.04
N TYR D 604 48.79 -0.98 15.47
CA TYR D 604 49.79 -1.81 14.81
C TYR D 604 50.28 -1.02 13.62
N SER D 605 49.37 -0.50 12.82
CA SER D 605 49.73 0.29 11.65
C SER D 605 50.60 1.45 12.05
N SER D 606 50.35 1.98 13.22
CA SER D 606 51.16 3.07 13.75
C SER D 606 52.54 2.59 14.19
N ALA D 607 52.61 1.45 14.85
CA ALA D 607 53.90 0.90 15.25
C ALA D 607 54.79 0.54 14.05
N LEU D 608 54.20 -0.07 13.03
CA LEU D 608 54.91 -0.32 11.79
C LEU D 608 55.35 0.99 11.15
N LEU D 609 54.48 2.00 11.18
CA LEU D 609 54.88 3.26 10.57
C LEU D 609 56.06 3.88 11.30
N VAL D 610 56.03 3.88 12.62
CA VAL D 610 57.17 4.39 13.38
C VAL D 610 58.40 3.58 13.03
N GLY D 611 58.22 2.28 12.84
CA GLY D 611 59.32 1.46 12.43
C GLY D 611 59.91 1.85 11.09
N GLU D 612 59.08 2.04 10.09
CA GLU D 612 59.61 2.41 8.78
C GLU D 612 60.33 3.74 8.84
N LYS D 613 59.71 4.72 9.50
CA LYS D 613 60.35 6.03 9.60
C LYS D 613 61.69 5.86 10.28
N GLY D 614 61.73 5.05 11.31
CA GLY D 614 62.97 4.81 12.02
C GLY D 614 64.03 4.17 11.14
N ALA D 615 63.62 3.23 10.30
CA ALA D 615 64.56 2.61 9.40
C ALA D 615 65.13 3.65 8.47
N ASP D 616 64.26 4.52 7.99
CA ASP D 616 64.69 5.56 7.08
C ASP D 616 65.68 6.50 7.76
N LEU D 617 65.36 6.91 8.98
CA LEU D 617 66.22 7.84 9.71
C LEU D 617 67.58 7.24 9.99
N ILE D 618 67.61 5.99 10.44
CA ILE D 618 68.89 5.37 10.74
C ILE D 618 69.68 5.18 9.45
N ALA D 619 68.98 4.85 8.38
CA ALA D 619 69.61 4.71 7.08
C ALA D 619 70.27 6.01 6.67
N GLU D 620 69.59 7.12 6.89
CA GLU D 620 70.14 8.41 6.52
C GLU D 620 71.36 8.67 7.38
N ASP D 621 71.25 8.34 8.65
CA ASP D 621 72.34 8.60 9.57
C ASP D 621 73.62 7.84 9.23
N LEU D 622 73.47 6.63 8.70
CA LEU D 622 74.62 5.77 8.45
C LEU D 622 75.00 5.65 6.98
N GLY D 623 74.33 6.41 6.13
CA GLY D 623 74.62 6.39 4.71
C GLY D 623 74.28 5.07 4.05
N LEU D 624 73.05 4.63 4.23
CA LEU D 624 72.59 3.36 3.71
C LEU D 624 71.37 3.54 2.82
N LYS D 625 71.21 2.64 1.86
CA LYS D 625 70.02 2.65 1.05
C LYS D 625 69.20 1.40 1.30
N LEU D 626 67.98 1.61 1.79
CA LEU D 626 67.09 0.52 2.11
C LEU D 626 66.76 -0.21 0.83
N ARG D 627 66.74 -1.53 0.85
CA ARG D 627 66.47 -2.28 -0.36
C ARG D 627 65.01 -2.55 -0.53
N LEU D 628 64.46 -2.12 -1.66
CA LEU D 628 63.06 -2.30 -1.90
C LEU D 628 62.82 -3.00 -3.22
N PRO D 629 61.85 -3.91 -3.28
CA PRO D 629 60.99 -4.36 -2.19
C PRO D 629 61.78 -5.26 -1.27
N HIS D 630 61.21 -5.56 -0.10
CA HIS D 630 61.89 -6.32 0.92
C HIS D 630 61.98 -7.78 0.55
N ALA D 631 62.70 -8.54 1.37
CA ALA D 631 62.85 -9.98 1.19
C ALA D 631 61.52 -10.69 1.24
N GLN D 632 61.39 -11.70 0.41
CA GLN D 632 60.15 -12.46 0.34
C GLN D 632 59.84 -13.15 1.65
N VAL D 633 58.65 -12.88 2.15
CA VAL D 633 58.11 -13.47 3.36
C VAL D 633 57.74 -14.93 3.12
N PRO D 634 58.07 -15.81 4.07
CA PRO D 634 57.70 -17.23 3.95
C PRO D 634 56.20 -17.42 3.84
N HIS D 635 55.77 -18.40 3.06
CA HIS D 635 54.36 -18.76 2.88
C HIS D 635 53.49 -17.71 2.17
N ALA D 636 54.10 -16.78 1.42
CA ALA D 636 53.33 -15.81 0.66
C ALA D 636 53.61 -15.96 -0.83
N PRO D 637 52.65 -15.59 -1.68
CA PRO D 637 52.87 -15.66 -3.13
C PRO D 637 53.82 -14.58 -3.69
N VAL D 638 54.35 -14.81 -4.88
CA VAL D 638 55.15 -13.81 -5.58
C VAL D 638 54.30 -12.62 -6.03
#